data_7HLE
# 
_entry.id   7HLE 
# 
_audit_conform.dict_name       mmcif_pdbx.dic 
_audit_conform.dict_version    5.399 
_audit_conform.dict_location   http://mmcif.pdb.org/dictionaries/ascii/mmcif_pdbx.dic 
# 
loop_
_database_2.database_id 
_database_2.database_code 
_database_2.pdbx_database_accession 
_database_2.pdbx_DOI 
PDB   7HLE         pdb_00007hle 10.2210/pdb7hle/pdb 
WWPDB D_1001407620 ?            ?                   
# 
_pdbx_audit_revision_history.ordinal             1 
_pdbx_audit_revision_history.data_content_type   'Structure model' 
_pdbx_audit_revision_history.major_revision      1 
_pdbx_audit_revision_history.minor_revision      0 
_pdbx_audit_revision_history.revision_date       2024-11-27 
# 
_pdbx_audit_revision_details.ordinal             1 
_pdbx_audit_revision_details.revision_ordinal    1 
_pdbx_audit_revision_details.data_content_type   'Structure model' 
_pdbx_audit_revision_details.provider            repository 
_pdbx_audit_revision_details.type                'Initial release' 
_pdbx_audit_revision_details.description         ? 
_pdbx_audit_revision_details.details             ? 
# 
_pdbx_database_status.entry_id                        7HLE 
_pdbx_database_status.status_code                     REL 
_pdbx_database_status.status_code_sf                  REL 
_pdbx_database_status.status_code_mr                  ? 
_pdbx_database_status.status_code_cs                  ? 
_pdbx_database_status.recvd_initial_deposition_date   2024-11-04 
_pdbx_database_status.status_code_nmr_data            ? 
_pdbx_database_status.deposit_site                    RCSB 
_pdbx_database_status.process_site                    RCSB 
_pdbx_database_status.SG_entry                        ? 
_pdbx_database_status.pdb_format_compatible           Y 
_pdbx_database_status.methods_development_category    ? 
# 
_pdbx_contact_author.id                 1 
_pdbx_contact_author.email              knapp@pharmchem.uni-frankfurt.de 
_pdbx_contact_author.name_first         Stefan 
_pdbx_contact_author.name_last          Knapp 
_pdbx_contact_author.role               'principal investigator/group leader' 
_pdbx_contact_author.identifier_ORCID   0000-0001-5995-6494 
_pdbx_contact_author.name_mi            ? 
# 
loop_
_audit_author.name 
_audit_author.pdbx_ordinal 
'Kim, Y.'                              1 
'Marples, P.'                          2 
'Fearon, D.'                           3 
'von Delft, F.'                        4 
'Knapp, S.'                            5 
'Kraemer, A.'                          6 
'Structural Genomics Consortium (SGC)' 7 
# 
_citation.id                        primary 
_citation.title                     'PanDDA analysis group deposition' 
_citation.journal_abbrev            'To Be Published' 
_citation.journal_volume            ? 
_citation.page_first                ? 
_citation.page_last                 ? 
_citation.year                      ? 
_citation.journal_id_ASTM           ? 
_citation.country                   ? 
_citation.journal_id_ISSN           ? 
_citation.journal_id_CSD            0353 
_citation.book_publisher            ? 
_citation.pdbx_database_id_PubMed   ? 
_citation.pdbx_database_id_DOI      ? 
# 
loop_
_citation_author.citation_id 
_citation_author.name 
_citation_author.identifier_ORCID 
_citation_author.ordinal 
primary 'Kim, Y.'                              ? 1 
primary 'Marples, P.'                          ? 2 
primary 'Fearon, D.'                           ? 3 
primary 'von Delft, F.'                        ? 4 
primary 'Knapp, S.'                            ? 5 
primary 'Kraemer, A.'                          ? 6 
primary 'Structural Genomics Consortium (SGC)' ? 7 
# 
loop_
_entity.id 
_entity.type 
_entity.src_method 
_entity.pdbx_description 
_entity.formula_weight 
_entity.pdbx_number_of_molecules 
_entity.pdbx_ec 
_entity.pdbx_mutation 
_entity.pdbx_fragment 
_entity.details 
1 polymer     man 'E3 ubiquitin-protein ligase TRIM21' 21596.361 1   2.3.2.27 ? ? ? 
2 non-polymer syn '1-(diphenylmethyl)azetidin-3-ol'    239.312   1   ?        ? ? ? 
3 non-polymer syn 1,2-ETHANEDIOL                       62.068    1   ?        ? ? ? 
4 non-polymer syn 'SULFATE ION'                        96.063    1   ?        ? ? ? 
5 water       nat water                                18.015    136 ?        ? ? ? 
# 
_entity_name_com.entity_id   1 
_entity_name_com.name        
;52 kDa Ro protein,52 kDa ribonucleoprotein autoantigen Ro/SS-A,Ro(SS-A),Sjoegren syndrome type A antigen,SS-A,Tripartite motif-containing protein 21
;
# 
_entity_poly.entity_id                      1 
_entity_poly.type                           'polypeptide(L)' 
_entity_poly.nstd_linkage                   no 
_entity_poly.nstd_monomer                   no 
_entity_poly.pdbx_seq_one_letter_code       
;MHHHHHHMVHITLDRNTANSWLIISKDRRQVRMGDTHQNVSDNKERFSNYPMVLGAQRFSSGKMYWEVDVTQKEAWDLGV
CRDSVQRKGQFSLSPENGFWTIWLWQDSYEAGTSPQTTLHIQVPPCQIGIFVDYEAGVVSFYNITDHGSLIYTFSECVFA
GPLRPFFNVGFNYSGGNAAPLKLCPLKM
;
_entity_poly.pdbx_seq_one_letter_code_can   
;MHHHHHHMVHITLDRNTANSWLIISKDRRQVRMGDTHQNVSDNKERFSNYPMVLGAQRFSSGKMYWEVDVTQKEAWDLGV
CRDSVQRKGQFSLSPENGFWTIWLWQDSYEAGTSPQTTLHIQVPPCQIGIFVDYEAGVVSFYNITDHGSLIYTFSECVFA
GPLRPFFNVGFNYSGGNAAPLKLCPLKM
;
_entity_poly.pdbx_strand_id                 B 
_entity_poly.pdbx_target_identifier         ? 
# 
loop_
_pdbx_entity_nonpoly.entity_id 
_pdbx_entity_nonpoly.name 
_pdbx_entity_nonpoly.comp_id 
2 '1-(diphenylmethyl)azetidin-3-ol' UXG 
3 1,2-ETHANEDIOL                    EDO 
4 'SULFATE ION'                     SO4 
5 water                             HOH 
# 
loop_
_entity_poly_seq.entity_id 
_entity_poly_seq.num 
_entity_poly_seq.mon_id 
_entity_poly_seq.hetero 
1 1   MET n 
1 2   HIS n 
1 3   HIS n 
1 4   HIS n 
1 5   HIS n 
1 6   HIS n 
1 7   HIS n 
1 8   MET n 
1 9   VAL n 
1 10  HIS n 
1 11  ILE n 
1 12  THR n 
1 13  LEU n 
1 14  ASP n 
1 15  ARG n 
1 16  ASN n 
1 17  THR n 
1 18  ALA n 
1 19  ASN n 
1 20  SER n 
1 21  TRP n 
1 22  LEU n 
1 23  ILE n 
1 24  ILE n 
1 25  SER n 
1 26  LYS n 
1 27  ASP n 
1 28  ARG n 
1 29  ARG n 
1 30  GLN n 
1 31  VAL n 
1 32  ARG n 
1 33  MET n 
1 34  GLY n 
1 35  ASP n 
1 36  THR n 
1 37  HIS n 
1 38  GLN n 
1 39  ASN n 
1 40  VAL n 
1 41  SER n 
1 42  ASP n 
1 43  ASN n 
1 44  LYS n 
1 45  GLU n 
1 46  ARG n 
1 47  PHE n 
1 48  SER n 
1 49  ASN n 
1 50  TYR n 
1 51  PRO n 
1 52  MET n 
1 53  VAL n 
1 54  LEU n 
1 55  GLY n 
1 56  ALA n 
1 57  GLN n 
1 58  ARG n 
1 59  PHE n 
1 60  SER n 
1 61  SER n 
1 62  GLY n 
1 63  LYS n 
1 64  MET n 
1 65  TYR n 
1 66  TRP n 
1 67  GLU n 
1 68  VAL n 
1 69  ASP n 
1 70  VAL n 
1 71  THR n 
1 72  GLN n 
1 73  LYS n 
1 74  GLU n 
1 75  ALA n 
1 76  TRP n 
1 77  ASP n 
1 78  LEU n 
1 79  GLY n 
1 80  VAL n 
1 81  CYS n 
1 82  ARG n 
1 83  ASP n 
1 84  SER n 
1 85  VAL n 
1 86  GLN n 
1 87  ARG n 
1 88  LYS n 
1 89  GLY n 
1 90  GLN n 
1 91  PHE n 
1 92  SER n 
1 93  LEU n 
1 94  SER n 
1 95  PRO n 
1 96  GLU n 
1 97  ASN n 
1 98  GLY n 
1 99  PHE n 
1 100 TRP n 
1 101 THR n 
1 102 ILE n 
1 103 TRP n 
1 104 LEU n 
1 105 TRP n 
1 106 GLN n 
1 107 ASP n 
1 108 SER n 
1 109 TYR n 
1 110 GLU n 
1 111 ALA n 
1 112 GLY n 
1 113 THR n 
1 114 SER n 
1 115 PRO n 
1 116 GLN n 
1 117 THR n 
1 118 THR n 
1 119 LEU n 
1 120 HIS n 
1 121 ILE n 
1 122 GLN n 
1 123 VAL n 
1 124 PRO n 
1 125 PRO n 
1 126 CYS n 
1 127 GLN n 
1 128 ILE n 
1 129 GLY n 
1 130 ILE n 
1 131 PHE n 
1 132 VAL n 
1 133 ASP n 
1 134 TYR n 
1 135 GLU n 
1 136 ALA n 
1 137 GLY n 
1 138 VAL n 
1 139 VAL n 
1 140 SER n 
1 141 PHE n 
1 142 TYR n 
1 143 ASN n 
1 144 ILE n 
1 145 THR n 
1 146 ASP n 
1 147 HIS n 
1 148 GLY n 
1 149 SER n 
1 150 LEU n 
1 151 ILE n 
1 152 TYR n 
1 153 THR n 
1 154 PHE n 
1 155 SER n 
1 156 GLU n 
1 157 CYS n 
1 158 VAL n 
1 159 PHE n 
1 160 ALA n 
1 161 GLY n 
1 162 PRO n 
1 163 LEU n 
1 164 ARG n 
1 165 PRO n 
1 166 PHE n 
1 167 PHE n 
1 168 ASN n 
1 169 VAL n 
1 170 GLY n 
1 171 PHE n 
1 172 ASN n 
1 173 TYR n 
1 174 SER n 
1 175 GLY n 
1 176 GLY n 
1 177 ASN n 
1 178 ALA n 
1 179 ALA n 
1 180 PRO n 
1 181 LEU n 
1 182 LYS n 
1 183 LEU n 
1 184 CYS n 
1 185 PRO n 
1 186 LEU n 
1 187 LYS n 
1 188 MET n 
# 
_entity_src_gen.entity_id                          1 
_entity_src_gen.pdbx_src_id                        1 
_entity_src_gen.pdbx_alt_source_flag               sample 
_entity_src_gen.pdbx_seq_type                      'Biological sequence' 
_entity_src_gen.pdbx_beg_seq_num                   1 
_entity_src_gen.pdbx_end_seq_num                   188 
_entity_src_gen.gene_src_common_name               'house mouse' 
_entity_src_gen.gene_src_genus                     ? 
_entity_src_gen.pdbx_gene_src_gene                 'Trim21, Ro52, Ssa1' 
_entity_src_gen.gene_src_species                   ? 
_entity_src_gen.gene_src_strain                    ? 
_entity_src_gen.gene_src_tissue                    ? 
_entity_src_gen.gene_src_tissue_fraction           ? 
_entity_src_gen.gene_src_details                   ? 
_entity_src_gen.pdbx_gene_src_fragment             ? 
_entity_src_gen.pdbx_gene_src_scientific_name      'Mus musculus' 
_entity_src_gen.pdbx_gene_src_ncbi_taxonomy_id     10090 
_entity_src_gen.pdbx_gene_src_variant              ? 
_entity_src_gen.pdbx_gene_src_cell_line            ? 
_entity_src_gen.pdbx_gene_src_atcc                 ? 
_entity_src_gen.pdbx_gene_src_organ                ? 
_entity_src_gen.pdbx_gene_src_organelle            ? 
_entity_src_gen.pdbx_gene_src_cell                 ? 
_entity_src_gen.pdbx_gene_src_cellular_location    ? 
_entity_src_gen.host_org_common_name               ? 
_entity_src_gen.pdbx_host_org_scientific_name      'Escherichia coli' 
_entity_src_gen.pdbx_host_org_ncbi_taxonomy_id     562 
_entity_src_gen.host_org_genus                     ? 
_entity_src_gen.pdbx_host_org_gene                 ? 
_entity_src_gen.pdbx_host_org_organ                ? 
_entity_src_gen.host_org_species                   ? 
_entity_src_gen.pdbx_host_org_tissue               ? 
_entity_src_gen.pdbx_host_org_tissue_fraction      ? 
_entity_src_gen.pdbx_host_org_strain               ? 
_entity_src_gen.pdbx_host_org_variant              ? 
_entity_src_gen.pdbx_host_org_cell_line            ? 
_entity_src_gen.pdbx_host_org_atcc                 ? 
_entity_src_gen.pdbx_host_org_culture_collection   ? 
_entity_src_gen.pdbx_host_org_cell                 ? 
_entity_src_gen.pdbx_host_org_organelle            ? 
_entity_src_gen.pdbx_host_org_cellular_location    ? 
_entity_src_gen.pdbx_host_org_vector_type          ? 
_entity_src_gen.pdbx_host_org_vector               ? 
_entity_src_gen.host_org_details                   ? 
_entity_src_gen.expression_system_id               ? 
_entity_src_gen.plasmid_name                       ? 
_entity_src_gen.plasmid_details                    ? 
_entity_src_gen.pdbx_description                   ? 
# 
loop_
_chem_comp.id 
_chem_comp.type 
_chem_comp.mon_nstd_flag 
_chem_comp.name 
_chem_comp.pdbx_synonyms 
_chem_comp.formula 
_chem_comp.formula_weight 
ALA 'L-peptide linking' y ALANINE                           ?                 'C3 H7 N O2'     89.093  
ARG 'L-peptide linking' y ARGININE                          ?                 'C6 H15 N4 O2 1' 175.209 
ASN 'L-peptide linking' y ASPARAGINE                        ?                 'C4 H8 N2 O3'    132.118 
ASP 'L-peptide linking' y 'ASPARTIC ACID'                   ?                 'C4 H7 N O4'     133.103 
CYS 'L-peptide linking' y CYSTEINE                          ?                 'C3 H7 N O2 S'   121.158 
EDO non-polymer         . 1,2-ETHANEDIOL                    'ETHYLENE GLYCOL' 'C2 H6 O2'       62.068  
GLN 'L-peptide linking' y GLUTAMINE                         ?                 'C5 H10 N2 O3'   146.144 
GLU 'L-peptide linking' y 'GLUTAMIC ACID'                   ?                 'C5 H9 N O4'     147.129 
GLY 'peptide linking'   y GLYCINE                           ?                 'C2 H5 N O2'     75.067  
HIS 'L-peptide linking' y HISTIDINE                         ?                 'C6 H10 N3 O2 1' 156.162 
HOH non-polymer         . WATER                             ?                 'H2 O'           18.015  
ILE 'L-peptide linking' y ISOLEUCINE                        ?                 'C6 H13 N O2'    131.173 
LEU 'L-peptide linking' y LEUCINE                           ?                 'C6 H13 N O2'    131.173 
LYS 'L-peptide linking' y LYSINE                            ?                 'C6 H15 N2 O2 1' 147.195 
MET 'L-peptide linking' y METHIONINE                        ?                 'C5 H11 N O2 S'  149.211 
PHE 'L-peptide linking' y PHENYLALANINE                     ?                 'C9 H11 N O2'    165.189 
PRO 'L-peptide linking' y PROLINE                           ?                 'C5 H9 N O2'     115.130 
SER 'L-peptide linking' y SERINE                            ?                 'C3 H7 N O3'     105.093 
SO4 non-polymer         . 'SULFATE ION'                     ?                 'O4 S -2'        96.063  
THR 'L-peptide linking' y THREONINE                         ?                 'C4 H9 N O3'     119.119 
TRP 'L-peptide linking' y TRYPTOPHAN                        ?                 'C11 H12 N2 O2'  204.225 
TYR 'L-peptide linking' y TYROSINE                          ?                 'C9 H11 N O3'    181.189 
UXG non-polymer         . '1-(diphenylmethyl)azetidin-3-ol' ?                 'C16 H17 N O'    239.312 
VAL 'L-peptide linking' y VALINE                            ?                 'C5 H11 N O2'    117.146 
# 
loop_
_pdbx_poly_seq_scheme.asym_id 
_pdbx_poly_seq_scheme.entity_id 
_pdbx_poly_seq_scheme.seq_id 
_pdbx_poly_seq_scheme.mon_id 
_pdbx_poly_seq_scheme.ndb_seq_num 
_pdbx_poly_seq_scheme.pdb_seq_num 
_pdbx_poly_seq_scheme.auth_seq_num 
_pdbx_poly_seq_scheme.pdb_mon_id 
_pdbx_poly_seq_scheme.auth_mon_id 
_pdbx_poly_seq_scheme.pdb_strand_id 
_pdbx_poly_seq_scheme.pdb_ins_code 
_pdbx_poly_seq_scheme.hetero 
A 1 1   MET 1   7   ?   ?   ?   B . n 
A 1 2   HIS 2   8   8   HIS HIS B . n 
A 1 3   HIS 3   9   9   HIS HIS B . n 
A 1 4   HIS 4   10  10  HIS HIS B . n 
A 1 5   HIS 5   11  11  HIS HIS B . n 
A 1 6   HIS 6   12  12  HIS HIS B . n 
A 1 7   HIS 7   13  13  HIS HIS B . n 
A 1 8   MET 8   14  14  MET MET B . n 
A 1 9   VAL 9   15  15  VAL VAL B . n 
A 1 10  HIS 10  16  16  HIS HIS B . n 
A 1 11  ILE 11  17  17  ILE ILE B . n 
A 1 12  THR 12  18  18  THR THR B . n 
A 1 13  LEU 13  19  19  LEU LEU B . n 
A 1 14  ASP 14  20  20  ASP ASP B . n 
A 1 15  ARG 15  21  21  ARG ARG B . n 
A 1 16  ASN 16  22  22  ASN ASN B . n 
A 1 17  THR 17  23  23  THR THR B . n 
A 1 18  ALA 18  24  24  ALA ALA B . n 
A 1 19  ASN 19  25  25  ASN ASN B . n 
A 1 20  SER 20  26  26  SER SER B . n 
A 1 21  TRP 21  27  27  TRP TRP B . n 
A 1 22  LEU 22  28  28  LEU LEU B . n 
A 1 23  ILE 23  29  29  ILE ILE B . n 
A 1 24  ILE 24  30  30  ILE ILE B . n 
A 1 25  SER 25  31  31  SER SER B . n 
A 1 26  LYS 26  32  32  LYS LYS B . n 
A 1 27  ASP 27  33  33  ASP ASP B . n 
A 1 28  ARG 28  34  34  ARG ARG B . n 
A 1 29  ARG 29  35  35  ARG ARG B . n 
A 1 30  GLN 30  36  36  GLN GLN B . n 
A 1 31  VAL 31  37  37  VAL VAL B . n 
A 1 32  ARG 32  38  38  ARG ARG B . n 
A 1 33  MET 33  39  39  MET MET B . n 
A 1 34  GLY 34  40  40  GLY GLY B . n 
A 1 35  ASP 35  41  41  ASP ASP B . n 
A 1 36  THR 36  42  42  THR THR B . n 
A 1 37  HIS 37  43  43  HIS HIS B . n 
A 1 38  GLN 38  44  44  GLN GLN B . n 
A 1 39  ASN 39  45  45  ASN ASN B . n 
A 1 40  VAL 40  46  46  VAL VAL B . n 
A 1 41  SER 41  47  47  SER SER B . n 
A 1 42  ASP 42  48  48  ASP ASP B . n 
A 1 43  ASN 43  49  49  ASN ASN B . n 
A 1 44  LYS 44  50  50  LYS LYS B . n 
A 1 45  GLU 45  51  51  GLU GLU B . n 
A 1 46  ARG 46  52  52  ARG ARG B . n 
A 1 47  PHE 47  53  53  PHE PHE B . n 
A 1 48  SER 48  54  54  SER SER B . n 
A 1 49  ASN 49  55  55  ASN ASN B . n 
A 1 50  TYR 50  56  56  TYR TYR B . n 
A 1 51  PRO 51  57  57  PRO PRO B . n 
A 1 52  MET 52  58  58  MET MET B . n 
A 1 53  VAL 53  59  59  VAL VAL B . n 
A 1 54  LEU 54  60  60  LEU LEU B . n 
A 1 55  GLY 55  61  61  GLY GLY B . n 
A 1 56  ALA 56  62  62  ALA ALA B . n 
A 1 57  GLN 57  63  63  GLN GLN B . n 
A 1 58  ARG 58  64  64  ARG ARG B . n 
A 1 59  PHE 59  65  65  PHE PHE B . n 
A 1 60  SER 60  66  66  SER SER B . n 
A 1 61  SER 61  67  67  SER SER B . n 
A 1 62  GLY 62  68  68  GLY GLY B . n 
A 1 63  LYS 63  69  69  LYS LYS B . n 
A 1 64  MET 64  70  70  MET MET B . n 
A 1 65  TYR 65  71  71  TYR TYR B . n 
A 1 66  TRP 66  72  72  TRP TRP B . n 
A 1 67  GLU 67  73  73  GLU GLU B . n 
A 1 68  VAL 68  74  74  VAL VAL B . n 
A 1 69  ASP 69  75  75  ASP ASP B . n 
A 1 70  VAL 70  76  76  VAL VAL B . n 
A 1 71  THR 71  77  77  THR THR B . n 
A 1 72  GLN 72  78  78  GLN GLN B . n 
A 1 73  LYS 73  79  79  LYS LYS B . n 
A 1 74  GLU 74  80  80  GLU GLU B . n 
A 1 75  ALA 75  81  81  ALA ALA B . n 
A 1 76  TRP 76  82  82  TRP TRP B . n 
A 1 77  ASP 77  83  83  ASP ASP B . n 
A 1 78  LEU 78  84  84  LEU LEU B . n 
A 1 79  GLY 79  85  85  GLY GLY B . n 
A 1 80  VAL 80  86  86  VAL VAL B . n 
A 1 81  CYS 81  87  87  CYS CYS B . n 
A 1 82  ARG 82  88  88  ARG ARG B . n 
A 1 83  ASP 83  89  89  ASP ASP B . n 
A 1 84  SER 84  90  90  SER SER B . n 
A 1 85  VAL 85  91  91  VAL VAL B . n 
A 1 86  GLN 86  92  92  GLN GLN B . n 
A 1 87  ARG 87  93  93  ARG ARG B . n 
A 1 88  LYS 88  94  94  LYS LYS B . n 
A 1 89  GLY 89  95  95  GLY GLY B . n 
A 1 90  GLN 90  96  96  GLN GLN B . n 
A 1 91  PHE 91  97  97  PHE PHE B . n 
A 1 92  SER 92  98  98  SER SER B . n 
A 1 93  LEU 93  99  99  LEU LEU B . n 
A 1 94  SER 94  100 100 SER SER B . n 
A 1 95  PRO 95  101 101 PRO PRO B . n 
A 1 96  GLU 96  102 102 GLU GLU B . n 
A 1 97  ASN 97  103 103 ASN ASN B . n 
A 1 98  GLY 98  104 104 GLY GLY B . n 
A 1 99  PHE 99  105 105 PHE PHE B . n 
A 1 100 TRP 100 106 106 TRP TRP B . n 
A 1 101 THR 101 107 107 THR THR B . n 
A 1 102 ILE 102 108 108 ILE ILE B . n 
A 1 103 TRP 103 109 109 TRP TRP B . n 
A 1 104 LEU 104 110 110 LEU LEU B . n 
A 1 105 TRP 105 111 111 TRP TRP B . n 
A 1 106 GLN 106 112 112 GLN GLN B . n 
A 1 107 ASP 107 113 113 ASP ASP B . n 
A 1 108 SER 108 114 114 SER SER B . n 
A 1 109 TYR 109 115 115 TYR TYR B . n 
A 1 110 GLU 110 116 116 GLU GLU B . n 
A 1 111 ALA 111 117 117 ALA ALA B . n 
A 1 112 GLY 112 118 118 GLY GLY B . n 
A 1 113 THR 113 119 119 THR THR B . n 
A 1 114 SER 114 120 120 SER SER B . n 
A 1 115 PRO 115 121 121 PRO PRO B . n 
A 1 116 GLN 116 122 122 GLN GLN B . n 
A 1 117 THR 117 123 123 THR THR B . n 
A 1 118 THR 118 124 124 THR THR B . n 
A 1 119 LEU 119 125 125 LEU LEU B . n 
A 1 120 HIS 120 126 126 HIS HIS B . n 
A 1 121 ILE 121 127 127 ILE ILE B . n 
A 1 122 GLN 122 128 128 GLN GLN B . n 
A 1 123 VAL 123 129 129 VAL VAL B . n 
A 1 124 PRO 124 130 130 PRO PRO B . n 
A 1 125 PRO 125 131 131 PRO PRO B . n 
A 1 126 CYS 126 132 132 CYS CYS B . n 
A 1 127 GLN 127 133 133 GLN GLN B . n 
A 1 128 ILE 128 134 134 ILE ILE B . n 
A 1 129 GLY 129 135 135 GLY GLY B . n 
A 1 130 ILE 130 136 136 ILE ILE B . n 
A 1 131 PHE 131 137 137 PHE PHE B . n 
A 1 132 VAL 132 138 138 VAL VAL B . n 
A 1 133 ASP 133 139 139 ASP ASP B . n 
A 1 134 TYR 134 140 140 TYR TYR B . n 
A 1 135 GLU 135 141 141 GLU GLU B . n 
A 1 136 ALA 136 142 142 ALA ALA B . n 
A 1 137 GLY 137 143 143 GLY GLY B . n 
A 1 138 VAL 138 144 144 VAL VAL B . n 
A 1 139 VAL 139 145 145 VAL VAL B . n 
A 1 140 SER 140 146 146 SER SER B . n 
A 1 141 PHE 141 147 147 PHE PHE B . n 
A 1 142 TYR 142 148 148 TYR TYR B . n 
A 1 143 ASN 143 149 149 ASN ASN B . n 
A 1 144 ILE 144 150 150 ILE ILE B . n 
A 1 145 THR 145 151 151 THR THR B . n 
A 1 146 ASP 146 152 152 ASP ASP B . n 
A 1 147 HIS 147 153 153 HIS HIS B . n 
A 1 148 GLY 148 154 154 GLY GLY B . n 
A 1 149 SER 149 155 155 SER SER B . n 
A 1 150 LEU 150 156 156 LEU LEU B . n 
A 1 151 ILE 151 157 157 ILE ILE B . n 
A 1 152 TYR 152 158 158 TYR TYR B . n 
A 1 153 THR 153 159 159 THR THR B . n 
A 1 154 PHE 154 160 160 PHE PHE B . n 
A 1 155 SER 155 161 161 SER SER B . n 
A 1 156 GLU 156 162 162 GLU GLU B . n 
A 1 157 CYS 157 163 163 CYS CYS B . n 
A 1 158 VAL 158 164 164 VAL VAL B . n 
A 1 159 PHE 159 165 165 PHE PHE B . n 
A 1 160 ALA 160 166 166 ALA ALA B . n 
A 1 161 GLY 161 167 167 GLY GLY B . n 
A 1 162 PRO 162 168 168 PRO PRO B . n 
A 1 163 LEU 163 169 169 LEU LEU B . n 
A 1 164 ARG 164 170 170 ARG ARG B . n 
A 1 165 PRO 165 171 171 PRO PRO B . n 
A 1 166 PHE 166 172 172 PHE PHE B . n 
A 1 167 PHE 167 173 173 PHE PHE B . n 
A 1 168 ASN 168 174 174 ASN ASN B . n 
A 1 169 VAL 169 175 175 VAL VAL B . n 
A 1 170 GLY 170 176 176 GLY GLY B . n 
A 1 171 PHE 171 177 177 PHE PHE B . n 
A 1 172 ASN 172 178 178 ASN ASN B . n 
A 1 173 TYR 173 179 179 TYR TYR B . n 
A 1 174 SER 174 180 180 SER SER B . n 
A 1 175 GLY 175 181 181 GLY GLY B . n 
A 1 176 GLY 176 182 182 GLY GLY B . n 
A 1 177 ASN 177 183 183 ASN ASN B . n 
A 1 178 ALA 178 184 184 ALA ALA B . n 
A 1 179 ALA 179 185 185 ALA ALA B . n 
A 1 180 PRO 180 186 186 PRO PRO B . n 
A 1 181 LEU 181 187 187 LEU LEU B . n 
A 1 182 LYS 182 188 188 LYS LYS B . n 
A 1 183 LEU 183 189 189 LEU LEU B . n 
A 1 184 CYS 184 190 190 CYS CYS B . n 
A 1 185 PRO 185 191 191 PRO PRO B . n 
A 1 186 LEU 186 192 192 LEU LEU B . n 
A 1 187 LYS 187 193 ?   ?   ?   B . n 
A 1 188 MET 188 194 ?   ?   ?   B . n 
# 
_pdbx_entity_instance_feature.ordinal        1 
_pdbx_entity_instance_feature.comp_id        UXG 
_pdbx_entity_instance_feature.asym_id        ? 
_pdbx_entity_instance_feature.seq_num        ? 
_pdbx_entity_instance_feature.auth_comp_id   UXG 
_pdbx_entity_instance_feature.auth_asym_id   ? 
_pdbx_entity_instance_feature.auth_seq_num   ? 
_pdbx_entity_instance_feature.feature_type   'SUBJECT OF INVESTIGATION' 
_pdbx_entity_instance_feature.details        ? 
# 
loop_
_pdbx_nonpoly_scheme.asym_id 
_pdbx_nonpoly_scheme.entity_id 
_pdbx_nonpoly_scheme.mon_id 
_pdbx_nonpoly_scheme.ndb_seq_num 
_pdbx_nonpoly_scheme.pdb_seq_num 
_pdbx_nonpoly_scheme.auth_seq_num 
_pdbx_nonpoly_scheme.pdb_mon_id 
_pdbx_nonpoly_scheme.auth_mon_id 
_pdbx_nonpoly_scheme.pdb_strand_id 
_pdbx_nonpoly_scheme.pdb_ins_code 
B 2 UXG 1   201 302 UXG LIG B . 
C 3 EDO 1   202 305 EDO EDO B . 
D 4 SO4 1   203 1   SO4 SO4 B . 
E 5 HOH 1   301 80  HOH HOH B . 
E 5 HOH 2   302 12  HOH HOH B . 
E 5 HOH 3   303 29  HOH HOH B . 
E 5 HOH 4   304 33  HOH HOH B . 
E 5 HOH 5   305 11  HOH HOH B . 
E 5 HOH 6   306 1   HOH HOH B . 
E 5 HOH 7   307 4   HOH HOH B . 
E 5 HOH 8   308 21  HOH HOH B . 
E 5 HOH 9   309 51  HOH HOH B . 
E 5 HOH 10  310 16  HOH HOH B . 
E 5 HOH 11  311 27  HOH HOH B . 
E 5 HOH 12  312 102 HOH HOH B . 
E 5 HOH 13  313 81  HOH HOH B . 
E 5 HOH 14  314 90  HOH HOH B . 
E 5 HOH 15  315 211 HOH HOH B . 
E 5 HOH 16  316 63  HOH HOH B . 
E 5 HOH 17  317 58  HOH HOH B . 
E 5 HOH 18  318 95  HOH HOH B . 
E 5 HOH 19  319 18  HOH HOH B . 
E 5 HOH 20  320 39  HOH HOH B . 
E 5 HOH 21  321 2   HOH HOH B . 
E 5 HOH 22  322 100 HOH HOH B . 
E 5 HOH 23  323 27  HOH HOH B . 
E 5 HOH 24  324 33  HOH HOH B . 
E 5 HOH 25  325 16  HOH HOH B . 
E 5 HOH 26  326 25  HOH HOH B . 
E 5 HOH 27  327 66  HOH HOH B . 
E 5 HOH 28  328 19  HOH HOH B . 
E 5 HOH 29  329 89  HOH HOH B . 
E 5 HOH 30  330 34  HOH HOH B . 
E 5 HOH 31  331 72  HOH HOH B . 
E 5 HOH 32  332 59  HOH HOH B . 
E 5 HOH 33  333 31  HOH HOH B . 
E 5 HOH 34  334 36  HOH HOH B . 
E 5 HOH 35  335 11  HOH HOH B . 
E 5 HOH 36  336 281 HOH HOH B . 
E 5 HOH 37  337 73  HOH HOH B . 
E 5 HOH 38  338 22  HOH HOH B . 
E 5 HOH 39  339 22  HOH HOH B . 
E 5 HOH 40  340 267 HOH HOH B . 
E 5 HOH 41  341 43  HOH HOH B . 
E 5 HOH 42  342 20  HOH HOH B . 
E 5 HOH 43  343 76  HOH HOH B . 
E 5 HOH 44  344 15  HOH HOH B . 
E 5 HOH 45  345 10  HOH HOH B . 
E 5 HOH 46  346 34  HOH HOH B . 
E 5 HOH 47  347 26  HOH HOH B . 
E 5 HOH 48  348 156 HOH HOH B . 
E 5 HOH 49  349 126 HOH HOH B . 
E 5 HOH 50  350 70  HOH HOH B . 
E 5 HOH 51  351 2   HOH HOH B . 
E 5 HOH 52  352 68  HOH HOH B . 
E 5 HOH 53  353 9   HOH HOH B . 
E 5 HOH 54  354 62  HOH HOH B . 
E 5 HOH 55  355 45  HOH HOH B . 
E 5 HOH 56  356 71  HOH HOH B . 
E 5 HOH 57  357 172 HOH HOH B . 
E 5 HOH 58  358 50  HOH HOH B . 
E 5 HOH 59  359 64  HOH HOH B . 
E 5 HOH 60  360 29  HOH HOH B . 
E 5 HOH 61  361 7   HOH HOH B . 
E 5 HOH 62  362 4   HOH HOH B . 
E 5 HOH 63  363 86  HOH HOH B . 
E 5 HOH 64  364 47  HOH HOH B . 
E 5 HOH 65  365 157 HOH HOH B . 
E 5 HOH 66  366 61  HOH HOH B . 
E 5 HOH 67  367 32  HOH HOH B . 
E 5 HOH 68  368 1   HOH HOH B . 
E 5 HOH 69  369 10  HOH HOH B . 
E 5 HOH 70  370 6   HOH HOH B . 
E 5 HOH 71  371 304 HOH HOH B . 
E 5 HOH 72  372 49  HOH HOH B . 
E 5 HOH 73  373 13  HOH HOH B . 
E 5 HOH 74  374 24  HOH HOH B . 
E 5 HOH 75  375 46  HOH HOH B . 
E 5 HOH 76  376 28  HOH HOH B . 
E 5 HOH 77  377 3   HOH HOH B . 
E 5 HOH 78  378 93  HOH HOH B . 
E 5 HOH 79  379 42  HOH HOH B . 
E 5 HOH 80  380 8   HOH HOH B . 
E 5 HOH 81  381 14  HOH HOH B . 
E 5 HOH 82  382 137 HOH HOH B . 
E 5 HOH 83  383 3   HOH HOH B . 
E 5 HOH 84  384 114 HOH HOH B . 
E 5 HOH 85  385 12  HOH HOH B . 
E 5 HOH 86  386 303 HOH HOH B . 
E 5 HOH 87  387 23  HOH HOH B . 
E 5 HOH 88  388 25  HOH HOH B . 
E 5 HOH 89  389 55  HOH HOH B . 
E 5 HOH 90  390 82  HOH HOH B . 
E 5 HOH 91  391 8   HOH HOH B . 
E 5 HOH 92  392 48  HOH HOH B . 
E 5 HOH 93  393 20  HOH HOH B . 
E 5 HOH 94  394 85  HOH HOH B . 
E 5 HOH 95  395 97  HOH HOH B . 
E 5 HOH 96  396 53  HOH HOH B . 
E 5 HOH 97  397 18  HOH HOH B . 
E 5 HOH 98  398 57  HOH HOH B . 
E 5 HOH 99  399 140 HOH HOH B . 
E 5 HOH 100 400 7   HOH HOH B . 
E 5 HOH 101 401 120 HOH HOH B . 
E 5 HOH 102 402 56  HOH HOH B . 
E 5 HOH 103 403 30  HOH HOH B . 
E 5 HOH 104 404 44  HOH HOH B . 
E 5 HOH 105 405 54  HOH HOH B . 
E 5 HOH 106 406 257 HOH HOH B . 
E 5 HOH 107 407 125 HOH HOH B . 
E 5 HOH 108 408 112 HOH HOH B . 
E 5 HOH 109 409 15  HOH HOH B . 
E 5 HOH 110 410 60  HOH HOH B . 
E 5 HOH 111 411 38  HOH HOH B . 
E 5 HOH 112 412 41  HOH HOH B . 
E 5 HOH 113 413 19  HOH HOH B . 
E 5 HOH 114 414 5   HOH HOH B . 
E 5 HOH 115 415 69  HOH HOH B . 
E 5 HOH 116 416 264 HOH HOH B . 
E 5 HOH 117 417 197 HOH HOH B . 
E 5 HOH 118 418 17  HOH HOH B . 
E 5 HOH 119 419 129 HOH HOH B . 
E 5 HOH 120 420 30  HOH HOH B . 
E 5 HOH 121 421 115 HOH HOH B . 
E 5 HOH 122 422 266 HOH HOH B . 
E 5 HOH 123 423 13  HOH HOH B . 
E 5 HOH 124 424 133 HOH HOH B . 
E 5 HOH 125 425 21  HOH HOH B . 
E 5 HOH 126 426 263 HOH HOH B . 
E 5 HOH 127 427 205 HOH HOH B . 
E 5 HOH 128 428 23  HOH HOH B . 
E 5 HOH 129 429 104 HOH HOH B . 
E 5 HOH 130 430 98  HOH HOH B . 
E 5 HOH 131 431 166 HOH HOH B . 
E 5 HOH 132 432 127 HOH HOH B . 
E 5 HOH 133 433 131 HOH HOH B . 
E 5 HOH 134 434 14  HOH HOH B . 
E 5 HOH 135 435 270 HOH HOH B . 
E 5 HOH 136 436 259 HOH HOH B . 
# 
loop_
_pdbx_unobs_or_zero_occ_atoms.id 
_pdbx_unobs_or_zero_occ_atoms.PDB_model_num 
_pdbx_unobs_or_zero_occ_atoms.polymer_flag 
_pdbx_unobs_or_zero_occ_atoms.occupancy_flag 
_pdbx_unobs_or_zero_occ_atoms.auth_asym_id 
_pdbx_unobs_or_zero_occ_atoms.auth_comp_id 
_pdbx_unobs_or_zero_occ_atoms.auth_seq_id 
_pdbx_unobs_or_zero_occ_atoms.PDB_ins_code 
_pdbx_unobs_or_zero_occ_atoms.auth_atom_id 
_pdbx_unobs_or_zero_occ_atoms.label_alt_id 
_pdbx_unobs_or_zero_occ_atoms.label_asym_id 
_pdbx_unobs_or_zero_occ_atoms.label_comp_id 
_pdbx_unobs_or_zero_occ_atoms.label_seq_id 
_pdbx_unobs_or_zero_occ_atoms.label_atom_id 
1 1 Y 1 B LEU 192 ? CG  ? A LEU 186 CG  
2 1 Y 1 B LEU 192 ? CD1 ? A LEU 186 CD1 
3 1 Y 1 B LEU 192 ? CD2 ? A LEU 186 CD2 
# 
loop_
_software.pdbx_ordinal 
_software.name 
_software.version 
_software.date 
_software.type 
_software.contact_author 
_software.contact_author_email 
_software.classification 
_software.location 
_software.language 
_software.citation_id 
1 REFMAC  5.8.0267 ?        program 'Garib N. Murshudov' garib@ysbl.york.ac.uk refinement       
http://www.ccp4.ac.uk/dist/html/refmac5.html        Fortran_77 ? 
2 Aimless 0.7.7    23/04/21 program 'Phil Evans'         ?                     'data scaling'   
http://www.mrc-lmb.cam.ac.uk/harry/pre/aimless.html ?          ? 
3 XDS     .        ?        program ?                    ?                     'data reduction' ? ?          ? 
4 REFMAC  .        ?        program ?                    ?                     phasing          ? ?          ? 
# 
_cell.entry_id           7HLE 
_cell.length_a           95.889 
_cell.length_b           95.889 
_cell.length_c           45.696 
_cell.angle_alpha        90.000 
_cell.angle_beta         90.000 
_cell.angle_gamma        90.000 
_cell.Z_PDB              8 
_cell.pdbx_unique_axis   ? 
# 
_symmetry.entry_id                         7HLE 
_symmetry.space_group_name_H-M             'I 4' 
_symmetry.pdbx_full_space_group_name_H-M   ? 
_symmetry.cell_setting                     ? 
_symmetry.Int_Tables_number                79 
# 
_exptl.crystals_number   1 
_exptl.entry_id          7HLE 
_exptl.method            'X-RAY DIFFRACTION' 
# 
_exptl_crystal.id                    1 
_exptl_crystal.pdbx_mosaicity        0.000 
_exptl_crystal.pdbx_mosaicity_esd    ? 
_exptl_crystal.density_Matthews      2.43 
_exptl_crystal.density_diffrn        ? 
_exptl_crystal.density_meas          ? 
_exptl_crystal.density_meas_temp     ? 
_exptl_crystal.density_percent_sol   49.42 
_exptl_crystal.size_max              ? 
_exptl_crystal.size_mid              ? 
_exptl_crystal.size_min              ? 
_exptl_crystal.size_rad              ? 
_exptl_crystal.description           ? 
# 
_exptl_crystal_grow.crystal_id      1 
_exptl_crystal_grow.method          'VAPOR DIFFUSION, SITTING DROP' 
_exptl_crystal_grow.pH              8 
_exptl_crystal_grow.temp            293 
_exptl_crystal_grow.pdbx_details    '4 % PEG 400, 2 M AmmSO4, 0.1 M HEPES pH 8' 
_exptl_crystal_grow.temp_details    ? 
_exptl_crystal_grow.pdbx_pH_range   ? 
# 
_diffrn.id                     1 
_diffrn.ambient_temp           100 
_diffrn.crystal_id             1 
_diffrn.ambient_temp_details   ? 
# 
_diffrn_detector.detector               PIXEL 
_diffrn_detector.type                   'DECTRIS EIGER2 XE 9M' 
_diffrn_detector.pdbx_collection_date   2024-05-22 
_diffrn_detector.diffrn_id              1 
_diffrn_detector.details                ? 
# 
_diffrn_radiation.diffrn_id                        1 
_diffrn_radiation.wavelength_id                    1 
_diffrn_radiation.pdbx_diffrn_protocol             'SINGLE WAVELENGTH' 
_diffrn_radiation.pdbx_monochromatic_or_laue_m_l   ? 
_diffrn_radiation.monochromator                    ? 
_diffrn_radiation.pdbx_scattering_type             x-ray 
# 
_diffrn_radiation_wavelength.id           1 
_diffrn_radiation_wavelength.wavelength   0.92124 
_diffrn_radiation_wavelength.wt           1.0 
# 
_diffrn_source.diffrn_id                   1 
_diffrn_source.source                      SYNCHROTRON 
_diffrn_source.type                        'DIAMOND BEAMLINE I04-1' 
_diffrn_source.pdbx_wavelength_list        0.92124 
_diffrn_source.pdbx_synchrotron_site       Diamond 
_diffrn_source.pdbx_synchrotron_beamline   I04-1 
_diffrn_source.pdbx_wavelength             ? 
# 
_reflns.entry_id                     7HLE 
_reflns.pdbx_diffrn_id               1 
_reflns.pdbx_ordinal                 1 
_reflns.observed_criterion_sigma_I   ? 
_reflns.observed_criterion_sigma_F   ? 
_reflns.d_resolution_low             33.900 
_reflns.d_resolution_high            1.400 
_reflns.number_obs                   41073 
_reflns.number_all                   ? 
_reflns.percent_possible_obs         100.000 
_reflns.pdbx_Rmerge_I_obs            0.100 
_reflns.pdbx_Rsym_value              ? 
_reflns.pdbx_netI_over_sigmaI        12.800 
_reflns.B_iso_Wilson_estimate        ? 
_reflns.pdbx_redundancy              12.500 
_reflns.pdbx_Rrim_I_all              0.104 
_reflns.pdbx_Rpim_I_all              0.029 
_reflns.pdbx_CC_half                 0.998 
_reflns.pdbx_netI_over_av_sigmaI     ? 
_reflns.pdbx_number_measured_all     512150 
_reflns.pdbx_scaling_rejects         0 
_reflns.pdbx_chi_squared             ? 
_reflns.Rmerge_F_all                 ? 
_reflns.Rmerge_F_obs                 ? 
_reflns.observed_criterion_F_max     ? 
_reflns.observed_criterion_F_min     ? 
_reflns.observed_criterion_I_max     ? 
_reflns.observed_criterion_I_min     ? 
_reflns.pdbx_d_res_high_opt          ? 
_reflns.pdbx_d_res_low_opt           ? 
_reflns.details                      ? 
# 
loop_
_reflns_shell.pdbx_diffrn_id 
_reflns_shell.pdbx_ordinal 
_reflns_shell.d_res_high 
_reflns_shell.d_res_low 
_reflns_shell.number_measured_obs 
_reflns_shell.number_measured_all 
_reflns_shell.number_unique_obs 
_reflns_shell.pdbx_rejects 
_reflns_shell.Rmerge_I_obs 
_reflns_shell.meanI_over_sigI_obs 
_reflns_shell.pdbx_Rsym_value 
_reflns_shell.pdbx_chi_squared 
_reflns_shell.pdbx_redundancy 
_reflns_shell.percent_possible_obs 
_reflns_shell.pdbx_netI_over_sigmaI_obs 
_reflns_shell.number_possible 
_reflns_shell.number_unique_all 
_reflns_shell.Rmerge_F_all 
_reflns_shell.Rmerge_F_obs 
_reflns_shell.Rmerge_I_all 
_reflns_shell.meanI_over_sigI_all 
_reflns_shell.percent_possible_all 
_reflns_shell.pdbx_Rrim_I_all 
_reflns_shell.pdbx_Rpim_I_all 
_reflns_shell.pdbx_CC_half 
1 1 1.400 1.420  ? 16858 2003 ? 2.690 ? ? ? 8.400  ? 0.500  ? ? ? ? ? ? 99.500 2.869 0.986 0.361 
1 2 7.660 33.900 ? 3248  272  ? 0.050 ? ? ? 11.900 ? 58.400 ? ? ? ? ? ? 99.100 0.053 0.017 0.973 
# 
_refine.entry_id                                 7HLE 
_refine.pdbx_refine_id                           'X-RAY DIFFRACTION' 
_refine.ls_d_res_high                            1.4000 
_refine.ls_d_res_low                             33.9200 
_refine.pdbx_ls_sigma_F                          0.000 
_refine.pdbx_data_cutoff_high_absF               ? 
_refine.pdbx_data_cutoff_low_absF                ? 
_refine.ls_percent_reflns_obs                    99.8700 
_refine.ls_number_reflns_obs                     39053 
_refine.ls_number_reflns_all                     ? 
_refine.pdbx_ls_cross_valid_method               THROUGHOUT 
_refine.ls_matrix_type                           ? 
_refine.pdbx_R_Free_selection_details            RANDOM 
_refine.details                                  
'HYDROGENS HAVE BEEN ADDED IN THE RIDING POSITIONS U VALUES      : REFINED INDIVIDUALLY' 
_refine.ls_R_factor_all                          ? 
_refine.ls_R_factor_obs                          0.1841 
_refine.ls_R_factor_R_work                       0.1828 
_refine.ls_wR_factor_R_work                      ? 
_refine.ls_R_factor_R_free                       0.2088 
_refine.ls_wR_factor_R_free                      ? 
_refine.ls_percent_reflns_R_free                 4.9000 
_refine.ls_number_reflns_R_free                  2007 
_refine.ls_number_reflns_R_work                  ? 
_refine.ls_R_factor_R_free_error                 ? 
_refine.B_iso_mean                               21.6940 
_refine.solvent_model_param_bsol                 ? 
_refine.solvent_model_param_ksol                 ? 
_refine.pdbx_isotropic_thermal_model             ? 
_refine.aniso_B[1][1]                            0.1800 
_refine.aniso_B[2][2]                            0.1800 
_refine.aniso_B[3][3]                            -0.3500 
_refine.aniso_B[1][2]                            0.0000 
_refine.aniso_B[1][3]                            0.0000 
_refine.aniso_B[2][3]                            -0.0000 
_refine.correlation_coeff_Fo_to_Fc               0.9700 
_refine.correlation_coeff_Fo_to_Fc_free          0.9610 
_refine.overall_SU_R_Cruickshank_DPI             ? 
_refine.pdbx_overall_SU_R_free_Cruickshank_DPI   ? 
_refine.pdbx_overall_SU_R_Blow_DPI               ? 
_refine.pdbx_overall_SU_R_free_Blow_DPI          ? 
_refine.overall_SU_R_free                        ? 
_refine.pdbx_overall_ESU_R                       0.0660 
_refine.pdbx_overall_ESU_R_Free                  0.0670 
_refine.overall_SU_ML                            0.0610 
_refine.overall_SU_B                             1.6950 
_refine.solvent_model_details                    MASK 
_refine.pdbx_solvent_vdw_probe_radii             1.2000 
_refine.pdbx_solvent_ion_probe_radii             0.8000 
_refine.pdbx_solvent_shrinkage_radii             0.8000 
_refine.ls_number_parameters                     ? 
_refine.ls_number_restraints                     ? 
_refine.pdbx_starting_model                      ? 
_refine.pdbx_method_to_determine_struct          'FOURIER SYNTHESIS' 
_refine.pdbx_stereochemistry_target_values       'MAXIMUM LIKELIHOOD' 
_refine.pdbx_stereochem_target_val_spec_case     ? 
_refine.overall_FOM_work_R_set                   ? 
_refine.B_iso_max                                111.790 
_refine.B_iso_min                                11.400 
_refine.pdbx_overall_phase_error                 ? 
_refine.occupancy_max                            ? 
_refine.occupancy_min                            ? 
_refine.pdbx_diffrn_id                           1 
_refine.pdbx_TLS_residual_ADP_flag               ? 
_refine.pdbx_ls_sigma_I                          ? 
_refine.pdbx_data_cutoff_high_rms_absF           ? 
_refine.ls_R_factor_R_free_error_details         ? 
# 
_refine_hist.cycle_id                         final 
_refine_hist.pdbx_refine_id                   'X-RAY DIFFRACTION' 
_refine_hist.d_res_high                       1.4000 
_refine_hist.d_res_low                        33.9200 
_refine_hist.pdbx_number_atoms_ligand         27 
_refine_hist.number_atoms_solvent             136 
_refine_hist.number_atoms_total               1656 
_refine_hist.pdbx_number_residues_total       185 
_refine_hist.pdbx_B_iso_mean_ligand           37.87 
_refine_hist.pdbx_B_iso_mean_solvent          32.40 
_refine_hist.pdbx_number_atoms_protein        1493 
_refine_hist.pdbx_number_atoms_nucleic_acid   0 
# 
loop_
_refine_ls_restr.pdbx_refine_id 
_refine_ls_restr.type 
_refine_ls_restr.number 
_refine_ls_restr.dev_ideal 
_refine_ls_restr.dev_ideal_target 
_refine_ls_restr.weight 
_refine_ls_restr.pdbx_restraint_function 
'X-RAY DIFFRACTION' r_bond_refined_d       2151 0.011  0.013  ? ? 
'X-RAY DIFFRACTION' r_bond_other_d         1667 0.001  0.015  ? ? 
'X-RAY DIFFRACTION' r_angle_refined_deg    2639 1.716  1.644  ? ? 
'X-RAY DIFFRACTION' r_angle_other_deg      3851 1.417  1.582  ? ? 
'X-RAY DIFFRACTION' r_dihedral_angle_1_deg 247  7.277  5.000  ? ? 
'X-RAY DIFFRACTION' r_dihedral_angle_2_deg 113  26.475 21.416 ? ? 
'X-RAY DIFFRACTION' r_dihedral_angle_3_deg 294  12.155 15.000 ? ? 
'X-RAY DIFFRACTION' r_dihedral_angle_4_deg 15   21.494 15.000 ? ? 
'X-RAY DIFFRACTION' r_chiral_restr         235  0.082  0.200  ? ? 
'X-RAY DIFFRACTION' r_gen_planes_refined   2342 0.010  0.020  ? ? 
'X-RAY DIFFRACTION' r_gen_planes_other     524  0.003  0.020  ? ? 
'X-RAY DIFFRACTION' r_mcbond_it            1021 1.816  2.019  ? ? 
'X-RAY DIFFRACTION' r_mcbond_other         1005 1.822  1.975  ? ? 
'X-RAY DIFFRACTION' r_mcangle_it           1183 2.954  2.959  ? ? 
# 
_refine_ls_shell.d_res_high                       1.3990 
_refine_ls_shell.d_res_low                        1.4350 
_refine_ls_shell.pdbx_total_number_of_bins_used   20 
_refine_ls_shell.percent_reflns_obs               99.1000 
_refine_ls_shell.number_reflns_R_work             2826 
_refine_ls_shell.R_factor_all                     ? 
_refine_ls_shell.R_factor_R_work                  0.3680 
_refine_ls_shell.R_factor_R_free                  0.3690 
_refine_ls_shell.percent_reflns_R_free            ? 
_refine_ls_shell.number_reflns_R_free             157 
_refine_ls_shell.R_factor_R_free_error            ? 
_refine_ls_shell.number_reflns_all                2983 
_refine_ls_shell.number_reflns_obs                ? 
_refine_ls_shell.pdbx_refine_id                   'X-RAY DIFFRACTION' 
# 
_struct.entry_id                  7HLE 
_struct.title                     'PanDDA analysis group deposition -- Crystal Structure of TRIM21 in complex with Z1696844792' 
_struct.pdbx_model_details        ? 
_struct.pdbx_CASP_flag            ? 
_struct.pdbx_model_type_details   ? 
# 
_struct_keywords.entry_id        7HLE 
_struct_keywords.text            'SGC - Diamond I04-1 fragment screening, PanDDA, XChemExplorer, TRIM21, LIGASE' 
_struct_keywords.pdbx_keywords   LIGASE 
# 
loop_
_struct_asym.id 
_struct_asym.pdbx_blank_PDB_chainid_flag 
_struct_asym.pdbx_modified 
_struct_asym.entity_id 
_struct_asym.details 
A N N 1 ? 
B N N 2 ? 
C N N 3 ? 
D N N 4 ? 
E N N 5 ? 
# 
_struct_ref.id                         1 
_struct_ref.db_name                    UNP 
_struct_ref.db_code                    RO52_MOUSE 
_struct_ref.pdbx_db_accession          Q62191 
_struct_ref.pdbx_db_isoform            ? 
_struct_ref.entity_id                  1 
_struct_ref.pdbx_seq_one_letter_code   
;VHITLDRNTANSWLIISKDRRQVRMGDTHQNVSDNKERFSNYPMVLGAQRFSSGKMYWEVDVTQKEAWDLGVCRDSVQRK
GQFSLSPENGFWTIWLWQDSYEAGTSPQTTLHIQVPPCQIGIFVDYEAGVVSFYNITDHGSLIYTFSECVFAGPLRPFFN
VGFNYSGGNAAPLKLCPLKM
;
_struct_ref.pdbx_align_begin           291 
# 
_struct_ref_seq.align_id                      1 
_struct_ref_seq.ref_id                        1 
_struct_ref_seq.pdbx_PDB_id_code              7HLE 
_struct_ref_seq.pdbx_strand_id                B 
_struct_ref_seq.seq_align_beg                 9 
_struct_ref_seq.pdbx_seq_align_beg_ins_code   ? 
_struct_ref_seq.seq_align_end                 188 
_struct_ref_seq.pdbx_seq_align_end_ins_code   ? 
_struct_ref_seq.pdbx_db_accession             Q62191 
_struct_ref_seq.db_align_beg                  291 
_struct_ref_seq.pdbx_db_align_beg_ins_code    ? 
_struct_ref_seq.db_align_end                  470 
_struct_ref_seq.pdbx_db_align_end_ins_code    ? 
_struct_ref_seq.pdbx_auth_seq_align_beg       15 
_struct_ref_seq.pdbx_auth_seq_align_end       194 
# 
loop_
_struct_ref_seq_dif.align_id 
_struct_ref_seq_dif.pdbx_pdb_id_code 
_struct_ref_seq_dif.mon_id 
_struct_ref_seq_dif.pdbx_pdb_strand_id 
_struct_ref_seq_dif.seq_num 
_struct_ref_seq_dif.pdbx_pdb_ins_code 
_struct_ref_seq_dif.pdbx_seq_db_name 
_struct_ref_seq_dif.pdbx_seq_db_accession_code 
_struct_ref_seq_dif.db_mon_id 
_struct_ref_seq_dif.pdbx_seq_db_seq_num 
_struct_ref_seq_dif.details 
_struct_ref_seq_dif.pdbx_auth_seq_num 
_struct_ref_seq_dif.pdbx_ordinal 
1 7HLE MET B 1 ? UNP Q62191 ? ? 'initiating methionine' 7  1 
1 7HLE HIS B 2 ? UNP Q62191 ? ? 'expression tag'        8  2 
1 7HLE HIS B 3 ? UNP Q62191 ? ? 'expression tag'        9  3 
1 7HLE HIS B 4 ? UNP Q62191 ? ? 'expression tag'        10 4 
1 7HLE HIS B 5 ? UNP Q62191 ? ? 'expression tag'        11 5 
1 7HLE HIS B 6 ? UNP Q62191 ? ? 'expression tag'        12 6 
1 7HLE HIS B 7 ? UNP Q62191 ? ? 'expression tag'        13 7 
1 7HLE MET B 8 ? UNP Q62191 ? ? 'expression tag'        14 8 
# 
_pdbx_struct_assembly.id                   1 
_pdbx_struct_assembly.details              author_defined_assembly 
_pdbx_struct_assembly.method_details       ? 
_pdbx_struct_assembly.oligomeric_details   monomeric 
_pdbx_struct_assembly.oligomeric_count     1 
# 
_pdbx_struct_assembly_gen.assembly_id       1 
_pdbx_struct_assembly_gen.oper_expression   1 
_pdbx_struct_assembly_gen.asym_id_list      A,B,C,D,E 
# 
_pdbx_struct_oper_list.id                   1 
_pdbx_struct_oper_list.type                 'identity operation' 
_pdbx_struct_oper_list.name                 1_555 
_pdbx_struct_oper_list.symmetry_operation   x,y,z 
_pdbx_struct_oper_list.matrix[1][1]         1.0000000000 
_pdbx_struct_oper_list.matrix[1][2]         0.0000000000 
_pdbx_struct_oper_list.matrix[1][3]         0.0000000000 
_pdbx_struct_oper_list.vector[1]            0.0000000000 
_pdbx_struct_oper_list.matrix[2][1]         0.0000000000 
_pdbx_struct_oper_list.matrix[2][2]         1.0000000000 
_pdbx_struct_oper_list.matrix[2][3]         0.0000000000 
_pdbx_struct_oper_list.vector[2]            0.0000000000 
_pdbx_struct_oper_list.matrix[3][1]         0.0000000000 
_pdbx_struct_oper_list.matrix[3][2]         0.0000000000 
_pdbx_struct_oper_list.matrix[3][3]         1.0000000000 
_pdbx_struct_oper_list.vector[3]            0.0000000000 
# 
loop_
_struct_conf.conf_type_id 
_struct_conf.id 
_struct_conf.pdbx_PDB_helix_id 
_struct_conf.beg_label_comp_id 
_struct_conf.beg_label_asym_id 
_struct_conf.beg_label_seq_id 
_struct_conf.pdbx_beg_PDB_ins_code 
_struct_conf.end_label_comp_id 
_struct_conf.end_label_asym_id 
_struct_conf.end_label_seq_id 
_struct_conf.pdbx_end_PDB_ins_code 
_struct_conf.beg_auth_comp_id 
_struct_conf.beg_auth_asym_id 
_struct_conf.beg_auth_seq_id 
_struct_conf.end_auth_comp_id 
_struct_conf.end_auth_asym_id 
_struct_conf.end_auth_seq_id 
_struct_conf.pdbx_PDB_helix_class 
_struct_conf.details 
_struct_conf.pdbx_PDB_helix_length 
HELX_P HELX_P1 AA1 HIS A 4  ? MET A 8  ? HIS B 10  MET B 14  5 ? 5 
HELX_P HELX_P2 AA2 ASP A 14 ? ALA A 18 ? ASP B 20  ALA B 24  5 ? 5 
HELX_P HELX_P3 AA3 SER A 94 ? ASN A 97 ? SER B 100 ASN B 103 5 ? 4 
# 
_struct_conf_type.id          HELX_P 
_struct_conf_type.criteria    ? 
_struct_conf_type.reference   ? 
# 
_struct_mon_prot_cis.pdbx_id                1 
_struct_mon_prot_cis.label_comp_id          SER 
_struct_mon_prot_cis.label_seq_id           114 
_struct_mon_prot_cis.label_asym_id          A 
_struct_mon_prot_cis.label_alt_id           . 
_struct_mon_prot_cis.pdbx_PDB_ins_code      ? 
_struct_mon_prot_cis.auth_comp_id           SER 
_struct_mon_prot_cis.auth_seq_id            120 
_struct_mon_prot_cis.auth_asym_id           B 
_struct_mon_prot_cis.pdbx_label_comp_id_2   PRO 
_struct_mon_prot_cis.pdbx_label_seq_id_2    115 
_struct_mon_prot_cis.pdbx_label_asym_id_2   A 
_struct_mon_prot_cis.pdbx_PDB_ins_code_2    ? 
_struct_mon_prot_cis.pdbx_auth_comp_id_2    PRO 
_struct_mon_prot_cis.pdbx_auth_seq_id_2     121 
_struct_mon_prot_cis.pdbx_auth_asym_id_2    B 
_struct_mon_prot_cis.pdbx_PDB_model_num     1 
_struct_mon_prot_cis.pdbx_omega_angle       -2.65 
# 
loop_
_struct_sheet.id 
_struct_sheet.type 
_struct_sheet.number_strands 
_struct_sheet.details 
AA1 ? 7 ? 
AA2 ? 6 ? 
# 
loop_
_struct_sheet_order.sheet_id 
_struct_sheet_order.range_id_1 
_struct_sheet_order.range_id_2 
_struct_sheet_order.offset 
_struct_sheet_order.sense 
AA1 1 2 ? anti-parallel 
AA1 2 3 ? anti-parallel 
AA1 3 4 ? anti-parallel 
AA1 4 5 ? anti-parallel 
AA1 5 6 ? anti-parallel 
AA1 6 7 ? anti-parallel 
AA2 1 2 ? anti-parallel 
AA2 2 3 ? anti-parallel 
AA2 3 4 ? anti-parallel 
AA2 4 5 ? anti-parallel 
AA2 5 6 ? anti-parallel 
# 
loop_
_struct_sheet_range.sheet_id 
_struct_sheet_range.id 
_struct_sheet_range.beg_label_comp_id 
_struct_sheet_range.beg_label_asym_id 
_struct_sheet_range.beg_label_seq_id 
_struct_sheet_range.pdbx_beg_PDB_ins_code 
_struct_sheet_range.end_label_comp_id 
_struct_sheet_range.end_label_asym_id 
_struct_sheet_range.end_label_seq_id 
_struct_sheet_range.pdbx_end_PDB_ins_code 
_struct_sheet_range.beg_auth_comp_id 
_struct_sheet_range.beg_auth_asym_id 
_struct_sheet_range.beg_auth_seq_id 
_struct_sheet_range.end_auth_comp_id 
_struct_sheet_range.end_auth_asym_id 
_struct_sheet_range.end_auth_seq_id 
AA1 1 LEU A 22  ? ILE A 24  ? LEU B 28  ILE B 30  
AA1 2 GLN A 30  ? MET A 33  ? GLN B 36  MET B 39  
AA1 3 LEU A 181 ? LEU A 183 ? LEU B 187 LEU B 189 
AA1 4 LYS A 63  ? ASP A 69  ? LYS B 69  ASP B 75  
AA1 5 GLN A 127 ? ASP A 133 ? GLN B 133 ASP B 139 
AA1 6 VAL A 138 ? ASN A 143 ? VAL B 144 ASN B 149 
AA1 7 SER A 149 ? PHE A 154 ? SER B 155 PHE B 160 
AA2 1 MET A 52  ? LEU A 54  ? MET B 58  LEU B 60  
AA2 2 LEU A 163 ? ASN A 168 ? LEU B 169 ASN B 174 
AA2 3 TRP A 76  ? ARG A 82  ? TRP B 82  ARG B 88  
AA2 4 PHE A 99  ? TRP A 105 ? PHE B 105 TRP B 111 
AA2 5 SER A 108 ? ALA A 111 ? SER B 114 ALA B 117 
AA2 6 THR A 117 ? THR A 118 ? THR B 123 THR B 124 
# 
loop_
_pdbx_struct_sheet_hbond.sheet_id 
_pdbx_struct_sheet_hbond.range_id_1 
_pdbx_struct_sheet_hbond.range_id_2 
_pdbx_struct_sheet_hbond.range_1_label_atom_id 
_pdbx_struct_sheet_hbond.range_1_label_comp_id 
_pdbx_struct_sheet_hbond.range_1_label_asym_id 
_pdbx_struct_sheet_hbond.range_1_label_seq_id 
_pdbx_struct_sheet_hbond.range_1_PDB_ins_code 
_pdbx_struct_sheet_hbond.range_1_auth_atom_id 
_pdbx_struct_sheet_hbond.range_1_auth_comp_id 
_pdbx_struct_sheet_hbond.range_1_auth_asym_id 
_pdbx_struct_sheet_hbond.range_1_auth_seq_id 
_pdbx_struct_sheet_hbond.range_2_label_atom_id 
_pdbx_struct_sheet_hbond.range_2_label_comp_id 
_pdbx_struct_sheet_hbond.range_2_label_asym_id 
_pdbx_struct_sheet_hbond.range_2_label_seq_id 
_pdbx_struct_sheet_hbond.range_2_PDB_ins_code 
_pdbx_struct_sheet_hbond.range_2_auth_atom_id 
_pdbx_struct_sheet_hbond.range_2_auth_comp_id 
_pdbx_struct_sheet_hbond.range_2_auth_asym_id 
_pdbx_struct_sheet_hbond.range_2_auth_seq_id 
AA1 1 2 N ILE A 23  ? N ILE B 29  O ARG A 32  ? O ARG B 38  
AA1 2 3 N VAL A 31  ? N VAL B 37  O LEU A 181 ? O LEU B 187 
AA1 3 4 O LYS A 182 ? O LYS B 188 N ASP A 69  ? N ASP B 75  
AA1 4 5 N TRP A 66  ? N TRP B 72  O ILE A 130 ? O ILE B 136 
AA1 5 6 N PHE A 131 ? N PHE B 137 O SER A 140 ? O SER B 146 
AA1 6 7 N PHE A 141 ? N PHE B 147 O ILE A 151 ? O ILE B 157 
AA2 1 2 N VAL A 53  ? N VAL B 59  O PHE A 167 ? O PHE B 173 
AA2 2 3 O ARG A 164 ? O ARG B 170 N CYS A 81  ? N CYS B 87  
AA2 3 4 N VAL A 80  ? N VAL B 86  O TRP A 100 ? O TRP B 106 
AA2 4 5 N TRP A 103 ? N TRP B 109 O GLU A 110 ? O GLU B 116 
AA2 5 6 N ALA A 111 ? N ALA B 117 O THR A 117 ? O THR B 123 
# 
_pdbx_entry_details.entry_id                   7HLE 
_pdbx_entry_details.compound_details           ? 
_pdbx_entry_details.source_details             ? 
_pdbx_entry_details.nonpolymer_details         ? 
_pdbx_entry_details.sequence_details           ? 
_pdbx_entry_details.has_ligand_of_interest     Y 
_pdbx_entry_details.has_protein_modification   N 
# 
_pdbx_validate_symm_contact.id                1 
_pdbx_validate_symm_contact.PDB_model_num     1 
_pdbx_validate_symm_contact.auth_atom_id_1    O 
_pdbx_validate_symm_contact.auth_asym_id_1    B 
_pdbx_validate_symm_contact.auth_comp_id_1    HOH 
_pdbx_validate_symm_contact.auth_seq_id_1     419 
_pdbx_validate_symm_contact.PDB_ins_code_1    ? 
_pdbx_validate_symm_contact.label_alt_id_1    ? 
_pdbx_validate_symm_contact.site_symmetry_1   1_555 
_pdbx_validate_symm_contact.auth_atom_id_2    O 
_pdbx_validate_symm_contact.auth_asym_id_2    B 
_pdbx_validate_symm_contact.auth_comp_id_2    HOH 
_pdbx_validate_symm_contact.auth_seq_id_2     419 
_pdbx_validate_symm_contact.PDB_ins_code_2    ? 
_pdbx_validate_symm_contact.label_alt_id_2    ? 
_pdbx_validate_symm_contact.site_symmetry_2   2_455 
_pdbx_validate_symm_contact.dist              1.61 
# 
_pdbx_validate_torsion.id              1 
_pdbx_validate_torsion.PDB_model_num   1 
_pdbx_validate_torsion.auth_comp_id    ASP 
_pdbx_validate_torsion.auth_asym_id    B 
_pdbx_validate_torsion.auth_seq_id     152 
_pdbx_validate_torsion.PDB_ins_code    ? 
_pdbx_validate_torsion.label_alt_id    ? 
_pdbx_validate_torsion.phi             -109.32 
_pdbx_validate_torsion.psi             53.58 
# 
_pdbx_struct_special_symmetry.id              1 
_pdbx_struct_special_symmetry.PDB_model_num   1 
_pdbx_struct_special_symmetry.auth_asym_id    B 
_pdbx_struct_special_symmetry.auth_comp_id    HOH 
_pdbx_struct_special_symmetry.auth_seq_id     384 
_pdbx_struct_special_symmetry.PDB_ins_code    ? 
_pdbx_struct_special_symmetry.label_asym_id   E 
_pdbx_struct_special_symmetry.label_comp_id   HOH 
_pdbx_struct_special_symmetry.label_seq_id    . 
# 
_phasing.method   MR 
# 
loop_
_pdbx_unobs_or_zero_occ_residues.id 
_pdbx_unobs_or_zero_occ_residues.PDB_model_num 
_pdbx_unobs_or_zero_occ_residues.polymer_flag 
_pdbx_unobs_or_zero_occ_residues.occupancy_flag 
_pdbx_unobs_or_zero_occ_residues.auth_asym_id 
_pdbx_unobs_or_zero_occ_residues.auth_comp_id 
_pdbx_unobs_or_zero_occ_residues.auth_seq_id 
_pdbx_unobs_or_zero_occ_residues.PDB_ins_code 
_pdbx_unobs_or_zero_occ_residues.label_asym_id 
_pdbx_unobs_or_zero_occ_residues.label_comp_id 
_pdbx_unobs_or_zero_occ_residues.label_seq_id 
1 1 Y 1 B MET 7   ? A MET 1   
2 1 Y 1 B LYS 193 ? A LYS 187 
3 1 Y 1 B MET 194 ? A MET 188 
# 
loop_
_chem_comp_atom.comp_id 
_chem_comp_atom.atom_id 
_chem_comp_atom.type_symbol 
_chem_comp_atom.pdbx_aromatic_flag 
_chem_comp_atom.pdbx_stereo_config 
_chem_comp_atom.pdbx_ordinal 
ALA N    N N N 1   
ALA CA   C N S 2   
ALA C    C N N 3   
ALA O    O N N 4   
ALA CB   C N N 5   
ALA OXT  O N N 6   
ALA H    H N N 7   
ALA H2   H N N 8   
ALA HA   H N N 9   
ALA HB1  H N N 10  
ALA HB2  H N N 11  
ALA HB3  H N N 12  
ALA HXT  H N N 13  
ARG N    N N N 14  
ARG CA   C N S 15  
ARG C    C N N 16  
ARG O    O N N 17  
ARG CB   C N N 18  
ARG CG   C N N 19  
ARG CD   C N N 20  
ARG NE   N N N 21  
ARG CZ   C N N 22  
ARG NH1  N N N 23  
ARG NH2  N N N 24  
ARG OXT  O N N 25  
ARG H    H N N 26  
ARG H2   H N N 27  
ARG HA   H N N 28  
ARG HB2  H N N 29  
ARG HB3  H N N 30  
ARG HG2  H N N 31  
ARG HG3  H N N 32  
ARG HD2  H N N 33  
ARG HD3  H N N 34  
ARG HE   H N N 35  
ARG HH11 H N N 36  
ARG HH12 H N N 37  
ARG HH21 H N N 38  
ARG HH22 H N N 39  
ARG HXT  H N N 40  
ASN N    N N N 41  
ASN CA   C N S 42  
ASN C    C N N 43  
ASN O    O N N 44  
ASN CB   C N N 45  
ASN CG   C N N 46  
ASN OD1  O N N 47  
ASN ND2  N N N 48  
ASN OXT  O N N 49  
ASN H    H N N 50  
ASN H2   H N N 51  
ASN HA   H N N 52  
ASN HB2  H N N 53  
ASN HB3  H N N 54  
ASN HD21 H N N 55  
ASN HD22 H N N 56  
ASN HXT  H N N 57  
ASP N    N N N 58  
ASP CA   C N S 59  
ASP C    C N N 60  
ASP O    O N N 61  
ASP CB   C N N 62  
ASP CG   C N N 63  
ASP OD1  O N N 64  
ASP OD2  O N N 65  
ASP OXT  O N N 66  
ASP H    H N N 67  
ASP H2   H N N 68  
ASP HA   H N N 69  
ASP HB2  H N N 70  
ASP HB3  H N N 71  
ASP HD2  H N N 72  
ASP HXT  H N N 73  
CYS N    N N N 74  
CYS CA   C N R 75  
CYS C    C N N 76  
CYS O    O N N 77  
CYS CB   C N N 78  
CYS SG   S N N 79  
CYS OXT  O N N 80  
CYS H    H N N 81  
CYS H2   H N N 82  
CYS HA   H N N 83  
CYS HB2  H N N 84  
CYS HB3  H N N 85  
CYS HG   H N N 86  
CYS HXT  H N N 87  
EDO C1   C N N 88  
EDO O1   O N N 89  
EDO C2   C N N 90  
EDO O2   O N N 91  
EDO H11  H N N 92  
EDO H12  H N N 93  
EDO HO1  H N N 94  
EDO H21  H N N 95  
EDO H22  H N N 96  
EDO HO2  H N N 97  
GLN N    N N N 98  
GLN CA   C N S 99  
GLN C    C N N 100 
GLN O    O N N 101 
GLN CB   C N N 102 
GLN CG   C N N 103 
GLN CD   C N N 104 
GLN OE1  O N N 105 
GLN NE2  N N N 106 
GLN OXT  O N N 107 
GLN H    H N N 108 
GLN H2   H N N 109 
GLN HA   H N N 110 
GLN HB2  H N N 111 
GLN HB3  H N N 112 
GLN HG2  H N N 113 
GLN HG3  H N N 114 
GLN HE21 H N N 115 
GLN HE22 H N N 116 
GLN HXT  H N N 117 
GLU N    N N N 118 
GLU CA   C N S 119 
GLU C    C N N 120 
GLU O    O N N 121 
GLU CB   C N N 122 
GLU CG   C N N 123 
GLU CD   C N N 124 
GLU OE1  O N N 125 
GLU OE2  O N N 126 
GLU OXT  O N N 127 
GLU H    H N N 128 
GLU H2   H N N 129 
GLU HA   H N N 130 
GLU HB2  H N N 131 
GLU HB3  H N N 132 
GLU HG2  H N N 133 
GLU HG3  H N N 134 
GLU HE2  H N N 135 
GLU HXT  H N N 136 
GLY N    N N N 137 
GLY CA   C N N 138 
GLY C    C N N 139 
GLY O    O N N 140 
GLY OXT  O N N 141 
GLY H    H N N 142 
GLY H2   H N N 143 
GLY HA2  H N N 144 
GLY HA3  H N N 145 
GLY HXT  H N N 146 
HIS N    N N N 147 
HIS CA   C N S 148 
HIS C    C N N 149 
HIS O    O N N 150 
HIS CB   C N N 151 
HIS CG   C Y N 152 
HIS ND1  N Y N 153 
HIS CD2  C Y N 154 
HIS CE1  C Y N 155 
HIS NE2  N Y N 156 
HIS OXT  O N N 157 
HIS H    H N N 158 
HIS H2   H N N 159 
HIS HA   H N N 160 
HIS HB2  H N N 161 
HIS HB3  H N N 162 
HIS HD1  H N N 163 
HIS HD2  H N N 164 
HIS HE1  H N N 165 
HIS HE2  H N N 166 
HIS HXT  H N N 167 
HOH O    O N N 168 
HOH H1   H N N 169 
HOH H2   H N N 170 
ILE N    N N N 171 
ILE CA   C N S 172 
ILE C    C N N 173 
ILE O    O N N 174 
ILE CB   C N S 175 
ILE CG1  C N N 176 
ILE CG2  C N N 177 
ILE CD1  C N N 178 
ILE OXT  O N N 179 
ILE H    H N N 180 
ILE H2   H N N 181 
ILE HA   H N N 182 
ILE HB   H N N 183 
ILE HG12 H N N 184 
ILE HG13 H N N 185 
ILE HG21 H N N 186 
ILE HG22 H N N 187 
ILE HG23 H N N 188 
ILE HD11 H N N 189 
ILE HD12 H N N 190 
ILE HD13 H N N 191 
ILE HXT  H N N 192 
LEU N    N N N 193 
LEU CA   C N S 194 
LEU C    C N N 195 
LEU O    O N N 196 
LEU CB   C N N 197 
LEU CG   C N N 198 
LEU CD1  C N N 199 
LEU CD2  C N N 200 
LEU OXT  O N N 201 
LEU H    H N N 202 
LEU H2   H N N 203 
LEU HA   H N N 204 
LEU HB2  H N N 205 
LEU HB3  H N N 206 
LEU HG   H N N 207 
LEU HD11 H N N 208 
LEU HD12 H N N 209 
LEU HD13 H N N 210 
LEU HD21 H N N 211 
LEU HD22 H N N 212 
LEU HD23 H N N 213 
LEU HXT  H N N 214 
LYS N    N N N 215 
LYS CA   C N S 216 
LYS C    C N N 217 
LYS O    O N N 218 
LYS CB   C N N 219 
LYS CG   C N N 220 
LYS CD   C N N 221 
LYS CE   C N N 222 
LYS NZ   N N N 223 
LYS OXT  O N N 224 
LYS H    H N N 225 
LYS H2   H N N 226 
LYS HA   H N N 227 
LYS HB2  H N N 228 
LYS HB3  H N N 229 
LYS HG2  H N N 230 
LYS HG3  H N N 231 
LYS HD2  H N N 232 
LYS HD3  H N N 233 
LYS HE2  H N N 234 
LYS HE3  H N N 235 
LYS HZ1  H N N 236 
LYS HZ2  H N N 237 
LYS HZ3  H N N 238 
LYS HXT  H N N 239 
MET N    N N N 240 
MET CA   C N S 241 
MET C    C N N 242 
MET O    O N N 243 
MET CB   C N N 244 
MET CG   C N N 245 
MET SD   S N N 246 
MET CE   C N N 247 
MET OXT  O N N 248 
MET H    H N N 249 
MET H2   H N N 250 
MET HA   H N N 251 
MET HB2  H N N 252 
MET HB3  H N N 253 
MET HG2  H N N 254 
MET HG3  H N N 255 
MET HE1  H N N 256 
MET HE2  H N N 257 
MET HE3  H N N 258 
MET HXT  H N N 259 
PHE N    N N N 260 
PHE CA   C N S 261 
PHE C    C N N 262 
PHE O    O N N 263 
PHE CB   C N N 264 
PHE CG   C Y N 265 
PHE CD1  C Y N 266 
PHE CD2  C Y N 267 
PHE CE1  C Y N 268 
PHE CE2  C Y N 269 
PHE CZ   C Y N 270 
PHE OXT  O N N 271 
PHE H    H N N 272 
PHE H2   H N N 273 
PHE HA   H N N 274 
PHE HB2  H N N 275 
PHE HB3  H N N 276 
PHE HD1  H N N 277 
PHE HD2  H N N 278 
PHE HE1  H N N 279 
PHE HE2  H N N 280 
PHE HZ   H N N 281 
PHE HXT  H N N 282 
PRO N    N N N 283 
PRO CA   C N S 284 
PRO C    C N N 285 
PRO O    O N N 286 
PRO CB   C N N 287 
PRO CG   C N N 288 
PRO CD   C N N 289 
PRO OXT  O N N 290 
PRO H    H N N 291 
PRO HA   H N N 292 
PRO HB2  H N N 293 
PRO HB3  H N N 294 
PRO HG2  H N N 295 
PRO HG3  H N N 296 
PRO HD2  H N N 297 
PRO HD3  H N N 298 
PRO HXT  H N N 299 
SER N    N N N 300 
SER CA   C N S 301 
SER C    C N N 302 
SER O    O N N 303 
SER CB   C N N 304 
SER OG   O N N 305 
SER OXT  O N N 306 
SER H    H N N 307 
SER H2   H N N 308 
SER HA   H N N 309 
SER HB2  H N N 310 
SER HB3  H N N 311 
SER HG   H N N 312 
SER HXT  H N N 313 
SO4 S    S N N 314 
SO4 O1   O N N 315 
SO4 O2   O N N 316 
SO4 O3   O N N 317 
SO4 O4   O N N 318 
THR N    N N N 319 
THR CA   C N S 320 
THR C    C N N 321 
THR O    O N N 322 
THR CB   C N R 323 
THR OG1  O N N 324 
THR CG2  C N N 325 
THR OXT  O N N 326 
THR H    H N N 327 
THR H2   H N N 328 
THR HA   H N N 329 
THR HB   H N N 330 
THR HG1  H N N 331 
THR HG21 H N N 332 
THR HG22 H N N 333 
THR HG23 H N N 334 
THR HXT  H N N 335 
TRP N    N N N 336 
TRP CA   C N S 337 
TRP C    C N N 338 
TRP O    O N N 339 
TRP CB   C N N 340 
TRP CG   C Y N 341 
TRP CD1  C Y N 342 
TRP CD2  C Y N 343 
TRP NE1  N Y N 344 
TRP CE2  C Y N 345 
TRP CE3  C Y N 346 
TRP CZ2  C Y N 347 
TRP CZ3  C Y N 348 
TRP CH2  C Y N 349 
TRP OXT  O N N 350 
TRP H    H N N 351 
TRP H2   H N N 352 
TRP HA   H N N 353 
TRP HB2  H N N 354 
TRP HB3  H N N 355 
TRP HD1  H N N 356 
TRP HE1  H N N 357 
TRP HE3  H N N 358 
TRP HZ2  H N N 359 
TRP HZ3  H N N 360 
TRP HH2  H N N 361 
TRP HXT  H N N 362 
TYR N    N N N 363 
TYR CA   C N S 364 
TYR C    C N N 365 
TYR O    O N N 366 
TYR CB   C N N 367 
TYR CG   C Y N 368 
TYR CD1  C Y N 369 
TYR CD2  C Y N 370 
TYR CE1  C Y N 371 
TYR CE2  C Y N 372 
TYR CZ   C Y N 373 
TYR OH   O N N 374 
TYR OXT  O N N 375 
TYR H    H N N 376 
TYR H2   H N N 377 
TYR HA   H N N 378 
TYR HB2  H N N 379 
TYR HB3  H N N 380 
TYR HD1  H N N 381 
TYR HD2  H N N 382 
TYR HE1  H N N 383 
TYR HE2  H N N 384 
TYR HH   H N N 385 
TYR HXT  H N N 386 
UXG C4   C Y N 387 
UXG C5   C Y N 388 
UXG C6   C Y N 389 
UXG C7   C Y N 390 
UXG C8   C Y N 391 
UXG C10  C Y N 392 
UXG C13  C Y N 393 
UXG C15  C Y N 394 
UXG N    N N N 395 
UXG C    C N N 396 
UXG O    O N N 397 
UXG C1   C N N 398 
UXG C11  C Y N 399 
UXG C12  C Y N 400 
UXG C14  C Y N 401 
UXG C2   C N N 402 
UXG C3   C N N 403 
UXG C9   C Y N 404 
UXG H1   H N N 405 
UXG H2   H N N 406 
UXG H3   H N N 407 
UXG H4   H N N 408 
UXG H5   H N N 409 
UXG H6   H N N 410 
UXG H8   H N N 411 
UXG H9   H N N 412 
UXG H10  H N N 413 
UXG H11  H N N 414 
UXG H12  H N N 415 
UXG H13  H N N 416 
UXG H14  H N N 417 
UXG H15  H N N 418 
UXG H16  H N N 419 
UXG H17  H N N 420 
UXG H18  H N N 421 
VAL N    N N N 422 
VAL CA   C N S 423 
VAL C    C N N 424 
VAL O    O N N 425 
VAL CB   C N N 426 
VAL CG1  C N N 427 
VAL CG2  C N N 428 
VAL OXT  O N N 429 
VAL H    H N N 430 
VAL H2   H N N 431 
VAL HA   H N N 432 
VAL HB   H N N 433 
VAL HG11 H N N 434 
VAL HG12 H N N 435 
VAL HG13 H N N 436 
VAL HG21 H N N 437 
VAL HG22 H N N 438 
VAL HG23 H N N 439 
VAL HXT  H N N 440 
# 
loop_
_chem_comp_bond.comp_id 
_chem_comp_bond.atom_id_1 
_chem_comp_bond.atom_id_2 
_chem_comp_bond.value_order 
_chem_comp_bond.pdbx_aromatic_flag 
_chem_comp_bond.pdbx_stereo_config 
_chem_comp_bond.pdbx_ordinal 
ALA N   CA   sing N N 1   
ALA N   H    sing N N 2   
ALA N   H2   sing N N 3   
ALA CA  C    sing N N 4   
ALA CA  CB   sing N N 5   
ALA CA  HA   sing N N 6   
ALA C   O    doub N N 7   
ALA C   OXT  sing N N 8   
ALA CB  HB1  sing N N 9   
ALA CB  HB2  sing N N 10  
ALA CB  HB3  sing N N 11  
ALA OXT HXT  sing N N 12  
ARG N   CA   sing N N 13  
ARG N   H    sing N N 14  
ARG N   H2   sing N N 15  
ARG CA  C    sing N N 16  
ARG CA  CB   sing N N 17  
ARG CA  HA   sing N N 18  
ARG C   O    doub N N 19  
ARG C   OXT  sing N N 20  
ARG CB  CG   sing N N 21  
ARG CB  HB2  sing N N 22  
ARG CB  HB3  sing N N 23  
ARG CG  CD   sing N N 24  
ARG CG  HG2  sing N N 25  
ARG CG  HG3  sing N N 26  
ARG CD  NE   sing N N 27  
ARG CD  HD2  sing N N 28  
ARG CD  HD3  sing N N 29  
ARG NE  CZ   sing N N 30  
ARG NE  HE   sing N N 31  
ARG CZ  NH1  sing N N 32  
ARG CZ  NH2  doub N N 33  
ARG NH1 HH11 sing N N 34  
ARG NH1 HH12 sing N N 35  
ARG NH2 HH21 sing N N 36  
ARG NH2 HH22 sing N N 37  
ARG OXT HXT  sing N N 38  
ASN N   CA   sing N N 39  
ASN N   H    sing N N 40  
ASN N   H2   sing N N 41  
ASN CA  C    sing N N 42  
ASN CA  CB   sing N N 43  
ASN CA  HA   sing N N 44  
ASN C   O    doub N N 45  
ASN C   OXT  sing N N 46  
ASN CB  CG   sing N N 47  
ASN CB  HB2  sing N N 48  
ASN CB  HB3  sing N N 49  
ASN CG  OD1  doub N N 50  
ASN CG  ND2  sing N N 51  
ASN ND2 HD21 sing N N 52  
ASN ND2 HD22 sing N N 53  
ASN OXT HXT  sing N N 54  
ASP N   CA   sing N N 55  
ASP N   H    sing N N 56  
ASP N   H2   sing N N 57  
ASP CA  C    sing N N 58  
ASP CA  CB   sing N N 59  
ASP CA  HA   sing N N 60  
ASP C   O    doub N N 61  
ASP C   OXT  sing N N 62  
ASP CB  CG   sing N N 63  
ASP CB  HB2  sing N N 64  
ASP CB  HB3  sing N N 65  
ASP CG  OD1  doub N N 66  
ASP CG  OD2  sing N N 67  
ASP OD2 HD2  sing N N 68  
ASP OXT HXT  sing N N 69  
CYS N   CA   sing N N 70  
CYS N   H    sing N N 71  
CYS N   H2   sing N N 72  
CYS CA  C    sing N N 73  
CYS CA  CB   sing N N 74  
CYS CA  HA   sing N N 75  
CYS C   O    doub N N 76  
CYS C   OXT  sing N N 77  
CYS CB  SG   sing N N 78  
CYS CB  HB2  sing N N 79  
CYS CB  HB3  sing N N 80  
CYS SG  HG   sing N N 81  
CYS OXT HXT  sing N N 82  
EDO C1  O1   sing N N 83  
EDO C1  C2   sing N N 84  
EDO C1  H11  sing N N 85  
EDO C1  H12  sing N N 86  
EDO O1  HO1  sing N N 87  
EDO C2  O2   sing N N 88  
EDO C2  H21  sing N N 89  
EDO C2  H22  sing N N 90  
EDO O2  HO2  sing N N 91  
GLN N   CA   sing N N 92  
GLN N   H    sing N N 93  
GLN N   H2   sing N N 94  
GLN CA  C    sing N N 95  
GLN CA  CB   sing N N 96  
GLN CA  HA   sing N N 97  
GLN C   O    doub N N 98  
GLN C   OXT  sing N N 99  
GLN CB  CG   sing N N 100 
GLN CB  HB2  sing N N 101 
GLN CB  HB3  sing N N 102 
GLN CG  CD   sing N N 103 
GLN CG  HG2  sing N N 104 
GLN CG  HG3  sing N N 105 
GLN CD  OE1  doub N N 106 
GLN CD  NE2  sing N N 107 
GLN NE2 HE21 sing N N 108 
GLN NE2 HE22 sing N N 109 
GLN OXT HXT  sing N N 110 
GLU N   CA   sing N N 111 
GLU N   H    sing N N 112 
GLU N   H2   sing N N 113 
GLU CA  C    sing N N 114 
GLU CA  CB   sing N N 115 
GLU CA  HA   sing N N 116 
GLU C   O    doub N N 117 
GLU C   OXT  sing N N 118 
GLU CB  CG   sing N N 119 
GLU CB  HB2  sing N N 120 
GLU CB  HB3  sing N N 121 
GLU CG  CD   sing N N 122 
GLU CG  HG2  sing N N 123 
GLU CG  HG3  sing N N 124 
GLU CD  OE1  doub N N 125 
GLU CD  OE2  sing N N 126 
GLU OE2 HE2  sing N N 127 
GLU OXT HXT  sing N N 128 
GLY N   CA   sing N N 129 
GLY N   H    sing N N 130 
GLY N   H2   sing N N 131 
GLY CA  C    sing N N 132 
GLY CA  HA2  sing N N 133 
GLY CA  HA3  sing N N 134 
GLY C   O    doub N N 135 
GLY C   OXT  sing N N 136 
GLY OXT HXT  sing N N 137 
HIS N   CA   sing N N 138 
HIS N   H    sing N N 139 
HIS N   H2   sing N N 140 
HIS CA  C    sing N N 141 
HIS CA  CB   sing N N 142 
HIS CA  HA   sing N N 143 
HIS C   O    doub N N 144 
HIS C   OXT  sing N N 145 
HIS CB  CG   sing N N 146 
HIS CB  HB2  sing N N 147 
HIS CB  HB3  sing N N 148 
HIS CG  ND1  sing Y N 149 
HIS CG  CD2  doub Y N 150 
HIS ND1 CE1  doub Y N 151 
HIS ND1 HD1  sing N N 152 
HIS CD2 NE2  sing Y N 153 
HIS CD2 HD2  sing N N 154 
HIS CE1 NE2  sing Y N 155 
HIS CE1 HE1  sing N N 156 
HIS NE2 HE2  sing N N 157 
HIS OXT HXT  sing N N 158 
HOH O   H1   sing N N 159 
HOH O   H2   sing N N 160 
ILE N   CA   sing N N 161 
ILE N   H    sing N N 162 
ILE N   H2   sing N N 163 
ILE CA  C    sing N N 164 
ILE CA  CB   sing N N 165 
ILE CA  HA   sing N N 166 
ILE C   O    doub N N 167 
ILE C   OXT  sing N N 168 
ILE CB  CG1  sing N N 169 
ILE CB  CG2  sing N N 170 
ILE CB  HB   sing N N 171 
ILE CG1 CD1  sing N N 172 
ILE CG1 HG12 sing N N 173 
ILE CG1 HG13 sing N N 174 
ILE CG2 HG21 sing N N 175 
ILE CG2 HG22 sing N N 176 
ILE CG2 HG23 sing N N 177 
ILE CD1 HD11 sing N N 178 
ILE CD1 HD12 sing N N 179 
ILE CD1 HD13 sing N N 180 
ILE OXT HXT  sing N N 181 
LEU N   CA   sing N N 182 
LEU N   H    sing N N 183 
LEU N   H2   sing N N 184 
LEU CA  C    sing N N 185 
LEU CA  CB   sing N N 186 
LEU CA  HA   sing N N 187 
LEU C   O    doub N N 188 
LEU C   OXT  sing N N 189 
LEU CB  CG   sing N N 190 
LEU CB  HB2  sing N N 191 
LEU CB  HB3  sing N N 192 
LEU CG  CD1  sing N N 193 
LEU CG  CD2  sing N N 194 
LEU CG  HG   sing N N 195 
LEU CD1 HD11 sing N N 196 
LEU CD1 HD12 sing N N 197 
LEU CD1 HD13 sing N N 198 
LEU CD2 HD21 sing N N 199 
LEU CD2 HD22 sing N N 200 
LEU CD2 HD23 sing N N 201 
LEU OXT HXT  sing N N 202 
LYS N   CA   sing N N 203 
LYS N   H    sing N N 204 
LYS N   H2   sing N N 205 
LYS CA  C    sing N N 206 
LYS CA  CB   sing N N 207 
LYS CA  HA   sing N N 208 
LYS C   O    doub N N 209 
LYS C   OXT  sing N N 210 
LYS CB  CG   sing N N 211 
LYS CB  HB2  sing N N 212 
LYS CB  HB3  sing N N 213 
LYS CG  CD   sing N N 214 
LYS CG  HG2  sing N N 215 
LYS CG  HG3  sing N N 216 
LYS CD  CE   sing N N 217 
LYS CD  HD2  sing N N 218 
LYS CD  HD3  sing N N 219 
LYS CE  NZ   sing N N 220 
LYS CE  HE2  sing N N 221 
LYS CE  HE3  sing N N 222 
LYS NZ  HZ1  sing N N 223 
LYS NZ  HZ2  sing N N 224 
LYS NZ  HZ3  sing N N 225 
LYS OXT HXT  sing N N 226 
MET N   CA   sing N N 227 
MET N   H    sing N N 228 
MET N   H2   sing N N 229 
MET CA  C    sing N N 230 
MET CA  CB   sing N N 231 
MET CA  HA   sing N N 232 
MET C   O    doub N N 233 
MET C   OXT  sing N N 234 
MET CB  CG   sing N N 235 
MET CB  HB2  sing N N 236 
MET CB  HB3  sing N N 237 
MET CG  SD   sing N N 238 
MET CG  HG2  sing N N 239 
MET CG  HG3  sing N N 240 
MET SD  CE   sing N N 241 
MET CE  HE1  sing N N 242 
MET CE  HE2  sing N N 243 
MET CE  HE3  sing N N 244 
MET OXT HXT  sing N N 245 
PHE N   CA   sing N N 246 
PHE N   H    sing N N 247 
PHE N   H2   sing N N 248 
PHE CA  C    sing N N 249 
PHE CA  CB   sing N N 250 
PHE CA  HA   sing N N 251 
PHE C   O    doub N N 252 
PHE C   OXT  sing N N 253 
PHE CB  CG   sing N N 254 
PHE CB  HB2  sing N N 255 
PHE CB  HB3  sing N N 256 
PHE CG  CD1  doub Y N 257 
PHE CG  CD2  sing Y N 258 
PHE CD1 CE1  sing Y N 259 
PHE CD1 HD1  sing N N 260 
PHE CD2 CE2  doub Y N 261 
PHE CD2 HD2  sing N N 262 
PHE CE1 CZ   doub Y N 263 
PHE CE1 HE1  sing N N 264 
PHE CE2 CZ   sing Y N 265 
PHE CE2 HE2  sing N N 266 
PHE CZ  HZ   sing N N 267 
PHE OXT HXT  sing N N 268 
PRO N   CA   sing N N 269 
PRO N   CD   sing N N 270 
PRO N   H    sing N N 271 
PRO CA  C    sing N N 272 
PRO CA  CB   sing N N 273 
PRO CA  HA   sing N N 274 
PRO C   O    doub N N 275 
PRO C   OXT  sing N N 276 
PRO CB  CG   sing N N 277 
PRO CB  HB2  sing N N 278 
PRO CB  HB3  sing N N 279 
PRO CG  CD   sing N N 280 
PRO CG  HG2  sing N N 281 
PRO CG  HG3  sing N N 282 
PRO CD  HD2  sing N N 283 
PRO CD  HD3  sing N N 284 
PRO OXT HXT  sing N N 285 
SER N   CA   sing N N 286 
SER N   H    sing N N 287 
SER N   H2   sing N N 288 
SER CA  C    sing N N 289 
SER CA  CB   sing N N 290 
SER CA  HA   sing N N 291 
SER C   O    doub N N 292 
SER C   OXT  sing N N 293 
SER CB  OG   sing N N 294 
SER CB  HB2  sing N N 295 
SER CB  HB3  sing N N 296 
SER OG  HG   sing N N 297 
SER OXT HXT  sing N N 298 
SO4 S   O1   doub N N 299 
SO4 S   O2   doub N N 300 
SO4 S   O3   sing N N 301 
SO4 S   O4   sing N N 302 
THR N   CA   sing N N 303 
THR N   H    sing N N 304 
THR N   H2   sing N N 305 
THR CA  C    sing N N 306 
THR CA  CB   sing N N 307 
THR CA  HA   sing N N 308 
THR C   O    doub N N 309 
THR C   OXT  sing N N 310 
THR CB  OG1  sing N N 311 
THR CB  CG2  sing N N 312 
THR CB  HB   sing N N 313 
THR OG1 HG1  sing N N 314 
THR CG2 HG21 sing N N 315 
THR CG2 HG22 sing N N 316 
THR CG2 HG23 sing N N 317 
THR OXT HXT  sing N N 318 
TRP N   CA   sing N N 319 
TRP N   H    sing N N 320 
TRP N   H2   sing N N 321 
TRP CA  C    sing N N 322 
TRP CA  CB   sing N N 323 
TRP CA  HA   sing N N 324 
TRP C   O    doub N N 325 
TRP C   OXT  sing N N 326 
TRP CB  CG   sing N N 327 
TRP CB  HB2  sing N N 328 
TRP CB  HB3  sing N N 329 
TRP CG  CD1  doub Y N 330 
TRP CG  CD2  sing Y N 331 
TRP CD1 NE1  sing Y N 332 
TRP CD1 HD1  sing N N 333 
TRP CD2 CE2  doub Y N 334 
TRP CD2 CE3  sing Y N 335 
TRP NE1 CE2  sing Y N 336 
TRP NE1 HE1  sing N N 337 
TRP CE2 CZ2  sing Y N 338 
TRP CE3 CZ3  doub Y N 339 
TRP CE3 HE3  sing N N 340 
TRP CZ2 CH2  doub Y N 341 
TRP CZ2 HZ2  sing N N 342 
TRP CZ3 CH2  sing Y N 343 
TRP CZ3 HZ3  sing N N 344 
TRP CH2 HH2  sing N N 345 
TRP OXT HXT  sing N N 346 
TYR N   CA   sing N N 347 
TYR N   H    sing N N 348 
TYR N   H2   sing N N 349 
TYR CA  C    sing N N 350 
TYR CA  CB   sing N N 351 
TYR CA  HA   sing N N 352 
TYR C   O    doub N N 353 
TYR C   OXT  sing N N 354 
TYR CB  CG   sing N N 355 
TYR CB  HB2  sing N N 356 
TYR CB  HB3  sing N N 357 
TYR CG  CD1  doub Y N 358 
TYR CG  CD2  sing Y N 359 
TYR CD1 CE1  sing Y N 360 
TYR CD1 HD1  sing N N 361 
TYR CD2 CE2  doub Y N 362 
TYR CD2 HD2  sing N N 363 
TYR CE1 CZ   doub Y N 364 
TYR CE1 HE1  sing N N 365 
TYR CE2 CZ   sing Y N 366 
TYR CE2 HE2  sing N N 367 
TYR CZ  OH   sing N N 368 
TYR OH  HH   sing N N 369 
TYR OXT HXT  sing N N 370 
UXG O   C    sing N N 371 
UXG C   C2   sing N N 372 
UXG C   C1   sing N N 373 
UXG C2  N    sing N N 374 
UXG C1  N    sing N N 375 
UXG N   C3   sing N N 376 
UXG C3  C4   sing N N 377 
UXG C3  C10  sing N N 378 
UXG C5  C4   doub Y N 379 
UXG C5  C6   sing Y N 380 
UXG C4  C9   sing Y N 381 
UXG C6  C7   doub Y N 382 
UXG C9  C8   doub Y N 383 
UXG C10 C11  doub Y N 384 
UXG C10 C15  sing Y N 385 
UXG C7  C8   sing Y N 386 
UXG C11 C12  sing Y N 387 
UXG C15 C14  doub Y N 388 
UXG C12 C13  doub Y N 389 
UXG C14 C13  sing Y N 390 
UXG C5  H1   sing N N 391 
UXG C6  H2   sing N N 392 
UXG C7  H3   sing N N 393 
UXG C8  H4   sing N N 394 
UXG C13 H5   sing N N 395 
UXG C15 H6   sing N N 396 
UXG C   H8   sing N N 397 
UXG O   H9   sing N N 398 
UXG C1  H10  sing N N 399 
UXG C1  H11  sing N N 400 
UXG C11 H12  sing N N 401 
UXG C12 H13  sing N N 402 
UXG C14 H14  sing N N 403 
UXG C2  H15  sing N N 404 
UXG C2  H16  sing N N 405 
UXG C3  H17  sing N N 406 
UXG C9  H18  sing N N 407 
VAL N   CA   sing N N 408 
VAL N   H    sing N N 409 
VAL N   H2   sing N N 410 
VAL CA  C    sing N N 411 
VAL CA  CB   sing N N 412 
VAL CA  HA   sing N N 413 
VAL C   O    doub N N 414 
VAL C   OXT  sing N N 415 
VAL CB  CG1  sing N N 416 
VAL CB  CG2  sing N N 417 
VAL CB  HB   sing N N 418 
VAL CG1 HG11 sing N N 419 
VAL CG1 HG12 sing N N 420 
VAL CG1 HG13 sing N N 421 
VAL CG2 HG21 sing N N 422 
VAL CG2 HG22 sing N N 423 
VAL CG2 HG23 sing N N 424 
VAL OXT HXT  sing N N 425 
# 
_pdbx_audit_support.ordinal                1 
_pdbx_audit_support.funding_organization   'European Union (EU)' 
_pdbx_audit_support.grant_number           875510 
_pdbx_audit_support.country                'European Union' 
# 
_pdbx_deposit_group.group_id            G_1002320 
_pdbx_deposit_group.group_description   
;PRYSPRY domain of murine TRIM21 screened against the DSI-poised Fragment Library by X-ray Crystallography at the XChem facility of Diamon Light Source
;
_pdbx_deposit_group.group_title         'PanDDA analysis group deposition' 
_pdbx_deposit_group.group_type          'changed state' 
# 
_pdbx_initial_refinement_model.id               1 
_pdbx_initial_refinement_model.entity_id_list   ? 
_pdbx_initial_refinement_model.type             'experimental model' 
_pdbx_initial_refinement_model.source_name      PDB 
_pdbx_initial_refinement_model.accession_code   2VOK 
_pdbx_initial_refinement_model.details          ? 
# 
_atom_sites.entry_id                    7HLE 
_atom_sites.fract_transf_matrix[1][1]   -0.00568063 
_atom_sites.fract_transf_matrix[1][2]   -0.00469578 
_atom_sites.fract_transf_matrix[1][3]   -0.00737862 
_atom_sites.fract_transf_matrix[2][1]   -0.00721640 
_atom_sites.fract_transf_matrix[2][2]   -0.00245451 
_atom_sites.fract_transf_matrix[2][3]   0.00711780 
_atom_sites.fract_transf_matrix[3][1]   -0.01036907 
_atom_sites.fract_transf_matrix[3][2]   0.01884913 
_atom_sites.fract_transf_matrix[3][3]   -0.00401275 
_atom_sites.fract_transf_vector[1]      -0.298519 
_atom_sites.fract_transf_vector[2]      -0.117515 
_atom_sites.fract_transf_vector[3]      -0.504016 
# 
loop_
_atom_type.symbol 
C 
N 
O 
S 
# 
loop_
_atom_site.group_PDB 
_atom_site.id 
_atom_site.type_symbol 
_atom_site.label_atom_id 
_atom_site.label_alt_id 
_atom_site.label_comp_id 
_atom_site.label_asym_id 
_atom_site.label_entity_id 
_atom_site.label_seq_id 
_atom_site.pdbx_PDB_ins_code 
_atom_site.Cartn_x 
_atom_site.Cartn_y 
_atom_site.Cartn_z 
_atom_site.occupancy 
_atom_site.B_iso_or_equiv 
_atom_site.pdbx_formal_charge 
_atom_site.auth_seq_id 
_atom_site.auth_comp_id 
_atom_site.auth_asym_id 
_atom_site.auth_atom_id 
_atom_site.pdbx_PDB_model_num 
ATOM   1    N N   . HIS A 1 2   ? -13.535 4.905   -14.075 1.00 104.58 ? 8   HIS B N   1 
ATOM   2    C CA  . HIS A 1 2   ? -12.753 3.702   -14.511 1.00 102.07 ? 8   HIS B CA  1 
ATOM   3    C C   . HIS A 1 2   ? -13.655 2.459   -14.502 1.00 106.47 ? 8   HIS B C   1 
ATOM   4    O O   . HIS A 1 2   ? -14.578 2.395   -13.652 1.00 105.84 ? 8   HIS B O   1 
ATOM   5    C CB  . HIS A 1 2   ? -11.511 3.508   -13.623 1.00 94.51  ? 8   HIS B CB  1 
ATOM   6    C CG  . HIS A 1 2   ? -11.826 2.984   -12.260 1.00 85.78  ? 8   HIS B CG  1 
ATOM   7    N ND1 . HIS A 1 2   ? -11.868 1.632   -11.981 1.00 82.54  ? 8   HIS B ND1 1 
ATOM   8    C CD2 . HIS A 1 2   ? -12.136 3.619   -11.108 1.00 80.29  ? 8   HIS B CD2 1 
ATOM   9    C CE1 . HIS A 1 2   ? -12.191 1.458   -10.717 1.00 81.40  ? 8   HIS B CE1 1 
ATOM   10   N NE2 . HIS A 1 2   ? -12.354 2.661   -10.157 1.00 76.76  ? 8   HIS B NE2 1 
ATOM   11   N N   . HIS A 1 3   ? -13.371 1.505   -15.398 1.00 105.08 ? 9   HIS B N   1 
ATOM   12   C CA  . HIS A 1 3   ? -14.091 0.209   -15.552 1.00 101.91 ? 9   HIS B CA  1 
ATOM   13   C C   . HIS A 1 3   ? -13.126 -0.965  -15.287 1.00 90.63  ? 9   HIS B C   1 
ATOM   14   O O   . HIS A 1 3   ? -13.196 -1.963  -16.038 1.00 87.48  ? 9   HIS B O   1 
ATOM   15   C CB  . HIS A 1 3   ? -14.763 0.153   -16.939 1.00 107.50 ? 9   HIS B CB  1 
ATOM   16   C CG  . HIS A 1 3   ? -15.729 1.269   -17.205 1.00 111.79 ? 9   HIS B CG  1 
ATOM   17   N ND1 . HIS A 1 3   ? -16.875 1.464   -16.444 1.00 109.17 ? 9   HIS B ND1 1 
ATOM   18   C CD2 . HIS A 1 3   ? -15.741 2.233   -18.153 1.00 111.28 ? 9   HIS B CD2 1 
ATOM   19   C CE1 . HIS A 1 3   ? -17.538 2.507   -16.907 1.00 108.49 ? 9   HIS B CE1 1 
ATOM   20   N NE2 . HIS A 1 3   ? -16.865 2.995   -17.957 1.00 109.53 ? 9   HIS B NE2 1 
ATOM   21   N N   . HIS A 1 4   ? -12.282 -0.853  -14.244 1.00 77.19  ? 10  HIS B N   1 
ATOM   22   C CA  . HIS A 1 4   ? -11.206 -1.818  -13.863 1.00 63.52  ? 10  HIS B CA  1 
ATOM   23   C C   . HIS A 1 4   ? -11.731 -2.865  -12.865 1.00 61.97  ? 10  HIS B C   1 
ATOM   24   O O   . HIS A 1 4   ? -11.077 -3.932  -12.735 1.00 51.45  ? 10  HIS B O   1 
ATOM   25   C CB  . HIS A 1 4   ? -9.986  -1.072  -13.296 1.00 53.94  ? 10  HIS B CB  1 
ATOM   26   C CG  . HIS A 1 4   ? -9.273  -0.215  -14.290 1.00 53.44  ? 10  HIS B CG  1 
ATOM   27   N ND1 . HIS A 1 4   ? -8.964  -0.649  -15.580 1.00 53.98  ? 10  HIS B ND1 1 
ATOM   28   C CD2 . HIS A 1 4   ? -8.770  1.032   -14.189 1.00 48.80  ? 10  HIS B CD2 1 
ATOM   29   C CE1 . HIS A 1 4   ? -8.317  0.301   -16.225 1.00 55.66  ? 10  HIS B CE1 1 
ATOM   30   N NE2 . HIS A 1 4   ? -8.180  1.343   -15.392 1.00 55.52  ? 10  HIS B NE2 1 
ATOM   31   N N   . HIS A 1 5   ? -12.876 -2.583  -12.221 1.00 62.53  ? 11  HIS B N   1 
ATOM   32   C CA  . HIS A 1 5   ? -13.516 -3.380  -11.133 1.00 68.55  ? 11  HIS B CA  1 
ATOM   33   C C   . HIS A 1 5   ? -13.513 -4.885  -11.454 1.00 68.65  ? 11  HIS B C   1 
ATOM   34   O O   . HIS A 1 5   ? -13.342 -5.679  -10.494 1.00 66.97  ? 11  HIS B O   1 
ATOM   35   C CB  . HIS A 1 5   ? -14.955 -2.899  -10.858 1.00 75.40  ? 11  HIS B CB  1 
ATOM   36   C CG  . HIS A 1 5   ? -15.093 -1.439  -10.566 1.00 87.02  ? 11  HIS B CG  1 
ATOM   37   N ND1 . HIS A 1 5   ? -15.759 -0.573  -11.424 1.00 98.07  ? 11  HIS B ND1 1 
ATOM   38   C CD2 . HIS A 1 5   ? -14.677 -0.687  -9.523  1.00 93.06  ? 11  HIS B CD2 1 
ATOM   39   C CE1 . HIS A 1 5   ? -15.736 0.649   -10.923 1.00 97.99  ? 11  HIS B CE1 1 
ATOM   40   N NE2 . HIS A 1 5   ? -15.078 0.605   -9.755  1.00 97.51  ? 11  HIS B NE2 1 
ATOM   41   N N   . HIS A 1 6   ? -13.699 -5.263  -12.732 1.00 62.29  ? 12  HIS B N   1 
ATOM   42   C CA  . HIS A 1 6   ? -13.854 -6.668  -13.214 1.00 56.48  ? 12  HIS B CA  1 
ATOM   43   C C   . HIS A 1 6   ? -12.527 -7.447  -13.214 1.00 49.57  ? 12  HIS B C   1 
ATOM   44   O O   . HIS A 1 6   ? -12.592 -8.675  -13.398 1.00 54.49  ? 12  HIS B O   1 
ATOM   45   C CB  . HIS A 1 6   ? -14.532 -6.703  -14.593 1.00 63.72  ? 12  HIS B CB  1 
ATOM   46   C CG  . HIS A 1 6   ? -13.693 -6.213  -15.727 1.00 67.64  ? 12  HIS B CG  1 
ATOM   47   N ND1 . HIS A 1 6   ? -12.908 -7.065  -16.488 1.00 71.79  ? 12  HIS B ND1 1 
ATOM   48   C CD2 . HIS A 1 6   ? -13.548 -4.981  -16.257 1.00 69.25  ? 12  HIS B CD2 1 
ATOM   49   C CE1 . HIS A 1 6   ? -12.300 -6.372  -17.431 1.00 67.18  ? 12  HIS B CE1 1 
ATOM   50   N NE2 . HIS A 1 6   ? -12.674 -5.090  -17.310 1.00 75.04  ? 12  HIS B NE2 1 
ATOM   51   N N   . HIS A 1 7   ? -11.372 -6.792  -13.017 1.00 41.27  ? 13  HIS B N   1 
ATOM   52   C CA  . HIS A 1 7   ? -10.064 -7.453  -12.710 1.00 35.43  ? 13  HIS B CA  1 
ATOM   53   C C   . HIS A 1 7   ? -9.846  -7.539  -11.198 1.00 32.71  ? 13  HIS B C   1 
ATOM   54   O O   . HIS A 1 7   ? -8.664  -7.642  -10.770 1.00 24.77  ? 13  HIS B O   1 
ATOM   55   C CB  . HIS A 1 7   ? -8.903  -6.691  -13.362 1.00 33.24  ? 13  HIS B CB  1 
ATOM   56   C CG  . HIS A 1 7   ? -9.053  -6.608  -14.836 1.00 35.23  ? 13  HIS B CG  1 
ATOM   57   N ND1 . HIS A 1 7   ? -9.006  -7.743  -15.628 1.00 33.57  ? 13  HIS B ND1 1 
ATOM   58   C CD2 . HIS A 1 7   ? -9.263  -5.556  -15.656 1.00 38.30  ? 13  HIS B CD2 1 
ATOM   59   C CE1 . HIS A 1 7   ? -9.175  -7.393  -16.893 1.00 33.38  ? 13  HIS B CE1 1 
ATOM   60   N NE2 . HIS A 1 7   ? -9.347  -6.056  -16.942 1.00 38.62  ? 13  HIS B NE2 1 
ATOM   61   N N   . MET A 1 8   ? -10.930 -7.436  -10.429 1.00 32.22  ? 14  MET B N   1 
ATOM   62   C CA  . MET A 1 8   ? -10.928 -7.472  -8.940  1.00 33.73  ? 14  MET B CA  1 
ATOM   63   C C   . MET A 1 8   ? -10.224 -8.759  -8.475  1.00 34.03  ? 14  MET B C   1 
ATOM   64   O O   . MET A 1 8   ? -10.468 -9.845  -9.032  1.00 35.51  ? 14  MET B O   1 
ATOM   65   C CB  . MET A 1 8   ? -12.355 -7.376  -8.383  1.00 43.38  ? 14  MET B CB  1 
ATOM   66   C CG  . MET A 1 8   ? -12.479 -7.334  -6.837  1.00 51.32  ? 14  MET B CG  1 
ATOM   67   S SD  . MET A 1 8   ? -11.955 -5.780  -5.967  1.00 61.10  ? 14  MET B SD  1 
ATOM   68   C CE  . MET A 1 8   ? -13.386 -4.717  -6.154  1.00 56.56  ? 14  MET B CE  1 
ATOM   69   N N   . VAL A 1 9   ? -9.314  -8.633  -7.506  1.00 25.37  ? 15  VAL B N   1 
ATOM   70   C CA  . VAL A 1 9   ? -8.644  -9.794  -6.875  1.00 26.78  ? 15  VAL B CA  1 
ATOM   71   C C   . VAL A 1 9   ? -8.874  -9.690  -5.355  1.00 29.16  ? 15  VAL B C   1 
ATOM   72   O O   . VAL A 1 9   ? -9.004  -8.558  -4.836  1.00 27.86  ? 15  VAL B O   1 
ATOM   73   C CB  . VAL A 1 9   ? -7.154  -9.861  -7.265  1.00 29.55  ? 15  VAL B CB  1 
ATOM   74   C CG1 . VAL A 1 9   ? -6.999  -10.143 -8.759  1.00 32.28  ? 15  VAL B CG1 1 
ATOM   75   C CG2 . VAL A 1 9   ? -6.377  -8.607  -6.875  1.00 29.94  ? 15  VAL B CG2 1 
ATOM   76   N N   . HIS A 1 10  ? -8.923  -10.835 -4.670  1.00 28.28  ? 16  HIS B N   1 
ATOM   77   C CA  . HIS A 1 10  ? -9.166  -10.935 -3.206  1.00 26.72  ? 16  HIS B CA  1 
ATOM   78   C C   . HIS A 1 10  ? -7.790  -10.896 -2.528  1.00 25.46  ? 16  HIS B C   1 
ATOM   79   O O   . HIS A 1 10  ? -7.048  -11.884 -2.600  1.00 29.12  ? 16  HIS B O   1 
ATOM   80   C CB  . HIS A 1 10  ? -9.945  -12.202 -2.855  1.00 28.66  ? 16  HIS B CB  1 
ATOM   81   C CG  . HIS A 1 10  ? -10.314 -12.321 -1.405  1.00 33.11  ? 16  HIS B CG  1 
ATOM   82   N ND1 . HIS A 1 10  ? -11.360 -11.605 -0.820  1.00 36.85  ? 16  HIS B ND1 1 
ATOM   83   C CD2 . HIS A 1 10  ? -9.773  -13.072 -0.410  1.00 35.60  ? 16  HIS B CD2 1 
ATOM   84   C CE1 . HIS A 1 10  ? -11.445 -11.917 0.468   1.00 33.63  ? 16  HIS B CE1 1 
ATOM   85   N NE2 . HIS A 1 10  ? -10.482 -12.824 0.746   1.00 36.41  ? 16  HIS B NE2 1 
ATOM   86   N N   . ILE A 1 11  ? -7.425  -9.756  -1.950  1.00 19.78  ? 17  ILE B N   1 
ATOM   87   C CA  . ILE A 1 11  ? -6.086  -9.589  -1.332  1.00 20.87  ? 17  ILE B CA  1 
ATOM   88   C C   . ILE A 1 11  ? -6.216  -9.939  0.154   1.00 20.29  ? 17  ILE B C   1 
ATOM   89   O O   . ILE A 1 11  ? -7.208  -9.586  0.774   1.00 20.74  ? 17  ILE B O   1 
ATOM   90   C CB  . ILE A 1 11  ? -5.567  -8.155  -1.525  1.00 20.58  ? 17  ILE B CB  1 
ATOM   91   C CG1 . ILE A 1 11  ? -5.421  -7.806  -3.014  1.00 21.09  ? 17  ILE B CG1 1 
ATOM   92   C CG2 . ILE A 1 11  ? -4.272  -7.965  -0.732  1.00 20.89  ? 17  ILE B CG2 1 
ATOM   93   C CD1 . ILE A 1 11  ? -4.591  -8.789  -3.850  1.00 21.87  ? 17  ILE B CD1 1 
ATOM   94   N N   . THR A 1 12  ? -5.233  -10.648 0.672   1.00 18.95  ? 18  THR B N   1 
ATOM   95   C CA  . THR A 1 12  ? -5.097  -10.885 2.124   1.00 20.60  ? 18  THR B CA  1 
ATOM   96   C C   . THR A 1 12  ? -3.695  -10.475 2.567   1.00 19.78  ? 18  THR B C   1 
ATOM   97   O O   . THR A 1 12  ? -2.749  -10.459 1.753   1.00 21.78  ? 18  THR B O   1 
ATOM   98   C CB  . THR A 1 12  ? -5.386  -12.353 2.466   1.00 22.78  ? 18  THR B CB  1 
ATOM   99   O OG1 . THR A 1 12  ? -4.446  -13.177 1.807   1.00 23.18  ? 18  THR B OG1 1 
ATOM   100  C CG2 . THR A 1 12  ? -6.800  -12.781 2.134   1.00 26.49  ? 18  THR B CG2 1 
ATOM   101  N N   . LEU A 1 13  ? -3.553  -10.159 3.850   1.00 18.79  ? 19  LEU B N   1 
ATOM   102  C CA  . LEU A 1 13  ? -2.257  -9.687  4.380   1.00 19.11  ? 19  LEU B CA  1 
ATOM   103  C C   . LEU A 1 13  ? -1.404  -10.872 4.844   1.00 19.39  ? 19  LEU B C   1 
ATOM   104  O O   . LEU A 1 13  ? -1.965  -11.814 5.411   1.00 20.50  ? 19  LEU B O   1 
ATOM   105  C CB  . LEU A 1 13  ? -2.532  -8.694  5.510   1.00 18.75  ? 19  LEU B CB  1 
ATOM   106  C CG  . LEU A 1 13  ? -3.342  -7.474  5.078   1.00 21.21  ? 19  LEU B CG  1 
ATOM   107  C CD1 . LEU A 1 13  ? -3.815  -6.641  6.252   1.00 21.82  ? 19  LEU B CD1 1 
ATOM   108  C CD2 . LEU A 1 13  ? -2.538  -6.610  4.078   1.00 21.27  ? 19  LEU B CD2 1 
ATOM   109  N N   . ASP A 1 14  ? -0.111  -10.777 4.677   1.00 19.04  ? 20  ASP B N   1 
ATOM   110  C CA  . ASP A 1 14  ? 0.875   -11.807 5.086   1.00 18.80  ? 20  ASP B CA  1 
ATOM   111  C C   . ASP A 1 14  ? 1.497   -11.367 6.439   1.00 20.64  ? 20  ASP B C   1 
ATOM   112  O O   . ASP A 1 14  ? 2.391   -10.525 6.446   1.00 17.88  ? 20  ASP B O   1 
ATOM   113  C CB  . ASP A 1 14  ? 1.933   -12.029 4.004   1.00 19.03  ? 20  ASP B CB  1 
ATOM   114  C CG  . ASP A 1 14  ? 2.980   -13.102 4.288   1.00 24.35  ? 20  ASP B CG  1 
ATOM   115  O OD1 . ASP A 1 14  ? 3.037   -13.571 5.435   1.00 24.05  ? 20  ASP B OD1 1 
ATOM   116  O OD2 . ASP A 1 14  ? 3.794   -13.405 3.375   1.00 25.49  ? 20  ASP B OD2 1 
ATOM   117  N N   A ARG A 1 15  ? 1.009   -11.971 7.533   0.25 20.73  ? 21  ARG B N   1 
ATOM   118  N N   B ARG A 1 15  ? 1.059   -11.999 7.533   0.25 22.08  ? 21  ARG B N   1 
ATOM   119  C CA  A ARG A 1 15  ? 1.470   -11.779 8.941   0.25 22.67  ? 21  ARG B CA  1 
ATOM   120  C CA  B ARG A 1 15  ? 1.467   -11.693 8.937   0.25 24.63  ? 21  ARG B CA  1 
ATOM   121  C C   A ARG A 1 15  ? 2.998   -11.800 9.046   0.25 21.26  ? 21  ARG B C   1 
ATOM   122  C C   B ARG A 1 15  ? 2.972   -11.933 9.182   0.25 21.83  ? 21  ARG B C   1 
ATOM   123  O O   A ARG A 1 15  ? 3.576   -10.974 9.832   0.25 22.35  ? 21  ARG B O   1 
ATOM   124  O O   B ARG A 1 15  ? 3.487   -11.489 10.296  0.25 19.98  ? 21  ARG B O   1 
ATOM   125  C CB  A ARG A 1 15  ? 0.968   -12.920 9.836   0.25 23.13  ? 21  ARG B CB  1 
ATOM   126  C CB  B ARG A 1 15  ? 0.726   -12.597 9.930   0.25 27.91  ? 21  ARG B CB  1 
ATOM   127  C CG  A ARG A 1 15  ? -0.544  -13.017 9.912   0.25 25.28  ? 21  ARG B CG  1 
ATOM   128  C CG  B ARG A 1 15  ? -0.774  -12.360 10.018  0.25 32.04  ? 21  ARG B CG  1 
ATOM   129  C CD  A ARG A 1 15  ? -1.091  -14.096 10.836  0.25 24.92  ? 21  ARG B CD  1 
ATOM   130  C CD  B ARG A 1 15  ? -1.591  -13.296 9.135   0.25 36.25  ? 21  ARG B CD  1 
ATOM   131  N NE  A ARG A 1 15  ? -2.516  -13.857 11.014  0.25 24.02  ? 21  ARG B NE  1 
ATOM   132  N NE  B ARG A 1 15  ? -2.193  -14.430 9.843   0.25 38.27  ? 21  ARG B NE  1 
ATOM   133  C CZ  A ARG A 1 15  ? -2.996  -12.872 11.750  0.25 22.94  ? 21  ARG B CZ  1 
ATOM   134  C CZ  B ARG A 1 15  ? -1.875  -15.711 9.658   0.25 40.00  ? 21  ARG B CZ  1 
ATOM   135  N NH1 A ARG A 1 15  ? -2.157  -12.086 12.394  0.25 22.68  ? 21  ARG B NH1 1 
ATOM   136  N NH1 B ARG A 1 15  ? -0.944  -16.061 8.790   0.25 39.20  ? 21  ARG B NH1 1 
ATOM   137  N NH2 A ARG A 1 15  ? -4.294  -12.676 11.852  0.25 23.75  ? 21  ARG B NH2 1 
ATOM   138  N NH2 B ARG A 1 15  ? -2.504  -16.648 10.345  0.25 41.15  ? 21  ARG B NH2 1 
ATOM   139  N N   . ASN A 1 16  ? 3.635   -12.716 8.307   1.00 22.11  ? 22  ASN B N   1 
ATOM   140  C CA  . ASN A 1 16  ? 5.084   -12.966 8.451   1.00 23.43  ? 22  ASN B CA  1 
ATOM   141  C C   . ASN A 1 16  ? 5.902   -11.764 7.968   1.00 19.52  ? 22  ASN B C   1 
ATOM   142  O O   . ASN A 1 16  ? 7.012   -11.596 8.431   1.00 20.92  ? 22  ASN B O   1 
ATOM   143  C CB  . ASN A 1 16  ? 5.472   -14.274 7.763   1.00 27.77  ? 22  ASN B CB  1 
ATOM   144  C CG  . ASN A 1 16  ? 4.999   -15.465 8.568   1.00 34.41  ? 22  ASN B CG  1 
ATOM   145  O OD1 . ASN A 1 16  ? 4.628   -15.337 9.731   1.00 42.88  ? 22  ASN B OD1 1 
ATOM   146  N ND2 . ASN A 1 16  ? 4.988   -16.622 7.940   1.00 42.57  ? 22  ASN B ND2 1 
ATOM   147  N N   . THR A 1 17  ? 5.345   -10.914 7.068   1.00 18.08  ? 23  THR B N   1 
ATOM   148  C CA  . THR A 1 17  ? 6.043   -9.718  6.561   1.00 17.26  ? 23  THR B CA  1 
ATOM   149  C C   . THR A 1 17  ? 5.816   -8.509  7.467   1.00 15.58  ? 23  THR B C   1 
ATOM   150  O O   . THR A 1 17  ? 6.456   -7.491  7.232   1.00 16.82  ? 23  THR B O   1 
ATOM   151  C CB  . THR A 1 17  ? 5.634   -9.369  5.116   1.00 17.31  ? 23  THR B CB  1 
ATOM   152  O OG1 . THR A 1 17  ? 4.266   -8.940  5.117   1.00 16.76  ? 23  THR B OG1 1 
ATOM   153  C CG2 . THR A 1 17  ? 5.887   -10.526 4.156   1.00 19.57  ? 23  THR B CG2 1 
ATOM   154  N N   . ALA A 1 18  ? 4.867   -8.575  8.395   1.00 15.23  ? 24  ALA B N   1 
ATOM   155  C CA  . ALA A 1 18  ? 4.420   -7.374  9.136   1.00 15.79  ? 24  ALA B CA  1 
ATOM   156  C C   . ALA A 1 18  ? 5.495   -6.914  10.116  1.00 16.70  ? 24  ALA B C   1 
ATOM   157  O O   . ALA A 1 18  ? 6.112   -7.750  10.836  1.00 16.50  ? 24  ALA B O   1 
ATOM   158  C CB  . ALA A 1 18  ? 3.154   -7.643  9.880   1.00 17.40  ? 24  ALA B CB  1 
ATOM   159  N N   . ASN A 1 19  ? 5.651   -5.618  10.260  1.00 15.59  ? 25  ASN B N   1 
ATOM   160  C CA  . ASN A 1 19  ? 6.359   -5.032  11.411  1.00 15.06  ? 25  ASN B CA  1 
ATOM   161  C C   . ASN A 1 19  ? 5.745   -5.624  12.685  1.00 15.04  ? 25  ASN B C   1 
ATOM   162  O O   . ASN A 1 19  ? 4.520   -5.843  12.786  1.00 15.21  ? 25  ASN B O   1 
ATOM   163  C CB  . ASN A 1 19  ? 6.230   -3.518  11.284  1.00 16.18  ? 25  ASN B CB  1 
ATOM   164  C CG  . ASN A 1 19  ? 6.786   -2.815  12.493  1.00 19.50  ? 25  ASN B CG  1 
ATOM   165  O OD1 . ASN A 1 19  ? 6.092   -2.657  13.500  1.00 18.11  ? 25  ASN B OD1 1 
ATOM   166  N ND2 . ASN A 1 19  ? 8.032   -2.424  12.391  1.00 20.74  ? 25  ASN B ND2 1 
ATOM   167  N N   . SER A 1 20  ? 6.575   -5.808  13.700  1.00 15.90  ? 26  SER B N   1 
ATOM   168  C CA  . SER A 1 20  ? 6.209   -6.542  14.933  1.00 16.00  ? 26  SER B CA  1 
ATOM   169  C C   . SER A 1 20  ? 5.209   -5.761  15.785  1.00 16.74  ? 26  SER B C   1 
ATOM   170  O O   . SER A 1 20  ? 4.677   -6.394  16.699  1.00 17.78  ? 26  SER B O   1 
ATOM   171  C CB  . SER A 1 20  ? 7.449   -6.866  15.731  1.00 18.33  ? 26  SER B CB  1 
ATOM   172  O OG  . SER A 1 20  ? 8.034   -5.626  16.079  1.00 20.97  ? 26  SER B OG  1 
ATOM   173  N N   . TRP A 1 21  ? 4.887   -4.498  15.511  1.00 16.06  ? 27  TRP B N   1 
ATOM   174  C CA  . TRP A 1 21  ? 3.869   -3.734  16.255  1.00 16.12  ? 27  TRP B CA  1 
ATOM   175  C C   . TRP A 1 21  ? 2.513   -3.801  15.574  1.00 16.36  ? 27  TRP B C   1 
ATOM   176  O O   . TRP A 1 21  ? 1.561   -3.247  16.160  1.00 17.75  ? 27  TRP B O   1 
ATOM   177  C CB  . TRP A 1 21  ? 4.312   -2.306  16.446  1.00 16.92  ? 27  TRP B CB  1 
ATOM   178  C CG  . TRP A 1 21  ? 5.400   -2.135  17.464  1.00 18.42  ? 27  TRP B CG  1 
ATOM   179  C CD1 . TRP A 1 21  ? 6.571   -2.837  17.550  1.00 18.97  ? 27  TRP B CD1 1 
ATOM   180  C CD2 . TRP A 1 21  ? 5.428   -1.152  18.507  1.00 19.66  ? 27  TRP B CD2 1 
ATOM   181  N NE1 . TRP A 1 21  ? 7.327   -2.353  18.601  1.00 22.06  ? 27  TRP B NE1 1 
ATOM   182  C CE2 . TRP A 1 21  ? 6.671   -1.291  19.158  1.00 20.43  ? 27  TRP B CE2 1 
ATOM   183  C CE3 . TRP A 1 21  ? 4.561   -0.125  18.908  1.00 20.81  ? 27  TRP B CE3 1 
ATOM   184  C CZ2 . TRP A 1 21  ? 7.005   -0.501  20.264  1.00 24.31  ? 27  TRP B CZ2 1 
ATOM   185  C CZ3 . TRP A 1 21  ? 4.912   0.680   19.979  1.00 21.06  ? 27  TRP B CZ3 1 
ATOM   186  C CH2 . TRP A 1 21  ? 6.140   0.512   20.601  1.00 22.42  ? 27  TRP B CH2 1 
ATOM   187  N N   . LEU A 1 22  ? 2.412   -4.455  14.393  1.00 15.41  ? 28  LEU B N   1 
ATOM   188  C CA  . LEU A 1 22  ? 1.114   -4.456  13.665  1.00 16.25  ? 28  LEU B CA  1 
ATOM   189  C C   . LEU A 1 22  ? 0.200   -5.556  14.217  1.00 16.37  ? 28  LEU B C   1 
ATOM   190  O O   . LEU A 1 22  ? 0.674   -6.613  14.570  1.00 16.83  ? 28  LEU B O   1 
ATOM   191  C CB  . LEU A 1 22  ? 1.327   -4.611  12.158  1.00 14.50  ? 28  LEU B CB  1 
ATOM   192  C CG  . LEU A 1 22  ? 2.099   -3.480  11.501  1.00 16.12  ? 28  LEU B CG  1 
ATOM   193  C CD1 . LEU A 1 22  ? 2.200   -3.676  10.001  1.00 16.57  ? 28  LEU B CD1 1 
ATOM   194  C CD2 . LEU A 1 22  ? 1.521   -2.124  11.764  1.00 16.54  ? 28  LEU B CD2 1 
ATOM   195  N N   . ILE A 1 23  ? -1.093  -5.309  14.125  1.00 16.11  ? 29  ILE B N   1 
ATOM   196  C CA  . ILE A 1 23  ? -2.172  -6.268  14.440  1.00 16.25  ? 29  ILE B CA  1 
ATOM   197  C C   . ILE A 1 23  ? -2.975  -6.473  13.165  1.00 17.26  ? 29  ILE B C   1 
ATOM   198  O O   . ILE A 1 23  ? -3.632  -5.502  12.710  1.00 16.52  ? 29  ILE B O   1 
ATOM   199  C CB  . ILE A 1 23  ? -3.055  -5.788  15.596  1.00 17.56  ? 29  ILE B CB  1 
ATOM   200  C CG1 . ILE A 1 23  ? -2.242  -5.487  16.870  1.00 20.27  ? 29  ILE B CG1 1 
ATOM   201  C CG2 . ILE A 1 23  ? -4.144  -6.853  15.875  1.00 20.99  ? 29  ILE B CG2 1 
ATOM   202  C CD1 . ILE A 1 23  ? -2.979  -4.773  17.937  1.00 20.95  ? 29  ILE B CD1 1 
ATOM   203  N N   . ILE A 1 24  ? -2.899  -7.687  12.659  1.00 18.22  ? 30  ILE B N   1 
ATOM   204  C CA  . ILE A 1 24  ? -3.678  -8.130  11.475  1.00 20.02  ? 30  ILE B CA  1 
ATOM   205  C C   . ILE A 1 24  ? -4.909  -8.879  11.963  1.00 22.35  ? 30  ILE B C   1 
ATOM   206  O O   . ILE A 1 24  ? -4.759  -9.794  12.828  1.00 21.79  ? 30  ILE B O   1 
ATOM   207  C CB  . ILE A 1 24  ? -2.810  -8.962  10.528  1.00 20.01  ? 30  ILE B CB  1 
ATOM   208  C CG1 . ILE A 1 24  ? -1.754  -8.091  9.852   1.00 22.52  ? 30  ILE B CG1 1 
ATOM   209  C CG2 . ILE A 1 24  ? -3.662  -9.641  9.480   1.00 20.66  ? 30  ILE B CG2 1 
ATOM   210  C CD1 . ILE A 1 24  ? -0.589  -8.786  9.440   1.00 28.41  ? 30  ILE B CD1 1 
ATOM   211  N N   . SER A 1 25  ? -6.067  -8.567  11.406  1.00 19.91  ? 31  SER B N   1 
ATOM   212  C CA  . SER A 1 25  ? -7.348  -9.172  11.835  1.00 19.81  ? 31  SER B CA  1 
ATOM   213  C C   . SER A 1 25  ? -7.334  -10.678 11.506  1.00 20.12  ? 31  SER B C   1 
ATOM   214  O O   . SER A 1 25  ? -6.591  -11.121 10.624  1.00 19.53  ? 31  SER B O   1 
ATOM   215  C CB  . SER A 1 25  ? -8.488  -8.446  11.168  1.00 20.34  ? 31  SER B CB  1 
ATOM   216  O OG  . SER A 1 25  ? -8.348  -8.563  9.758   1.00 20.33  ? 31  SER B OG  1 
ATOM   217  N N   . LYS A 1 26  ? -8.206  -11.454 12.151  1.00 24.07  ? 32  LYS B N   1 
ATOM   218  C CA  . LYS A 1 26  ? -8.333  -12.912 11.906  1.00 24.46  ? 32  LYS B CA  1 
ATOM   219  C C   . LYS A 1 26  ? -8.546  -13.220 10.413  1.00 22.97  ? 32  LYS B C   1 
ATOM   220  O O   . LYS A 1 26  ? -7.944  -14.197 9.940   1.00 25.94  ? 32  LYS B O   1 
ATOM   221  C CB  . LYS A 1 26  ? -9.497  -13.396 12.774  1.00 28.87  ? 32  LYS B CB  1 
ATOM   222  C CG  . LYS A 1 26  ? -9.937  -14.822 12.531  1.00 33.70  ? 32  LYS B CG  1 
ATOM   223  C CD  . LYS A 1 26  ? -10.808 -15.316 13.654  1.00 33.83  ? 32  LYS B CD  1 
ATOM   224  C CE  . LYS A 1 26  ? -12.081 -14.517 13.817  1.00 40.08  ? 32  LYS B CE  1 
ATOM   225  N NZ  . LYS A 1 26  ? -12.743 -14.906 15.078  1.00 45.81  ? 32  LYS B NZ  1 
ATOM   226  N N   . ASP A 1 27  ? -9.371  -12.422 9.721   1.00 24.16  ? 33  ASP B N   1 
ATOM   227  C CA  . ASP A 1 27  ? -9.711  -12.636 8.282   1.00 23.84  ? 33  ASP B CA  1 
ATOM   228  C C   . ASP A 1 27  ? -8.569  -12.147 7.375   1.00 22.72  ? 33  ASP B C   1 
ATOM   229  O O   . ASP A 1 27  ? -8.688  -12.298 6.139   1.00 21.60  ? 33  ASP B O   1 
ATOM   230  C CB  . ASP A 1 27  ? -11.055 -11.998 7.929   1.00 24.54  ? 33  ASP B CB  1 
ATOM   231  C CG  . ASP A 1 27  ? -11.140 -10.481 7.950   1.00 25.15  ? 33  ASP B CG  1 
ATOM   232  O OD1 . ASP A 1 27  ? -10.121 -9.794  8.266   1.00 25.98  ? 33  ASP B OD1 1 
ATOM   233  O OD2 . ASP A 1 27  ? -12.230 -9.970  7.638   1.00 30.31  ? 33  ASP B OD2 1 
ATOM   234  N N   . ARG A 1 28  ? -7.523  -11.529 7.935   1.00 20.85  ? 34  ARG B N   1 
ATOM   235  C CA  . ARG A 1 28  ? -6.332  -11.074 7.179   1.00 19.92  ? 34  ARG B CA  1 
ATOM   236  C C   . ARG A 1 28  ? -6.745  -9.984  6.163   1.00 16.30  ? 34  ARG B C   1 
ATOM   237  O O   . ARG A 1 28  ? -5.991  -9.741  5.206   1.00 17.27  ? 34  ARG B O   1 
ATOM   238  C CB  . ARG A 1 28  ? -5.599  -12.270 6.553   1.00 23.02  ? 34  ARG B CB  1 
ATOM   239  C CG  . ARG A 1 28  ? -5.070  -13.261 7.589   1.00 27.58  ? 34  ARG B CG  1 
ATOM   240  C CD  . ARG A 1 28  ? -4.204  -14.393 7.094   1.00 36.32  ? 34  ARG B CD  1 
ATOM   241  N NE  . ARG A 1 28  ? -4.773  -15.118 5.979   1.00 48.06  ? 34  ARG B NE  1 
ATOM   242  C CZ  . ARG A 1 28  ? -4.372  -15.034 4.696   1.00 61.14  ? 34  ARG B CZ  1 
ATOM   243  N NH1 . ARG A 1 28  ? -3.369  -14.235 4.323   1.00 53.30  ? 34  ARG B NH1 1 
ATOM   244  N NH2 . ARG A 1 28  ? -4.984  -15.778 3.781   1.00 62.54  ? 34  ARG B NH2 1 
ATOM   245  N N   . ARG A 1 29  ? -7.780  -9.226  6.455   1.00 16.59  ? 35  ARG B N   1 
ATOM   246  C CA  . ARG A 1 29  ? -8.233  -8.118  5.585   1.00 18.92  ? 35  ARG B CA  1 
ATOM   247  C C   . ARG A 1 29  ? -8.080  -6.746  6.242   1.00 18.90  ? 35  ARG B C   1 
ATOM   248  O O   . ARG A 1 29  ? -8.310  -5.752  5.531   1.00 18.40  ? 35  ARG B O   1 
ATOM   249  C CB  . ARG A 1 29  ? -9.690  -8.330  5.174   1.00 20.26  ? 35  ARG B CB  1 
ATOM   250  C CG  . ARG A 1 29  ? -9.873  -9.622  4.396   1.00 21.25  ? 35  ARG B CG  1 
ATOM   251  C CD  . ARG A 1 29  ? -9.608  -9.476  2.918   1.00 24.54  ? 35  ARG B CD  1 
ATOM   252  N NE  . ARG A 1 29  ? -10.758 -8.803  2.313   1.00 25.51  ? 35  ARG B NE  1 
ATOM   253  C CZ  . ARG A 1 29  ? -10.818 -8.449  1.029   1.00 27.20  ? 35  ARG B CZ  1 
ATOM   254  N NH1 . ARG A 1 29  ? -9.802  -8.715  0.236   1.00 27.27  ? 35  ARG B NH1 1 
ATOM   255  N NH2 . ARG A 1 29  ? -11.888 -7.842  0.553   1.00 26.46  ? 35  ARG B NH2 1 
ATOM   256  N N   . GLN A 1 30  ? -7.665  -6.641  7.514   1.00 16.11  ? 36  GLN B N   1 
ATOM   257  C CA  . GLN A 1 30  ? -7.485  -5.344  8.217   1.00 15.82  ? 36  GLN B CA  1 
ATOM   258  C C   . GLN A 1 30  ? -6.157  -5.358  8.983   1.00 16.05  ? 36  GLN B C   1 
ATOM   259  O O   . GLN A 1 30  ? -5.659  -6.441  9.416   1.00 16.34  ? 36  GLN B O   1 
ATOM   260  C CB  . GLN A 1 30  ? -8.598  -5.009  9.203   1.00 18.19  ? 36  GLN B CB  1 
ATOM   261  C CG  . GLN A 1 30  ? -9.983  -5.145  8.618   1.00 22.14  ? 36  GLN B CG  1 
ATOM   262  C CD  . GLN A 1 30  ? -11.011 -4.605  9.581   1.00 25.95  ? 36  GLN B CD  1 
ATOM   263  O OE1 . GLN A 1 30  ? -10.726 -3.788  10.467  1.00 29.07  ? 36  GLN B OE1 1 
ATOM   264  N NE2 . GLN A 1 30  ? -12.243 -5.019  9.370   1.00 30.19  ? 36  GLN B NE2 1 
ATOM   265  N N   . VAL A 1 31  ? -5.512  -4.191  9.041   1.00 14.97  ? 37  VAL B N   1 
ATOM   266  C CA  . VAL A 1 31  ? -4.234  -4.039  9.785   1.00 15.32  ? 37  VAL B CA  1 
ATOM   267  C C   . VAL A 1 31  ? -4.267  -2.698  10.497  1.00 16.43  ? 37  VAL B C   1 
ATOM   268  O O   . VAL A 1 31  ? -4.722  -1.701  9.907   1.00 15.31  ? 37  VAL B O   1 
ATOM   269  C CB  . VAL A 1 31  ? -3.006  -4.236  8.881   1.00 14.64  ? 37  VAL B CB  1 
ATOM   270  C CG1 . VAL A 1 31  ? -2.989  -3.322  7.655   1.00 14.48  ? 37  VAL B CG1 1 
ATOM   271  C CG2 . VAL A 1 31  ? -1.692  -4.103  9.654   1.00 15.60  ? 37  VAL B CG2 1 
ATOM   272  N N   . ARG A 1 32  ? -3.785  -2.669  11.735  1.00 15.91  ? 38  ARG B N   1 
ATOM   273  C CA  . ARG A 1 32  ? -3.618  -1.421  12.485  1.00 15.64  ? 38  ARG B CA  1 
ATOM   274  C C   . ARG A 1 32  ? -2.344  -1.486  13.318  1.00 16.00  ? 38  ARG B C   1 
ATOM   275  O O   . ARG A 1 32  ? -1.821  -2.582  13.591  1.00 14.75  ? 38  ARG B O   1 
ATOM   276  C CB  . ARG A 1 32  ? -4.837  -1.137  13.381  1.00 16.25  ? 38  ARG B CB  1 
ATOM   277  C CG  . ARG A 1 32  ? -5.016  -2.096  14.548  1.00 19.83  ? 38  ARG B CG  1 
ATOM   278  C CD  . ARG A 1 32  ? -6.374  -1.891  15.213  1.00 21.77  ? 38  ARG B CD  1 
ATOM   279  N NE  . ARG A 1 32  ? -6.586  -2.830  16.317  1.00 25.17  ? 38  ARG B NE  1 
ATOM   280  C CZ  . ARG A 1 32  ? -6.159  -2.649  17.556  1.00 24.11  ? 38  ARG B CZ  1 
ATOM   281  N NH1 . ARG A 1 32  ? -5.463  -1.592  17.873  1.00 24.73  ? 38  ARG B NH1 1 
ATOM   282  N NH2 . ARG A 1 32  ? -6.393  -3.581  18.483  1.00 30.11  ? 38  ARG B NH2 1 
ATOM   283  N N   A MET A 1 33  ? -1.903  -0.299  13.727  0.38 17.03  ? 39  MET B N   1 
ATOM   284  N N   B MET A 1 33  ? -1.840  -0.321  13.721  0.29 18.37  ? 39  MET B N   1 
ATOM   285  C CA  A MET A 1 33  ? -0.739  -0.087  14.633  0.38 18.63  ? 39  MET B CA  1 
ATOM   286  C CA  B MET A 1 33  ? -0.608  -0.245  14.558  0.29 20.30  ? 39  MET B CA  1 
ATOM   287  C C   A MET A 1 33  ? -1.154  -0.475  16.058  0.38 18.97  ? 39  MET B C   1 
ATOM   288  C C   B MET A 1 33  ? -0.996  -0.372  16.031  0.29 20.16  ? 39  MET B C   1 
ATOM   289  O O   A MET A 1 33  ? -2.180  0.017   16.528  0.38 20.56  ? 39  MET B O   1 
ATOM   290  O O   B MET A 1 33  ? -1.758  0.500   16.509  0.29 19.57  ? 39  MET B O   1 
ATOM   291  C CB  A MET A 1 33  ? -0.339  1.390   14.580  0.38 18.91  ? 39  MET B CB  1 
ATOM   292  C CB  B MET A 1 33  ? 0.158   1.063   14.379  0.29 23.10  ? 39  MET B CB  1 
ATOM   293  C CG  A MET A 1 33  ? 0.907   1.736   15.386  0.38 21.41  ? 39  MET B CG  1 
ATOM   294  C CG  B MET A 1 33  ? 1.376   1.141   15.318  0.29 26.29  ? 39  MET B CG  1 
ATOM   295  S SD  A MET A 1 33  ? 2.371   0.752   14.873  0.38 22.83  ? 39  MET B SD  1 
ATOM   296  S SD  B MET A 1 33  ? 2.782   1.988   14.561  0.29 29.52  ? 39  MET B SD  1 
ATOM   297  C CE  A MET A 1 33  ? 3.683   1.918   15.237  0.38 22.61  ? 39  MET B CE  1 
ATOM   298  C CE  B MET A 1 33  ? 4.112   1.282   15.531  0.29 28.66  ? 39  MET B CE  1 
ATOM   299  N N   . GLY A 1 34  ? -0.415  -1.378  16.689  1.00 20.29  ? 40  GLY B N   1 
ATOM   300  C CA  . GLY A 1 34  ? -0.549  -1.633  18.145  1.00 22.40  ? 40  GLY B CA  1 
ATOM   301  C C   . GLY A 1 34  ? 0.140   -0.553  18.956  1.00 21.94  ? 40  GLY B C   1 
ATOM   302  O O   . GLY A 1 34  ? 0.902   0.213   18.432  1.00 21.49  ? 40  GLY B O   1 
ATOM   303  N N   . ASP A 1 35  ? -0.152  -0.588  20.260  0.67 28.50  ? 41  ASP B N   1 
ATOM   304  C CA  . ASP A 1 35  ? 0.495   0.294   21.265  0.67 29.01  ? 41  ASP B CA  1 
ATOM   305  C C   . ASP A 1 35  ? 1.779   -0.374  21.785  0.67 25.64  ? 41  ASP B C   1 
ATOM   306  O O   . ASP A 1 35  ? 2.479   0.291   22.566  0.67 25.79  ? 41  ASP B O   1 
ATOM   307  C CB  . ASP A 1 35  ? -0.476  0.681   22.384  0.67 34.70  ? 41  ASP B CB  1 
ATOM   308  C CG  . ASP A 1 35  ? -1.365  -0.451  22.856  0.67 37.40  ? 41  ASP B CG  1 
ATOM   309  O OD1 . ASP A 1 35  ? -2.582  -0.200  23.082  0.67 38.24  ? 41  ASP B OD1 1 
ATOM   310  O OD2 . ASP A 1 35  ? -0.850  -1.572  22.966  0.67 39.39  ? 41  ASP B OD2 1 
ATOM   311  N N   . THR A 1 36  ? 2.106   -1.600  21.355  0.67 23.23  ? 42  THR B N   1 
ATOM   312  C CA  . THR A 1 36  ? 3.392   -2.266  21.724  0.67 21.50  ? 42  THR B CA  1 
ATOM   313  C C   . THR A 1 36  ? 3.795   -3.333  20.704  0.67 21.81  ? 42  THR B C   1 
ATOM   314  O O   . THR A 1 36  ? 2.992   -3.712  19.810  0.67 16.87  ? 42  THR B O   1 
ATOM   315  C CB  . THR A 1 36  ? 3.314   -2.886  23.132  0.67 21.59  ? 42  THR B CB  1 
ATOM   316  O OG1 . THR A 1 36  ? 4.622   -3.279  23.568  0.67 23.44  ? 42  THR B OG1 1 
ATOM   317  C CG2 . THR A 1 36  ? 2.397   -4.088  23.194  0.67 21.73  ? 42  THR B CG2 1 
ATOM   318  N N   . HIS A 1 37  ? 4.997   -3.875  20.896  0.67 21.41  ? 43  HIS B N   1 
ATOM   319  C CA  . HIS A 1 37  ? 5.427   -5.160  20.299  0.67 21.77  ? 43  HIS B CA  1 
ATOM   320  C C   . HIS A 1 37  ? 4.335   -6.210  20.522  0.67 21.89  ? 43  HIS B C   1 
ATOM   321  O O   . HIS A 1 37  ? 3.983   -6.510  21.690  0.67 21.94  ? 43  HIS B O   1 
ATOM   322  C CB  . HIS A 1 37  ? 6.783   -5.550  20.882  0.67 21.43  ? 43  HIS B CB  1 
ATOM   323  C CG  . HIS A 1 37  ? 7.478   -6.650  20.171  0.67 20.35  ? 43  HIS B CG  1 
ATOM   324  N ND1 . HIS A 1 37  ? 7.029   -7.948  20.195  0.67 19.83  ? 43  HIS B ND1 1 
ATOM   325  C CD2 . HIS A 1 37  ? 8.629   -6.650  19.462  0.67 20.55  ? 43  HIS B CD2 1 
ATOM   326  C CE1 . HIS A 1 37  ? 7.865   -8.709  19.513  0.67 20.54  ? 43  HIS B CE1 1 
ATOM   327  N NE2 . HIS A 1 37  ? 8.853   -7.926  19.052  0.67 19.03  ? 43  HIS B NE2 1 
ATOM   328  N N   . GLN A 1 38  ? 3.868   -6.816  19.434  1.00 20.23  ? 44  GLN B N   1 
ATOM   329  C CA  . GLN A 1 38  ? 2.729   -7.771  19.434  1.00 21.46  ? 44  GLN B CA  1 
ATOM   330  C C   . GLN A 1 38  ? 3.123   -9.230  19.743  1.00 22.21  ? 44  GLN B C   1 
ATOM   331  O O   . GLN A 1 38  ? 2.328   -10.185 19.491  1.00 22.94  ? 44  GLN B O   1 
ATOM   332  C CB  . GLN A 1 38  ? 1.965   -7.608  18.112  1.00 21.81  ? 44  GLN B CB  1 
ATOM   333  C CG  . GLN A 1 38  ? 1.290   -6.256  18.009  1.00 20.38  ? 44  GLN B CG  1 
ATOM   334  C CD  . GLN A 1 38  ? 0.368   -5.958  19.164  1.00 19.94  ? 44  GLN B CD  1 
ATOM   335  O OE1 . GLN A 1 38  ? 0.452   -4.927  19.819  1.00 20.94  ? 44  GLN B OE1 1 
ATOM   336  N NE2 . GLN A 1 38  ? -0.457  -6.931  19.503  1.00 21.07  ? 44  GLN B NE2 1 
ATOM   337  N N   . ASN A 1 39  ? 4.265   -9.431  20.380  1.00 20.07  ? 45  ASN B N   1 
ATOM   338  C CA  . ASN A 1 39  ? 4.644   -10.742 20.999  1.00 20.07  ? 45  ASN B CA  1 
ATOM   339  C C   . ASN A 1 39  ? 4.879   -11.818 19.957  1.00 21.39  ? 45  ASN B C   1 
ATOM   340  O O   . ASN A 1 39  ? 4.638   -13.023 20.207  1.00 26.07  ? 45  ASN B O   1 
ATOM   341  C CB  . ASN A 1 39  ? 3.637   -11.186 22.074  1.00 22.37  ? 45  ASN B CB  1 
ATOM   342  C CG  . ASN A 1 39  ? 4.289   -12.113 23.097  1.00 21.49  ? 45  ASN B CG  1 
ATOM   343  O OD1 . ASN A 1 39  ? 5.464   -11.966 23.403  1.00 20.47  ? 45  ASN B OD1 1 
ATOM   344  N ND2 . ASN A 1 39  ? 3.521   -13.034 23.667  1.00 20.58  ? 45  ASN B ND2 1 
ATOM   345  N N   . VAL A 1 40  ? 5.446   -11.412 18.814  1.00 23.16  ? 46  VAL B N   1 
ATOM   346  C CA  . VAL A 1 40  ? 5.827   -12.318 17.705  1.00 23.83  ? 46  VAL B CA  1 
ATOM   347  C C   . VAL A 1 40  ? 7.361   -12.430 17.674  1.00 21.58  ? 46  VAL B C   1 
ATOM   348  O O   . VAL A 1 40  ? 8.048   -11.493 18.088  1.00 21.46  ? 46  VAL B O   1 
ATOM   349  C CB  . VAL A 1 40  ? 5.298   -11.786 16.357  1.00 25.22  ? 46  VAL B CB  1 
ATOM   350  C CG1 . VAL A 1 40  ? 3.787   -11.915 16.238  1.00 27.96  ? 46  VAL B CG1 1 
ATOM   351  C CG2 . VAL A 1 40  ? 5.701   -10.346 16.083  1.00 27.02  ? 46  VAL B CG2 1 
ATOM   352  N N   . SER A 1 41  ? 7.879   -13.535 17.168  1.00 24.86  ? 47  SER B N   1 
ATOM   353  C CA  . SER A 1 41  ? 9.324   -13.708 16.911  1.00 25.66  ? 47  SER B CA  1 
ATOM   354  C C   . SER A 1 41  ? 9.777   -12.842 15.729  1.00 25.56  ? 47  SER B C   1 
ATOM   355  O O   . SER A 1 41  ? 8.960   -12.517 14.838  1.00 23.50  ? 47  SER B O   1 
ATOM   356  C CB  . SER A 1 41  ? 9.649   -15.161 16.684  1.00 29.61  ? 47  SER B CB  1 
ATOM   357  O OG  . SER A 1 41  ? 8.937   -15.624 15.557  1.00 29.99  ? 47  SER B OG  1 
ATOM   358  N N   . ASP A 1 42  ? 11.050  -12.460 15.718  1.00 23.71  ? 48  ASP B N   1 
ATOM   359  C CA  . ASP A 1 42  ? 11.628  -11.710 14.581  1.00 23.56  ? 48  ASP B CA  1 
ATOM   360  C C   . ASP A 1 42  ? 11.893  -12.699 13.441  1.00 24.64  ? 48  ASP B C   1 
ATOM   361  O O   . ASP A 1 42  ? 12.095  -13.890 13.694  1.00 24.93  ? 48  ASP B O   1 
ATOM   362  C CB  . ASP A 1 42  ? 12.832  -10.893 15.021  1.00 25.51  ? 48  ASP B CB  1 
ATOM   363  C CG  . ASP A 1 42  ? 13.273  -9.909  13.960  1.00 29.53  ? 48  ASP B CG  1 
ATOM   364  O OD1 . ASP A 1 42  ? 12.379  -9.272  13.265  1.00 23.15  ? 48  ASP B OD1 1 
ATOM   365  O OD2 . ASP A 1 42  ? 14.491  -9.842  13.778  1.00 34.28  ? 48  ASP B OD2 1 
ATOM   366  N N   . ASN A 1 43  ? 11.881  -12.222 12.191  1.00 23.01  ? 49  ASN B N   1 
ATOM   367  C CA  . ASN A 1 43  ? 12.249  -13.032 10.996  1.00 22.81  ? 49  ASN B CA  1 
ATOM   368  C C   . ASN A 1 43  ? 12.789  -12.062 9.941   1.00 24.05  ? 49  ASN B C   1 
ATOM   369  O O   . ASN A 1 43  ? 12.628  -10.819 10.098  1.00 25.30  ? 49  ASN B O   1 
ATOM   370  C CB  . ASN A 1 43  ? 11.111  -13.921 10.524  1.00 23.12  ? 49  ASN B CB  1 
ATOM   371  C CG  . ASN A 1 43  ? 9.974   -13.122 9.920   1.00 24.15  ? 49  ASN B CG  1 
ATOM   372  O OD1 . ASN A 1 43  ? 10.203  -12.352 8.996   1.00 29.26  ? 49  ASN B OD1 1 
ATOM   373  N ND2 . ASN A 1 43  ? 8.777   -13.319 10.402  1.00 24.27  ? 49  ASN B ND2 1 
ATOM   374  N N   . LYS A 1 44  ? 13.459  -12.574 8.925   1.00 24.50  ? 50  LYS B N   1 
ATOM   375  C CA  . LYS A 1 44  ? 14.132  -11.710 7.932   1.00 25.14  ? 50  LYS B CA  1 
ATOM   376  C C   . LYS A 1 44  ? 13.095  -11.044 6.988   1.00 21.29  ? 50  LYS B C   1 
ATOM   377  O O   . LYS A 1 44  ? 13.536  -10.049 6.288   1.00 21.93  ? 50  LYS B O   1 
ATOM   378  C CB  . LYS A 1 44  ? 15.098  -12.568 7.108   1.00 29.40  ? 50  LYS B CB  1 
ATOM   379  C CG  . LYS A 1 44  ? 14.415  -13.609 6.246   1.00 36.87  ? 50  LYS B CG  1 
ATOM   380  C CD  . LYS A 1 44  ? 15.358  -14.674 5.696   1.00 46.49  ? 50  LYS B CD  1 
ATOM   381  C CE  . LYS A 1 44  ? 14.961  -15.143 4.310   1.00 53.19  ? 50  LYS B CE  1 
ATOM   382  N NZ  . LYS A 1 44  ? 15.820  -16.272 3.876   1.00 59.99  ? 50  LYS B NZ  1 
ATOM   383  N N   . GLU A 1 45  ? 11.841  -11.526 6.947   1.00 20.88  ? 51  GLU B N   1 
ATOM   384  C CA  . GLU A 1 45  ? 10.770  -10.903 6.097   1.00 21.65  ? 51  GLU B CA  1 
ATOM   385  C C   . GLU A 1 45  ? 10.253  -9.583  6.702   1.00 20.57  ? 51  GLU B C   1 
ATOM   386  O O   . GLU A 1 45  ? 9.746   -8.709  5.935   1.00 22.43  ? 51  GLU B O   1 
ATOM   387  C CB  . GLU A 1 45  ? 9.604   -11.846 5.842   1.00 23.80  ? 51  GLU B CB  1 
ATOM   388  C CG  . GLU A 1 45  ? 10.003  -13.125 5.131   1.00 30.59  ? 51  GLU B CG  1 
ATOM   389  C CD  . GLU A 1 45  ? 8.802   -14.025 4.916   1.00 36.99  ? 51  GLU B CD  1 
ATOM   390  O OE1 . GLU A 1 45  ? 8.729   -15.069 5.602   1.00 48.36  ? 51  GLU B OE1 1 
ATOM   391  O OE2 . GLU A 1 45  ? 7.903   -13.658 4.135   1.00 45.10  ? 51  GLU B OE2 1 
ATOM   392  N N   . ARG A 1 46  ? 10.268  -9.424  8.020   1.00 17.70  ? 52  ARG B N   1 
ATOM   393  C CA  . ARG A 1 46  ? 9.554   -8.303  8.684   1.00 18.31  ? 52  ARG B CA  1 
ATOM   394  C C   . ARG A 1 46  ? 10.168  -6.946  8.340   1.00 17.18  ? 52  ARG B C   1 
ATOM   395  O O   . ARG A 1 46  ? 11.390  -6.743  8.411   1.00 19.29  ? 52  ARG B O   1 
ATOM   396  C CB  . ARG A 1 46  ? 9.526   -8.471  10.217  1.00 17.30  ? 52  ARG B CB  1 
ATOM   397  C CG  . ARG A 1 46  ? 8.753   -9.662  10.729  1.00 19.18  ? 52  ARG B CG  1 
ATOM   398  C CD  . ARG A 1 46  ? 8.476   -9.475  12.221  1.00 19.33  ? 52  ARG B CD  1 
ATOM   399  N NE  . ARG A 1 46  ? 7.919   -10.716 12.722  1.00 19.51  ? 52  ARG B NE  1 
ATOM   400  C CZ  . ARG A 1 46  ? 6.706   -11.185 12.406  1.00 21.27  ? 52  ARG B CZ  1 
ATOM   401  N NH1 . ARG A 1 46  ? 5.820   -10.461 11.710  1.00 20.30  ? 52  ARG B NH1 1 
ATOM   402  N NH2 . ARG A 1 46  ? 6.326   -12.366 12.861  1.00 24.68  ? 52  ARG B NH2 1 
ATOM   403  N N   . PHE A 1 47  ? 9.344   -5.955  7.987   1.00 16.32  ? 53  PHE B N   1 
ATOM   404  C CA  . PHE A 1 47  ? 9.807   -4.572  7.883   1.00 15.64  ? 53  PHE B CA  1 
ATOM   405  C C   . PHE A 1 47  ? 10.172  -4.077  9.296   1.00 17.94  ? 53  PHE B C   1 
ATOM   406  O O   . PHE A 1 47  ? 9.296   -4.035  10.173  1.00 19.02  ? 53  PHE B O   1 
ATOM   407  C CB  . PHE A 1 47  ? 8.768   -3.662  7.248   1.00 16.36  ? 53  PHE B CB  1 
ATOM   408  C CG  . PHE A 1 47  ? 8.588   -3.917  5.774   1.00 15.54  ? 53  PHE B CG  1 
ATOM   409  C CD1 . PHE A 1 47  ? 9.473   -3.339  4.875   1.00 16.35  ? 53  PHE B CD1 1 
ATOM   410  C CD2 . PHE A 1 47  ? 7.533   -4.685  5.288   1.00 17.78  ? 53  PHE B CD2 1 
ATOM   411  C CE1 . PHE A 1 47  ? 9.305   -3.528  3.504   1.00 15.97  ? 53  PHE B CE1 1 
ATOM   412  C CE2 . PHE A 1 47  ? 7.394   -4.865  3.920   1.00 17.26  ? 53  PHE B CE2 1 
ATOM   413  C CZ  . PHE A 1 47  ? 8.317   -4.331  3.037   1.00 15.87  ? 53  PHE B CZ  1 
ATOM   414  N N   . SER A 1 48  ? 11.416  -3.685  9.502   1.00 18.95  ? 54  SER B N   1 
ATOM   415  C CA  . SER A 1 48  ? 11.886  -3.347  10.866  1.00 19.38  ? 54  SER B CA  1 
ATOM   416  C C   . SER A 1 48  ? 11.608  -1.882  11.237  1.00 18.95  ? 54  SER B C   1 
ATOM   417  O O   . SER A 1 48  ? 11.308  -1.650  12.431  1.00 21.33  ? 54  SER B O   1 
ATOM   418  C CB  . SER A 1 48  ? 13.372  -3.674  11.036  1.00 20.11  ? 54  SER B CB  1 
ATOM   419  O OG  . SER A 1 48  ? 14.180  -2.918  10.160  1.00 20.37  ? 54  SER B OG  1 
ATOM   420  N N   . ASN A 1 49  ? 11.765  -0.898  10.372  1.00 17.83  ? 55  ASN B N   1 
ATOM   421  C CA  . ASN A 1 49  ? 11.825  0.544   10.726  1.00 18.98  ? 55  ASN B CA  1 
ATOM   422  C C   . ASN A 1 49  ? 10.486  1.263   10.589  1.00 17.66  ? 55  ASN B C   1 
ATOM   423  O O   . ASN A 1 49  ? 10.373  2.435   10.999  1.00 18.90  ? 55  ASN B O   1 
ATOM   424  C CB  . ASN A 1 49  ? 12.876  1.291   9.915   1.00 20.05  ? 55  ASN B CB  1 
ATOM   425  C CG  . ASN A 1 49  ? 14.314  0.963   10.314  1.00 22.38  ? 55  ASN B CG  1 
ATOM   426  O OD1 . ASN A 1 49  ? 14.658  -0.193  10.520  1.00 22.96  ? 55  ASN B OD1 1 
ATOM   427  N ND2 . ASN A 1 49  ? 15.168  1.980   10.346  1.00 25.96  ? 55  ASN B ND2 1 
ATOM   428  N N   . TYR A 1 50  ? 9.513   0.640   9.910   1.00 16.37  ? 56  TYR B N   1 
ATOM   429  C CA  . TYR A 1 50  ? 8.267   1.342   9.566   1.00 15.16  ? 56  TYR B CA  1 
ATOM   430  C C   . TYR A 1 50  ? 7.097   0.369   9.733   1.00 15.20  ? 56  TYR B C   1 
ATOM   431  O O   . TYR A 1 50  ? 7.267   -0.855  9.605   1.00 16.29  ? 56  TYR B O   1 
ATOM   432  C CB  . TYR A 1 50  ? 8.280   1.827   8.112   1.00 15.04  ? 56  TYR B CB  1 
ATOM   433  C CG  . TYR A 1 50  ? 9.532   2.557   7.683   1.00 16.83  ? 56  TYR B CG  1 
ATOM   434  C CD1 . TYR A 1 50  ? 9.787   3.854   8.109   1.00 18.19  ? 56  TYR B CD1 1 
ATOM   435  C CD2 . TYR A 1 50  ? 10.480  1.936   6.890   1.00 16.82  ? 56  TYR B CD2 1 
ATOM   436  C CE1 . TYR A 1 50  ? 10.949  4.530   7.718   1.00 21.16  ? 56  TYR B CE1 1 
ATOM   437  C CE2 . TYR A 1 50  ? 11.685  2.563   6.570   1.00 18.10  ? 56  TYR B CE2 1 
ATOM   438  C CZ  . TYR A 1 50  ? 11.895  3.881   6.947   1.00 19.94  ? 56  TYR B CZ  1 
ATOM   439  O OH  . TYR A 1 50  ? 13.061  4.520   6.566   1.00 20.14  ? 56  TYR B OH  1 
ATOM   440  N N   . PRO A 1 51  ? 5.867   0.898   9.942   1.00 14.69  ? 57  PRO B N   1 
ATOM   441  C CA  . PRO A 1 51  ? 4.678   0.054   10.173  1.00 14.89  ? 57  PRO B CA  1 
ATOM   442  C C   . PRO A 1 51  ? 4.071   -0.527  8.879   1.00 14.67  ? 57  PRO B C   1 
ATOM   443  O O   . PRO A 1 51  ? 2.929   -0.274  8.585   1.00 15.05  ? 57  PRO B O   1 
ATOM   444  C CB  . PRO A 1 51  ? 3.636   1.007   10.813  1.00 17.06  ? 57  PRO B CB  1 
ATOM   445  C CG  . PRO A 1 51  ? 4.463   2.236   11.214  1.00 16.88  ? 57  PRO B CG  1 
ATOM   446  C CD  . PRO A 1 51  ? 5.558   2.299   10.182  1.00 15.68  ? 57  PRO B CD  1 
ATOM   447  N N   . MET A 1 52  ? 4.886   -1.304  8.161   1.00 14.73  ? 58  MET B N   1 
ATOM   448  C CA  . MET A 1 52  ? 4.573   -1.867  6.816   1.00 13.15  ? 58  MET B CA  1 
ATOM   449  C C   . MET A 1 52  ? 4.274   -3.363  6.851   1.00 13.99  ? 58  MET B C   1 
ATOM   450  O O   . MET A 1 52  ? 4.714   -4.127  7.742   1.00 13.63  ? 58  MET B O   1 
ATOM   451  C CB  . MET A 1 52  ? 5.754   -1.611  5.865   1.00 13.58  ? 58  MET B CB  1 
ATOM   452  C CG  . MET A 1 52  ? 6.001   -0.123  5.621   1.00 13.52  ? 58  MET B CG  1 
ATOM   453  S SD  . MET A 1 52  ? 7.647   0.123   4.850   1.00 15.93  ? 58  MET B SD  1 
ATOM   454  C CE  . MET A 1 52  ? 7.680   1.885   4.583   1.00 15.91  ? 58  MET B CE  1 
ATOM   455  N N   . VAL A 1 53  ? 3.475   -3.796  5.869   1.00 13.82  ? 59  VAL B N   1 
ATOM   456  C CA  . VAL A 1 53  ? 3.100   -5.225  5.685   1.00 14.02  ? 59  VAL B CA  1 
ATOM   457  C C   . VAL A 1 53  ? 2.822   -5.427  4.187   1.00 15.73  ? 59  VAL B C   1 
ATOM   458  O O   . VAL A 1 53  ? 2.434   -4.447  3.484   1.00 14.53  ? 59  VAL B O   1 
ATOM   459  C CB  . VAL A 1 53  ? 1.920   -5.647  6.597   1.00 15.63  ? 59  VAL B CB  1 
ATOM   460  C CG1 . VAL A 1 53  ? 0.680   -4.853  6.261   1.00 15.04  ? 59  VAL B CG1 1 
ATOM   461  C CG2 . VAL A 1 53  ? 1.624   -7.148  6.558   1.00 16.13  ? 59  VAL B CG2 1 
ATOM   462  N N   . LEU A 1 54  ? 3.068   -6.626  3.705   1.00 15.23  ? 60  LEU B N   1 
ATOM   463  C CA  . LEU A 1 54  ? 2.734   -7.015  2.315   1.00 14.21  ? 60  LEU B CA  1 
ATOM   464  C C   . LEU A 1 54  ? 1.473   -7.859  2.228   1.00 15.33  ? 60  LEU B C   1 
ATOM   465  O O   . LEU A 1 54  ? 1.127   -8.654  3.181   1.00 15.66  ? 60  LEU B O   1 
ATOM   466  C CB  . LEU A 1 54  ? 3.883   -7.791  1.684   1.00 14.49  ? 60  LEU B CB  1 
ATOM   467  C CG  . LEU A 1 54  ? 5.229   -7.097  1.701   1.00 15.17  ? 60  LEU B CG  1 
ATOM   468  C CD1 . LEU A 1 54  ? 6.255   -7.889  0.939   1.00 18.32  ? 60  LEU B CD1 1 
ATOM   469  C CD2 . LEU A 1 54  ? 5.194   -5.660  1.153   1.00 15.79  ? 60  LEU B CD2 1 
ATOM   470  N N   . GLY A 1 55  ? 0.819   -7.794  1.067   1.00 15.83  ? 61  GLY B N   1 
ATOM   471  C CA  . GLY A 1 55  ? -0.201  -8.805  0.745   1.00 15.64  ? 61  GLY B CA  1 
ATOM   472  C C   . GLY A 1 55  ? 0.475   -10.162 0.512   1.00 15.44  ? 61  GLY B C   1 
ATOM   473  O O   . GLY A 1 55  ? 1.647   -10.202 0.056   1.00 18.07  ? 61  GLY B O   1 
ATOM   474  N N   . ALA A 1 56  ? -0.272  -11.230 0.653   1.00 16.95  ? 62  ALA B N   1 
ATOM   475  C CA  . ALA A 1 56  ? 0.206   -12.620 0.462   1.00 19.95  ? 62  ALA B CA  1 
ATOM   476  C C   . ALA A 1 56  ? 0.349   -12.911 -1.038  1.00 22.39  ? 62  ALA B C   1 
ATOM   477  O O   . ALA A 1 56  ? 1.233   -13.714 -1.436  1.00 25.71  ? 62  ALA B O   1 
ATOM   478  C CB  . ALA A 1 56  ? -0.775  -13.532 1.127   1.00 20.98  ? 62  ALA B CB  1 
ATOM   479  N N   . GLN A 1 57  ? -0.475  -12.266 -1.857  1.00 19.61  ? 63  GLN B N   1 
ATOM   480  C CA  . GLN A 1 57  ? -0.543  -12.579 -3.309  1.00 20.12  ? 63  GLN B CA  1 
ATOM   481  C C   . GLN A 1 57  ? 0.716   -12.053 -3.999  1.00 22.69  ? 63  GLN B C   1 
ATOM   482  O O   . GLN A 1 57  ? 1.213   -10.979 -3.639  1.00 21.39  ? 63  GLN B O   1 
ATOM   483  C CB  . GLN A 1 57  ? -1.822  -11.975 -3.913  1.00 21.94  ? 63  GLN B CB  1 
ATOM   484  C CG  . GLN A 1 57  ? -3.108  -12.668 -3.463  1.00 24.05  ? 63  GLN B CG  1 
ATOM   485  C CD  . GLN A 1 57  ? -3.449  -12.424 -2.003  1.00 22.87  ? 63  GLN B CD  1 
ATOM   486  O OE1 . GLN A 1 57  ? -3.262  -11.331 -1.489  1.00 21.31  ? 63  GLN B OE1 1 
ATOM   487  N NE2 . GLN A 1 57  ? -3.982  -13.416 -1.320  1.00 26.40  ? 63  GLN B NE2 1 
ATOM   488  N N   . ARG A 1 58  ? 1.236   -12.803 -4.977  1.00 20.61  ? 64  ARG B N   1 
ATOM   489  C CA  . ARG A 1 58  ? 2.359   -12.403 -5.852  1.00 22.17  ? 64  ARG B CA  1 
ATOM   490  C C   . ARG A 1 58  ? 1.846   -12.342 -7.297  1.00 20.78  ? 64  ARG B C   1 
ATOM   491  O O   . ARG A 1 58  ? 1.057   -13.248 -7.711  1.00 23.47  ? 64  ARG B O   1 
ATOM   492  C CB  . ARG A 1 58  ? 3.491   -13.443 -5.847  1.00 27.86  ? 64  ARG B CB  1 
ATOM   493  C CG  . ARG A 1 58  ? 4.494   -13.352 -4.705  1.00 35.04  ? 64  ARG B CG  1 
ATOM   494  C CD  . ARG A 1 58  ? 3.886   -13.655 -3.350  1.00 39.74  ? 64  ARG B CD  1 
ATOM   495  N NE  . ARG A 1 58  ? 4.706   -14.162 -2.228  1.00 45.91  ? 64  ARG B NE  1 
ATOM   496  C CZ  . ARG A 1 58  ? 6.013   -14.457 -2.207  1.00 44.30  ? 64  ARG B CZ  1 
ATOM   497  N NH1 . ARG A 1 58  ? 6.547   -14.887 -1.077  1.00 47.67  ? 64  ARG B NH1 1 
ATOM   498  N NH2 . ARG A 1 58  ? 6.800   -14.308 -3.257  1.00 54.85  ? 64  ARG B NH2 1 
ATOM   499  N N   . PHE A 1 59  ? 2.178   -11.281 -8.024  1.00 21.86  ? 65  PHE B N   1 
ATOM   500  C CA  . PHE A 1 59  ? 1.663   -11.077 -9.409  1.00 20.92  ? 65  PHE B CA  1 
ATOM   501  C C   . PHE A 1 59  ? 2.859   -10.918 -10.349 1.00 19.18  ? 65  PHE B C   1 
ATOM   502  O O   . PHE A 1 59  ? 3.730   -10.090 -10.107 1.00 16.58  ? 65  PHE B O   1 
ATOM   503  C CB  . PHE A 1 59  ? 0.774   -9.807  -9.473  1.00 22.53  ? 65  PHE B CB  1 
ATOM   504  C CG  . PHE A 1 59  ? -0.405  -9.831  -8.531  1.00 24.14  ? 65  PHE B CG  1 
ATOM   505  C CD1 . PHE A 1 59  ? -1.317  -10.877 -8.601  1.00 26.69  ? 65  PHE B CD1 1 
ATOM   506  C CD2 . PHE A 1 59  ? -0.613  -8.847  -7.599  1.00 29.02  ? 65  PHE B CD2 1 
ATOM   507  C CE1 . PHE A 1 59  ? -2.419  -10.943 -7.760  1.00 29.98  ? 65  PHE B CE1 1 
ATOM   508  C CE2 . PHE A 1 59  ? -1.740  -8.898  -6.777  1.00 25.74  ? 65  PHE B CE2 1 
ATOM   509  C CZ  . PHE A 1 59  ? -2.611  -9.951  -6.834  1.00 27.86  ? 65  PHE B CZ  1 
ATOM   510  N N   A SER A 1 60  ? 2.898   -11.695 -11.441 0.25 18.62  ? 66  SER B N   1 
ATOM   511  N N   B SER A 1 60  ? 2.885   -11.690 -11.444 0.25 19.55  ? 66  SER B N   1 
ATOM   512  C CA  A SER A 1 60  ? 3.984   -11.620 -12.455 0.25 18.48  ? 66  SER B CA  1 
ATOM   513  C CA  B SER A 1 60  ? 3.956   -11.627 -12.476 0.25 20.08  ? 66  SER B CA  1 
ATOM   514  C C   A SER A 1 60  ? 3.385   -11.434 -13.862 0.25 18.30  ? 66  SER B C   1 
ATOM   515  C C   B SER A 1 60  ? 3.345   -11.549 -13.876 0.25 20.39  ? 66  SER B C   1 
ATOM   516  O O   A SER A 1 60  ? 4.163   -11.272 -14.828 0.25 16.98  ? 66  SER B O   1 
ATOM   517  O O   B SER A 1 60  ? 4.065   -11.819 -14.853 0.25 19.14  ? 66  SER B O   1 
ATOM   518  C CB  A SER A 1 60  ? 4.902   -12.822 -12.335 0.25 18.70  ? 66  SER B CB  1 
ATOM   519  C CB  B SER A 1 60  ? 4.864   -12.808 -12.367 0.25 20.34  ? 66  SER B CB  1 
ATOM   520  O OG  A SER A 1 60  ? 5.796   -12.685 -11.214 0.25 18.29  ? 66  SER B OG  1 
ATOM   521  O OG  B SER A 1 60  ? 4.143   -13.999 -12.597 0.25 20.36  ? 66  SER B OG  1 
ATOM   522  N N   A SER A 1 61  ? 2.054   -11.361 -13.967 0.25 17.90  ? 67  SER B N   1 
ATOM   523  N N   B SER A 1 61  ? 2.067   -11.187 -13.971 0.25 20.85  ? 67  SER B N   1 
ATOM   524  C CA  A SER A 1 61  ? 1.336   -11.152 -15.252 0.25 19.15  ? 67  SER B CA  1 
ATOM   525  C CA  B SER A 1 61  ? 1.343   -11.130 -15.259 0.25 22.85  ? 67  SER B CA  1 
ATOM   526  C C   A SER A 1 61  ? -0.043  -10.533 -15.010 0.25 19.97  ? 67  SER B C   1 
ATOM   527  C C   B SER A 1 61  ? -0.098  -10.670 -15.045 0.25 22.21  ? 67  SER B C   1 
ATOM   528  O O   A SER A 1 61  ? -0.450  -10.460 -13.842 0.25 19.22  ? 67  SER B O   1 
ATOM   529  O O   B SER A 1 61  ? -0.634  -10.911 -13.942 0.25 21.09  ? 67  SER B O   1 
ATOM   530  C CB  A SER A 1 61  ? 1.215   -12.460 -16.012 0.25 18.79  ? 67  SER B CB  1 
ATOM   531  C CB  B SER A 1 61  ? 1.382   -12.483 -15.924 0.25 24.37  ? 67  SER B CB  1 
ATOM   532  O OG  A SER A 1 61  ? 0.304   -13.334 -15.368 0.25 17.59  ? 67  SER B OG  1 
ATOM   533  O OG  B SER A 1 61  ? 0.761   -12.419 -17.193 0.25 27.66  ? 67  SER B OG  1 
ATOM   534  N N   . GLY A 1 62  ? -0.698  -10.088 -16.088 1.00 22.07  ? 68  GLY B N   1 
ATOM   535  C CA  . GLY A 1 62  ? -2.135  -9.770  -16.097 1.00 23.80  ? 68  GLY B CA  1 
ATOM   536  C C   . GLY A 1 62  ? -2.479  -8.436  -15.470 1.00 21.84  ? 68  GLY B C   1 
ATOM   537  O O   . GLY A 1 62  ? -1.577  -7.569  -15.269 1.00 20.00  ? 68  GLY B O   1 
ATOM   538  N N   . LYS A 1 63  ? -3.772  -8.280  -15.245 1.00 21.48  ? 69  LYS B N   1 
ATOM   539  C CA  . LYS A 1 63  ? -4.359  -7.028  -14.742 1.00 20.83  ? 69  LYS B CA  1 
ATOM   540  C C   . LYS A 1 63  ? -5.021  -7.392  -13.418 1.00 20.58  ? 69  LYS B C   1 
ATOM   541  O O   . LYS A 1 63  ? -5.735  -8.414  -13.343 1.00 22.58  ? 69  LYS B O   1 
ATOM   542  C CB  . LYS A 1 63  ? -5.335  -6.406  -15.738 1.00 22.25  ? 69  LYS B CB  1 
ATOM   543  C CG  . LYS A 1 63  ? -4.751  -6.044  -17.099 1.00 24.29  ? 69  LYS B CG  1 
ATOM   544  C CD  . LYS A 1 63  ? -5.822  -5.687  -18.155 1.00 28.95  ? 69  LYS B CD  1 
ATOM   545  C CE  . LYS A 1 63  ? -5.234  -5.376  -19.515 1.00 32.39  ? 69  LYS B CE  1 
ATOM   546  N NZ  . LYS A 1 63  ? -6.265  -4.795  -20.403 1.00 36.38  ? 69  LYS B NZ  1 
ATOM   547  N N   . MET A 1 64  ? -4.790  -6.565  -12.402 1.00 18.22  ? 70  MET B N   1 
ATOM   548  C CA  . MET A 1 64  ? -5.267  -6.784  -11.013 1.00 17.99  ? 70  MET B CA  1 
ATOM   549  C C   . MET A 1 64  ? -5.813  -5.470  -10.446 1.00 17.03  ? 70  MET B C   1 
ATOM   550  O O   . MET A 1 64  ? -5.251  -4.421  -10.719 1.00 18.00  ? 70  MET B O   1 
ATOM   551  C CB  . MET A 1 64  ? -4.114  -7.176  -10.107 1.00 18.52  ? 70  MET B CB  1 
ATOM   552  C CG  . MET A 1 64  ? -3.580  -8.576  -10.288 1.00 20.60  ? 70  MET B CG  1 
ATOM   553  S SD  . MET A 1 64  ? -2.648  -8.990  -11.810 1.00 24.00  ? 70  MET B SD  1 
ATOM   554  C CE  . MET A 1 64  ? -1.345  -7.767  -11.926 1.00 22.34  ? 70  MET B CE  1 
ATOM   555  N N   . TYR A 1 65  ? -6.857  -5.539  -9.652  1.00 17.50  ? 71  TYR B N   1 
ATOM   556  C CA  . TYR A 1 65  ? -7.507  -4.347  -9.047  1.00 17.23  ? 71  TYR B CA  1 
ATOM   557  C C   . TYR A 1 65  ? -7.930  -4.706  -7.632  1.00 17.26  ? 71  TYR B C   1 
ATOM   558  O O   . TYR A 1 65  ? -8.516  -5.796  -7.412  1.00 18.76  ? 71  TYR B O   1 
ATOM   559  C CB  . TYR A 1 65  ? -8.702  -3.914  -9.898  1.00 19.10  ? 71  TYR B CB  1 
ATOM   560  C CG  . TYR A 1 65  ? -9.432  -2.716  -9.363  1.00 17.72  ? 71  TYR B CG  1 
ATOM   561  C CD1 . TYR A 1 65  ? -8.930  -1.446  -9.533  1.00 18.34  ? 71  TYR B CD1 1 
ATOM   562  C CD2 . TYR A 1 65  ? -10.580 -2.886  -8.597  1.00 19.47  ? 71  TYR B CD2 1 
ATOM   563  C CE1 . TYR A 1 65  ? -9.568  -0.336  -9.000  1.00 18.89  ? 71  TYR B CE1 1 
ATOM   564  C CE2 . TYR A 1 65  ? -11.236 -1.790  -8.076  1.00 18.27  ? 71  TYR B CE2 1 
ATOM   565  C CZ  . TYR A 1 65  ? -10.717 -0.525  -8.246  1.00 18.90  ? 71  TYR B CZ  1 
ATOM   566  O OH  . TYR A 1 65  ? -11.396 0.536   -7.730  1.00 21.01  ? 71  TYR B OH  1 
ATOM   567  N N   . TRP A 1 66  ? -7.665  -3.827  -6.673  1.00 15.03  ? 72  TRP B N   1 
ATOM   568  C CA  . TRP A 1 66  ? -8.242  -3.960  -5.316  1.00 15.94  ? 72  TRP B CA  1 
ATOM   569  C C   . TRP A 1 66  ? -8.516  -2.563  -4.720  1.00 15.58  ? 72  TRP B C   1 
ATOM   570  O O   . TRP A 1 66  ? -8.005  -1.544  -5.256  1.00 16.71  ? 72  TRP B O   1 
ATOM   571  C CB  . TRP A 1 66  ? -7.332  -4.818  -4.401  1.00 15.72  ? 72  TRP B CB  1 
ATOM   572  C CG  . TRP A 1 66  ? -5.944  -4.310  -4.134  1.00 15.17  ? 72  TRP B CG  1 
ATOM   573  C CD1 . TRP A 1 66  ? -5.530  -3.571  -3.048  1.00 14.90  ? 72  TRP B CD1 1 
ATOM   574  C CD2 . TRP A 1 66  ? -4.774  -4.461  -4.962  1.00 16.50  ? 72  TRP B CD2 1 
ATOM   575  N NE1 . TRP A 1 66  ? -4.193  -3.305  -3.135  1.00 15.56  ? 72  TRP B NE1 1 
ATOM   576  C CE2 . TRP A 1 66  ? -3.705  -3.809  -4.311  1.00 14.92  ? 72  TRP B CE2 1 
ATOM   577  C CE3 . TRP A 1 66  ? -4.532  -5.057  -6.205  1.00 19.23  ? 72  TRP B CE3 1 
ATOM   578  C CZ2 . TRP A 1 66  ? -2.408  -3.785  -4.822  1.00 16.78  ? 72  TRP B CZ2 1 
ATOM   579  C CZ3 . TRP A 1 66  ? -3.255  -5.024  -6.728  1.00 20.99  ? 72  TRP B CZ3 1 
ATOM   580  C CH2 . TRP A 1 66  ? -2.216  -4.407  -6.040  1.00 19.08  ? 72  TRP B CH2 1 
ATOM   581  N N   . GLU A 1 67  ? -9.267  -2.524  -3.607  1.00 15.93  ? 73  GLU B N   1 
ATOM   582  C CA  . GLU A 1 67  ? -9.662  -1.247  -2.944  1.00 15.33  ? 73  GLU B CA  1 
ATOM   583  C C   . GLU A 1 67  ? -9.293  -1.291  -1.468  1.00 15.62  ? 73  GLU B C   1 
ATOM   584  O O   . GLU A 1 67  ? -9.384  -2.372  -0.847  1.00 16.66  ? 73  GLU B O   1 
ATOM   585  C CB  . GLU A 1 67  ? -11.157 -0.986  -3.127  1.00 15.86  ? 73  GLU B CB  1 
ATOM   586  C CG  . GLU A 1 67  ? -11.467 -0.665  -4.592  1.00 18.81  ? 73  GLU B CG  1 
ATOM   587  C CD  . GLU A 1 67  ? -12.932 -0.358  -4.858  1.00 24.88  ? 73  GLU B CD  1 
ATOM   588  O OE1 . GLU A 1 67  ? -13.746 -0.509  -3.898  1.00 27.10  ? 73  GLU B OE1 1 
ATOM   589  O OE2 . GLU A 1 67  ? -13.256 0.025   -6.020  1.00 22.60  ? 73  GLU B OE2 1 
ATOM   590  N N   . VAL A 1 68  ? -8.839  -0.156  -0.944  1.00 15.02  ? 74  VAL B N   1 
ATOM   591  C CA  . VAL A 1 68  ? -8.446  -0.030  0.473   1.00 15.85  ? 74  VAL B CA  1 
ATOM   592  C C   . VAL A 1 68  ? -9.189  1.139   1.120   1.00 15.56  ? 74  VAL B C   1 
ATOM   593  O O   . VAL A 1 68  ? -9.209  2.251   0.551   1.00 15.73  ? 74  VAL B O   1 
ATOM   594  C CB  . VAL A 1 68  ? -6.929  0.198   0.601   1.00 15.60  ? 74  VAL B CB  1 
ATOM   595  C CG1 . VAL A 1 68  ? -6.529  0.172   2.070   1.00 15.48  ? 74  VAL B CG1 1 
ATOM   596  C CG2 . VAL A 1 68  ? -6.133  -0.790  -0.230  1.00 17.14  ? 74  VAL B CG2 1 
ATOM   597  N N   . ASP A 1 69  ? -9.727  0.896   2.320   1.00 15.59  ? 75  ASP B N   1 
ATOM   598  C CA  . ASP A 1 69  ? -10.384 1.934   3.151   1.00 16.50  ? 75  ASP B CA  1 
ATOM   599  C C   . ASP A 1 69  ? -9.338  2.645   3.991   1.00 15.04  ? 75  ASP B C   1 
ATOM   600  O O   . ASP A 1 69  ? -8.508  1.957   4.682   1.00 15.81  ? 75  ASP B O   1 
ATOM   601  C CB  . ASP A 1 69  ? -11.500 1.318   3.997   1.00 18.08  ? 75  ASP B CB  1 
ATOM   602  C CG  . ASP A 1 69  ? -12.397 2.373   4.646   1.00 22.18  ? 75  ASP B CG  1 
ATOM   603  O OD1 . ASP A 1 69  ? -11.898 3.199   5.392   1.00 22.98  ? 75  ASP B OD1 1 
ATOM   604  O OD2 . ASP A 1 69  ? -13.550 2.456   4.249   1.00 29.91  ? 75  ASP B OD2 1 
ATOM   605  N N   . VAL A 1 70  ? -9.313  3.969   3.902   1.00 15.64  ? 76  VAL B N   1 
ATOM   606  C CA  . VAL A 1 70  ? -8.349  4.845   4.629   1.00 15.77  ? 76  VAL B CA  1 
ATOM   607  C C   . VAL A 1 70  ? -9.093  5.828   5.547   1.00 16.85  ? 76  VAL B C   1 
ATOM   608  O O   . VAL A 1 70  ? -8.458  6.778   5.996   1.00 16.81  ? 76  VAL B O   1 
ATOM   609  C CB  . VAL A 1 70  ? -7.388  5.573   3.659   1.00 15.26  ? 76  VAL B CB  1 
ATOM   610  C CG1 . VAL A 1 70  ? -6.553  4.558   2.850   1.00 15.96  ? 76  VAL B CG1 1 
ATOM   611  C CG2 . VAL A 1 70  ? -8.079  6.568   2.731   1.00 15.80  ? 76  VAL B CG2 1 
ATOM   612  N N   . THR A 1 71  ? -10.382 5.593   5.804   1.00 17.12  ? 77  THR B N   1 
ATOM   613  C CA  . THR A 1 71  ? -11.230 6.472   6.660   1.00 19.28  ? 77  THR B CA  1 
ATOM   614  C C   . THR A 1 71  ? -10.511 6.813   7.973   1.00 19.55  ? 77  THR B C   1 
ATOM   615  O O   . THR A 1 71  ? -9.916  5.941   8.635   1.00 19.19  ? 77  THR B O   1 
ATOM   616  C CB  . THR A 1 71  ? -12.585 5.824   6.950   1.00 19.93  ? 77  THR B CB  1 
ATOM   617  O OG1 . THR A 1 71  ? -13.256 5.609   5.710   1.00 24.37  ? 77  THR B OG1 1 
ATOM   618  C CG2 . THR A 1 71  ? -13.403 6.756   7.827   1.00 22.65  ? 77  THR B CG2 1 
ATOM   619  N N   . GLN A 1 72  ? -10.573 8.089   8.333   1.00 21.14  ? 78  GLN B N   1 
ATOM   620  C CA  . GLN A 1 72  ? -10.106 8.684   9.613   1.00 24.31  ? 78  GLN B CA  1 
ATOM   621  C C   . GLN A 1 72  ? -8.584  8.686   9.743   1.00 25.49  ? 78  GLN B C   1 
ATOM   622  O O   . GLN A 1 72  ? -8.108  9.247   10.722  1.00 28.55  ? 78  GLN B O   1 
ATOM   623  C CB  . GLN A 1 72  ? -10.795 8.104   10.861  1.00 32.41  ? 78  GLN B CB  1 
ATOM   624  C CG  . GLN A 1 72  ? -10.975 6.601   10.948  1.00 42.07  ? 78  GLN B CG  1 
ATOM   625  C CD  . GLN A 1 72  ? -11.600 6.092   12.235  1.00 46.52  ? 78  GLN B CD  1 
ATOM   626  O OE1 . GLN A 1 72  ? -12.350 5.117   12.219  1.00 46.30  ? 78  GLN B OE1 1 
ATOM   627  N NE2 . GLN A 1 72  ? -11.205 6.655   13.371  1.00 41.90  ? 78  GLN B NE2 1 
ATOM   628  N N   . LYS A 1 73  ? -7.793  8.246   8.767   1.00 17.80  ? 79  LYS B N   1 
ATOM   629  C CA  . LYS A 1 73  ? -6.337  8.252   9.003   1.00 17.26  ? 79  LYS B CA  1 
ATOM   630  C C   . LYS A 1 73  ? -5.663  9.573   8.575   1.00 15.71  ? 79  LYS B C   1 
ATOM   631  O O   . LYS A 1 73  ? -6.143  10.232  7.623   1.00 18.78  ? 79  LYS B O   1 
ATOM   632  C CB  . LYS A 1 73  ? -5.734  7.075   8.222   1.00 18.27  ? 79  LYS B CB  1 
ATOM   633  C CG  . LYS A 1 73  ? -6.167  5.703   8.753   1.00 18.67  ? 79  LYS B CG  1 
ATOM   634  C CD  . LYS A 1 73  ? -5.356  4.521   8.227   1.00 17.98  ? 79  LYS B CD  1 
ATOM   635  C CE  . LYS A 1 73  ? -3.888  4.539   8.575   1.00 16.47  ? 79  LYS B CE  1 
ATOM   636  N NZ  . LYS A 1 73  ? -3.658  4.529   10.054  1.00 15.90  ? 79  LYS B NZ  1 
ATOM   637  N N   . GLU A 1 74  ? -4.616  9.955   9.289   1.00 14.90  ? 80  GLU B N   1 
ATOM   638  C CA  . GLU A 1 74  ? -3.807  11.157  9.044   1.00 15.71  ? 80  GLU B CA  1 
ATOM   639  C C   . GLU A 1 74  ? -2.587  10.831  8.169   1.00 15.50  ? 80  GLU B C   1 
ATOM   640  O O   . GLU A 1 74  ? -1.892  11.748  7.644   1.00 16.88  ? 80  GLU B O   1 
ATOM   641  C CB  . GLU A 1 74  ? -3.292  11.741  10.370  1.00 16.38  ? 80  GLU B CB  1 
ATOM   642  C CG  . GLU A 1 74  ? -4.409  12.274  11.238  1.00 17.93  ? 80  GLU B CG  1 
ATOM   643  C CD  . GLU A 1 74  ? -3.920  12.737  12.604  1.00 18.78  ? 80  GLU B CD  1 
ATOM   644  O OE1 . GLU A 1 74  ? -4.749  13.247  13.349  1.00 23.22  ? 80  GLU B OE1 1 
ATOM   645  O OE2 . GLU A 1 74  ? -2.747  12.473  12.942  1.00 21.98  ? 80  GLU B OE2 1 
ATOM   646  N N   . ALA A 1 75  ? -2.170  9.552   8.155   1.00 15.26  ? 81  ALA B N   1 
ATOM   647  C CA  . ALA A 1 75  ? -0.936  9.197   7.440   1.00 14.05  ? 81  ALA B CA  1 
ATOM   648  C C   . ALA A 1 75  ? -1.026  7.734   7.015   1.00 15.88  ? 81  ALA B C   1 
ATOM   649  O O   . ALA A 1 75  ? -1.450  6.898   7.816   1.00 15.99  ? 81  ALA B O   1 
ATOM   650  C CB  . ALA A 1 75  ? 0.307   9.461   8.265   1.00 15.77  ? 81  ALA B CB  1 
ATOM   651  N N   . TRP A 1 76  ? -0.536  7.438   5.826   1.00 14.62  ? 82  TRP B N   1 
ATOM   652  C CA  . TRP A 1 76  ? -0.500  6.041   5.278   1.00 13.50  ? 82  TRP B CA  1 
ATOM   653  C C   . TRP A 1 76  ? 0.250   6.076   3.955   1.00 13.66  ? 82  TRP B C   1 
ATOM   654  O O   . TRP A 1 76  ? 0.352   7.146   3.337   1.00 14.22  ? 82  TRP B O   1 
ATOM   655  C CB  . TRP A 1 76  ? -1.904  5.443   5.062   1.00 15.51  ? 82  TRP B CB  1 
ATOM   656  C CG  . TRP A 1 76  ? -2.886  6.319   4.347   1.00 14.48  ? 82  TRP B CG  1 
ATOM   657  C CD1 . TRP A 1 76  ? -3.818  7.135   4.915   1.00 15.86  ? 82  TRP B CD1 1 
ATOM   658  C CD2 . TRP A 1 76  ? -3.006  6.579   2.923   1.00 14.45  ? 82  TRP B CD2 1 
ATOM   659  N NE1 . TRP A 1 76  ? -4.540  7.821   3.993   1.00 15.77  ? 82  TRP B NE1 1 
ATOM   660  C CE2 . TRP A 1 76  ? -4.034  7.530   2.745   1.00 15.94  ? 82  TRP B CE2 1 
ATOM   661  C CE3 . TRP A 1 76  ? -2.305  6.108   1.791   1.00 14.76  ? 82  TRP B CE3 1 
ATOM   662  C CZ2 . TRP A 1 76  ? -4.459  7.955   1.494   1.00 15.75  ? 82  TRP B CZ2 1 
ATOM   663  C CZ3 . TRP A 1 76  ? -2.696  6.568   0.546   1.00 14.70  ? 82  TRP B CZ3 1 
ATOM   664  C CH2 . TRP A 1 76  ? -3.765  7.475   0.410   1.00 15.73  ? 82  TRP B CH2 1 
ATOM   665  N N   . ASP A 1 77  ? 0.779   4.928   3.550   1.00 13.04  ? 83  ASP B N   1 
ATOM   666  C CA  . ASP A 1 77  ? 1.314   4.687   2.179   1.00 14.14  ? 83  ASP B CA  1 
ATOM   667  C C   . ASP A 1 77  ? 0.566   3.485   1.582   1.00 13.85  ? 83  ASP B C   1 
ATOM   668  O O   . ASP A 1 77  ? 0.310   2.509   2.337   1.00 13.30  ? 83  ASP B O   1 
ATOM   669  C CB  . ASP A 1 77  ? 2.804   4.371   2.173   1.00 14.81  ? 83  ASP B CB  1 
ATOM   670  C CG  . ASP A 1 77  ? 3.734   5.212   3.037   1.00 17.41  ? 83  ASP B CG  1 
ATOM   671  O OD1 . ASP A 1 77  ? 3.488   6.379   3.171   1.00 20.37  ? 83  ASP B OD1 1 
ATOM   672  O OD2 . ASP A 1 77  ? 4.714   4.633   3.572   1.00 19.68  ? 83  ASP B OD2 1 
ATOM   673  N N   . LEU A 1 78  ? 0.300   3.465   0.286   1.00 12.46  ? 84  LEU B N   1 
ATOM   674  C CA  . LEU A 1 78  ? -0.375  2.346   -0.393  1.00 11.94  ? 84  LEU B CA  1 
ATOM   675  C C   . LEU A 1 78  ? 0.239   2.185   -1.784  1.00 12.80  ? 84  LEU B C   1 
ATOM   676  O O   . LEU A 1 78  ? 0.539   3.197   -2.438  1.00 12.95  ? 84  LEU B O   1 
ATOM   677  C CB  . LEU A 1 78  ? -1.870  2.595   -0.564  1.00 13.11  ? 84  LEU B CB  1 
ATOM   678  C CG  . LEU A 1 78  ? -2.740  2.536   0.671   1.00 14.37  ? 84  LEU B CG  1 
ATOM   679  C CD1 . LEU A 1 78  ? -4.149  3.023   0.318   1.00 15.04  ? 84  LEU B CD1 1 
ATOM   680  C CD2 . LEU A 1 78  ? -2.753  1.126   1.175   1.00 14.83  ? 84  LEU B CD2 1 
ATOM   681  N N   . GLY A 1 79  ? 0.274   0.929   -2.252  1.00 11.74  ? 85  GLY B N   1 
ATOM   682  C CA  . GLY A 1 79  ? 0.541   0.651   -3.665  1.00 12.44  ? 85  GLY B CA  1 
ATOM   683  C C   . GLY A 1 79  ? 0.985   -0.792  -3.841  1.00 11.58  ? 85  GLY B C   1 
ATOM   684  O O   . GLY A 1 79  ? 0.385   -1.684  -3.284  1.00 12.60  ? 85  GLY B O   1 
ATOM   685  N N   A VAL A 1 80  ? 2.037   -0.974  -4.646  0.25 11.81  ? 86  VAL B N   1 
ATOM   686  N N   B VAL A 1 80  ? 2.073   -0.986  -4.577  0.25 12.34  ? 86  VAL B N   1 
ATOM   687  C CA  A VAL A 1 80  ? 2.692   -2.290  -4.889  0.25 12.28  ? 86  VAL B CA  1 
ATOM   688  C CA  B VAL A 1 80  ? 2.615   -2.335  -4.885  0.25 13.18  ? 86  VAL B CA  1 
ATOM   689  C C   A VAL A 1 80  ? 4.198   -2.143  -4.697  0.25 12.25  ? 86  VAL B C   1 
ATOM   690  C C   B VAL A 1 80  ? 4.144   -2.201  -4.864  0.25 13.16  ? 86  VAL B C   1 
ATOM   691  O O   A VAL A 1 80  ? 4.736   -1.014  -4.721  0.25 11.56  ? 86  VAL B O   1 
ATOM   692  O O   B VAL A 1 80  ? 4.644   -1.092  -5.112  0.25 13.95  ? 86  VAL B O   1 
ATOM   693  C CB  A VAL A 1 80  ? 2.388   -2.850  -6.289  0.25 12.82  ? 86  VAL B CB  1 
ATOM   694  C CB  B VAL A 1 80  ? 2.028   -2.830  -6.224  0.25 14.38  ? 86  VAL B CB  1 
ATOM   695  C CG1 A VAL A 1 80  ? 0.929   -3.218  -6.388  0.25 12.84  ? 86  VAL B CG1 1 
ATOM   696  C CG1 B VAL A 1 80  ? 2.588   -2.060  -7.406  0.25 14.37  ? 86  VAL B CG1 1 
ATOM   697  C CG2 A VAL A 1 80  ? 2.786   -1.894  -7.405  0.25 12.79  ? 86  VAL B CG2 1 
ATOM   698  C CG2 B VAL A 1 80  ? 2.201   -4.324  -6.428  0.25 15.42  ? 86  VAL B CG2 1 
ATOM   699  N N   . CYS A 1 81  ? 4.866   -3.284  -4.546  1.00 12.69  ? 87  CYS B N   1 
ATOM   700  C CA  . CYS A 1 81  ? 6.324   -3.292  -4.516  1.00 13.88  ? 87  CYS B CA  1 
ATOM   701  C C   . CYS A 1 81  ? 6.851   -4.631  -5.054  1.00 13.99  ? 87  CYS B C   1 
ATOM   702  O O   . CYS A 1 81  ? 6.094   -5.627  -5.161  1.00 14.49  ? 87  CYS B O   1 
ATOM   703  C CB  . CYS A 1 81  ? 6.855   -3.028  -3.118  1.00 15.41  ? 87  CYS B CB  1 
ATOM   704  S SG  . CYS A 1 81  ? 6.487   -4.305  -1.896  1.00 16.05  ? 87  CYS B SG  1 
ATOM   705  N N   A ARG A 1 82  ? 8.127   -4.634  -5.413  0.25 14.34  ? 88  ARG B N   1 
ATOM   706  N N   B ARG A 1 82  ? 8.127   -4.642  -5.410  0.25 14.57  ? 88  ARG B N   1 
ATOM   707  C CA  A ARG A 1 82  ? 8.843   -5.883  -5.763  0.25 15.01  ? 88  ARG B CA  1 
ATOM   708  C CA  B ARG A 1 82  ? 8.840   -5.869  -5.845  0.25 15.41  ? 88  ARG B CA  1 
ATOM   709  C C   A ARG A 1 82  ? 8.826   -6.829  -4.564  0.25 15.01  ? 88  ARG B C   1 
ATOM   710  C C   B ARG A 1 82  ? 8.987   -6.809  -4.634  0.25 15.49  ? 88  ARG B C   1 
ATOM   711  O O   A ARG A 1 82  ? 8.856   -6.375  -3.407  0.25 14.16  ? 88  ARG B O   1 
ATOM   712  O O   B ARG A 1 82  ? 9.277   -6.308  -3.515  0.25 15.55  ? 88  ARG B O   1 
ATOM   713  C CB  A ARG A 1 82  ? 10.286  -5.589  -6.163  0.25 15.61  ? 88  ARG B CB  1 
ATOM   714  C CB  B ARG A 1 82  ? 10.167  -5.433  -6.473  0.25 16.01  ? 88  ARG B CB  1 
ATOM   715  C CG  A ARG A 1 82  ? 10.396  -4.842  -7.476  0.25 15.72  ? 88  ARG B CG  1 
ATOM   716  C CG  B ARG A 1 82  ? 10.863  -6.515  -7.280  0.25 16.65  ? 88  ARG B CG  1 
ATOM   717  C CD  A ARG A 1 82  ? 11.832  -4.530  -7.816  0.25 16.63  ? 88  ARG B CD  1 
ATOM   718  C CD  B ARG A 1 82  ? 12.217  -6.067  -7.765  0.25 16.91  ? 88  ARG B CD  1 
ATOM   719  N NE  A ARG A 1 82  ? 11.912  -3.647  -8.968  0.25 16.20  ? 88  ARG B NE  1 
ATOM   720  N NE  B ARG A 1 82  ? 12.132  -4.936  -8.665  0.25 17.41  ? 88  ARG B NE  1 
ATOM   721  C CZ  A ARG A 1 82  ? 12.886  -2.769  -9.158  0.25 15.89  ? 88  ARG B CZ  1 
ATOM   722  C CZ  B ARG A 1 82  ? 12.794  -3.791  -8.506  0.25 17.19  ? 88  ARG B CZ  1 
ATOM   723  N NH1 A ARG A 1 82  ? 13.843  -2.630  -8.259  0.25 15.72  ? 88  ARG B NH1 1 
ATOM   724  N NH1 B ARG A 1 82  ? 13.617  -3.637  -7.493  0.25 17.90  ? 88  ARG B NH1 1 
ATOM   725  N NH2 A ARG A 1 82  ? 12.886  -2.014  -10.240 0.25 16.90  ? 88  ARG B NH2 1 
ATOM   726  N NH2 B ARG A 1 82  ? 12.645  -2.813  -9.377  0.25 16.75  ? 88  ARG B NH2 1 
ATOM   727  N N   . ASP A 1 83  ? 8.804   -8.128  -4.832  1.00 15.84  ? 89  ASP B N   1 
ATOM   728  C CA  . ASP A 1 83  ? 8.939   -9.118  -3.743  1.00 18.09  ? 89  ASP B CA  1 
ATOM   729  C C   . ASP A 1 83  ? 10.324  -8.970  -3.095  1.00 18.93  ? 89  ASP B C   1 
ATOM   730  O O   . ASP A 1 83  ? 10.460  -9.349  -1.924  1.00 21.84  ? 89  ASP B O   1 
ATOM   731  C CB  . ASP A 1 83  ? 8.690   -10.521 -4.311  1.00 22.35  ? 89  ASP B CB  1 
ATOM   732  C CG  . ASP A 1 83  ? 9.699   -11.018 -5.311  1.00 29.41  ? 89  ASP B CG  1 
ATOM   733  O OD1 . ASP A 1 83  ? 10.594  -10.231 -5.759  1.00 34.57  ? 89  ASP B OD1 1 
ATOM   734  O OD2 . ASP A 1 83  ? 9.607   -12.223 -5.620  1.00 37.09  ? 89  ASP B OD2 1 
ATOM   735  N N   . SER A 1 84  ? 11.326  -8.462  -3.809  1.00 17.93  ? 90  SER B N   1 
ATOM   736  C CA  . SER A 1 84  ? 12.752  -8.373  -3.393  1.00 18.66  ? 90  SER B CA  1 
ATOM   737  C C   . SER A 1 84  ? 13.097  -7.072  -2.644  1.00 18.01  ? 90  SER B C   1 
ATOM   738  O O   . SER A 1 84  ? 14.277  -6.817  -2.390  1.00 19.07  ? 90  SER B O   1 
ATOM   739  C CB  . SER A 1 84  ? 13.674  -8.592  -4.593  1.00 18.86  ? 90  SER B CB  1 
ATOM   740  O OG  . SER A 1 84  ? 13.385  -7.678  -5.621  1.00 21.63  ? 90  SER B OG  1 
ATOM   741  N N   . VAL A 1 85  ? 12.111  -6.209  -2.318  1.00 17.15  ? 91  VAL B N   1 
ATOM   742  C CA  . VAL A 1 85  ? 12.456  -4.954  -1.620  1.00 16.97  ? 91  VAL B CA  1 
ATOM   743  C C   . VAL A 1 85  ? 13.188  -5.247  -0.301  1.00 16.66  ? 91  VAL B C   1 
ATOM   744  O O   . VAL A 1 85  ? 12.856  -6.227  0.391   1.00 17.71  ? 91  VAL B O   1 
ATOM   745  C CB  . VAL A 1 85  ? 11.251  -4.007  -1.394  1.00 16.25  ? 91  VAL B CB  1 
ATOM   746  C CG1 . VAL A 1 85  ? 10.701  -3.500  -2.696  1.00 16.47  ? 91  VAL B CG1 1 
ATOM   747  C CG2 . VAL A 1 85  ? 10.139  -4.581  -0.541  1.00 15.91  ? 91  VAL B CG2 1 
ATOM   748  N N   . GLN A 1 86  ? 14.079  -4.326  0.035   1.00 18.61  ? 92  GLN B N   1 
ATOM   749  C CA  . GLN A 1 86  ? 14.778  -4.224  1.358   1.00 20.99  ? 92  GLN B CA  1 
ATOM   750  C C   . GLN A 1 86  ? 13.734  -4.216  2.486   1.00 18.70  ? 92  GLN B C   1 
ATOM   751  O O   . GLN A 1 86  ? 12.757  -3.461  2.388   1.00 18.98  ? 92  GLN B O   1 
ATOM   752  C CB  . GLN A 1 86  ? 15.602  -2.933  1.365   1.00 23.37  ? 92  GLN B CB  1 
ATOM   753  C CG  . GLN A 1 86  ? 16.254  -2.546  2.690   1.00 27.74  ? 92  GLN B CG  1 
ATOM   754  C CD  . GLN A 1 86  ? 16.958  -1.202  2.593   1.00 32.05  ? 92  GLN B CD  1 
ATOM   755  O OE1 . GLN A 1 86  ? 17.172  -0.630  1.497   1.00 30.24  ? 92  GLN B OE1 1 
ATOM   756  N NE2 . GLN A 1 86  ? 17.348  -0.665  3.749   1.00 32.41  ? 92  GLN B NE2 1 
ATOM   757  N N   . ARG A 1 87  ? 13.919  -5.037  3.508   1.00 18.01  ? 93  ARG B N   1 
ATOM   758  C CA  . ARG A 1 87  ? 13.028  -5.094  4.710   1.00 16.68  ? 93  ARG B CA  1 
ATOM   759  C C   . ARG A 1 87  ? 13.650  -4.368  5.915   1.00 18.53  ? 93  ARG B C   1 
ATOM   760  O O   . ARG A 1 87  ? 12.851  -3.893  6.737   1.00 17.33  ? 93  ARG B O   1 
ATOM   761  C CB  . ARG A 1 87  ? 12.704  -6.524  5.109   1.00 17.51  ? 93  ARG B CB  1 
ATOM   762  C CG  . ARG A 1 87  ? 12.203  -7.410  3.990   1.00 16.72  ? 93  ARG B CG  1 
ATOM   763  C CD  . ARG A 1 87  ? 10.996  -6.829  3.238   1.00 17.97  ? 93  ARG B CD  1 
ATOM   764  N NE  . ARG A 1 87  ? 10.670  -7.613  2.034   1.00 19.26  ? 93  ARG B NE  1 
ATOM   765  C CZ  . ARG A 1 87  ? 9.942   -8.717  1.972   1.00 18.31  ? 93  ARG B CZ  1 
ATOM   766  N NH1 . ARG A 1 87  ? 9.398   -9.233  3.051   1.00 21.07  ? 93  ARG B NH1 1 
ATOM   767  N NH2 . ARG A 1 87  ? 9.775   -9.356  0.833   1.00 20.51  ? 93  ARG B NH2 1 
ATOM   768  N N   . LYS A 1 88  ? 14.984  -4.299  6.066   1.00 18.19  ? 94  LYS B N   1 
ATOM   769  C CA  . LYS A 1 88  ? 15.641  -3.810  7.307   1.00 19.16  ? 94  LYS B CA  1 
ATOM   770  C C   . LYS A 1 88  ? 16.280  -2.463  7.072   1.00 20.80  ? 94  LYS B C   1 
ATOM   771  O O   . LYS A 1 88  ? 16.805  -2.265  5.949   1.00 22.96  ? 94  LYS B O   1 
ATOM   772  C CB  . LYS A 1 88  ? 16.677  -4.827  7.796   1.00 21.04  ? 94  LYS B CB  1 
ATOM   773  C CG  . LYS A 1 88  ? 16.199  -6.267  7.865   1.00 22.03  ? 94  LYS B CG  1 
ATOM   774  C CD  . LYS A 1 88  ? 15.029  -6.513  8.788   1.00 21.94  ? 94  LYS B CD  1 
ATOM   775  C CE  . LYS A 1 88  ? 14.650  -7.964  8.868   1.00 21.82  ? 94  LYS B CE  1 
ATOM   776  N NZ  . LYS A 1 88  ? 13.496  -8.125  9.776   1.00 23.31  ? 94  LYS B NZ  1 
ATOM   777  N N   . GLY A 1 89  ? 16.244  -1.581  8.061   1.00 20.38  ? 95  GLY B N   1 
ATOM   778  C CA  . GLY A 1 89  ? 16.923  -0.295  7.997   1.00 21.39  ? 95  GLY B CA  1 
ATOM   779  C C   . GLY A 1 89  ? 16.104  0.758   7.309   1.00 22.80  ? 95  GLY B C   1 
ATOM   780  O O   . GLY A 1 89  ? 14.874  0.504   7.085   1.00 20.54  ? 95  GLY B O   1 
ATOM   781  N N   . GLN A 1 90  ? 16.710  1.902   7.040   1.00 23.02  ? 96  GLN B N   1 
ATOM   782  C CA  . GLN A 1 90  ? 16.011  3.054   6.456   1.00 24.19  ? 96  GLN B CA  1 
ATOM   783  C C   . GLN A 1 90  ? 16.078  2.952   4.938   1.00 22.53  ? 96  GLN B C   1 
ATOM   784  O O   . GLN A 1 90  ? 17.082  2.429   4.381   1.00 22.07  ? 96  GLN B O   1 
ATOM   785  C CB  . GLN A 1 90  ? 16.617  4.370   6.929   1.00 31.17  ? 96  GLN B CB  1 
ATOM   786  C CG  . GLN A 1 90  ? 16.551  4.549   8.434   1.00 35.71  ? 96  GLN B CG  1 
ATOM   787  C CD  . GLN A 1 90  ? 17.529  5.633   8.786   1.00 46.11  ? 96  GLN B CD  1 
ATOM   788  O OE1 . GLN A 1 90  ? 17.285  6.810   8.518   1.00 54.76  ? 96  GLN B OE1 1 
ATOM   789  N NE2 . GLN A 1 90  ? 18.677  5.225   9.303   1.00 46.45  ? 96  GLN B NE2 1 
ATOM   790  N N   . PHE A 1 91  ? 15.004  3.367   4.286   1.00 19.62  ? 97  PHE B N   1 
ATOM   791  C CA  . PHE A 1 91  ? 14.969  3.476   2.810   1.00 20.22  ? 97  PHE B CA  1 
ATOM   792  C C   . PHE A 1 91  ? 13.855  4.426   2.395   1.00 19.42  ? 97  PHE B C   1 
ATOM   793  O O   . PHE A 1 91  ? 12.914  4.681   3.150   1.00 21.71  ? 97  PHE B O   1 
ATOM   794  C CB  . PHE A 1 91  ? 14.705  2.116   2.177   1.00 20.05  ? 97  PHE B CB  1 
ATOM   795  C CG  . PHE A 1 91  ? 13.487  1.397   2.696   1.00 18.89  ? 97  PHE B CG  1 
ATOM   796  C CD1 . PHE A 1 91  ? 12.248  1.595   2.106   1.00 20.38  ? 97  PHE B CD1 1 
ATOM   797  C CD2 . PHE A 1 91  ? 13.595  0.444   3.700   1.00 19.76  ? 97  PHE B CD2 1 
ATOM   798  C CE1 . PHE A 1 91  ? 11.135  0.900   2.558   1.00 18.72  ? 97  PHE B CE1 1 
ATOM   799  C CE2 . PHE A 1 91  ? 12.485  -0.233  4.162   1.00 20.62  ? 97  PHE B CE2 1 
ATOM   800  C CZ  . PHE A 1 91  ? 11.260  -0.021  3.573   1.00 18.58  ? 97  PHE B CZ  1 
ATOM   801  N N   A SER A 1 92  ? 13.967  4.987   1.195   0.25 19.74  ? 98  SER B N   1 
ATOM   802  N N   B SER A 1 92  ? 13.961  4.922   1.161   0.25 19.19  ? 98  SER B N   1 
ATOM   803  C CA  A SER A 1 92  ? 12.900  5.824   0.597   0.25 20.22  ? 98  SER B CA  1 
ATOM   804  C CA  B SER A 1 92  ? 12.971  5.811   0.505   0.25 19.32  ? 98  SER B CA  1 
ATOM   805  C C   A SER A 1 92  ? 11.963  4.935   -0.226  0.25 18.87  ? 98  SER B C   1 
ATOM   806  C C   B SER A 1 92  ? 11.993  4.984   -0.342  0.25 18.51  ? 98  SER B C   1 
ATOM   807  O O   A SER A 1 92  ? 12.386  3.826   -0.648  0.25 18.13  ? 98  SER B O   1 
ATOM   808  O O   B SER A 1 92  ? 12.429  3.988   -0.957  0.25 19.08  ? 98  SER B O   1 
ATOM   809  C CB  A SER A 1 92  ? 13.468  6.943   -0.231  0.25 22.48  ? 98  SER B CB  1 
ATOM   810  C CB  B SER A 1 92  ? 13.663  6.855   -0.337  0.25 20.51  ? 98  SER B CB  1 
ATOM   811  O OG  A SER A 1 92  ? 14.492  6.452   -1.071  0.25 24.79  ? 98  SER B OG  1 
ATOM   812  O OG  B SER A 1 92  ? 14.324  7.797   0.495   0.25 21.32  ? 98  SER B OG  1 
ATOM   813  N N   . LEU A 1 93  ? 10.719  5.394   -0.382  1.00 17.53  ? 99  LEU B N   1 
ATOM   814  C CA  . LEU A 1 93  ? 9.744   4.779   -1.307  1.00 17.71  ? 99  LEU B CA  1 
ATOM   815  C C   . LEU A 1 93  ? 9.940   5.403   -2.689  1.00 18.42  ? 99  LEU B C   1 
ATOM   816  O O   . LEU A 1 93  ? 9.492   6.518   -2.949  1.00 20.69  ? 99  LEU B O   1 
ATOM   817  C CB  . LEU A 1 93  ? 8.320   4.982   -0.810  1.00 18.06  ? 99  LEU B CB  1 
ATOM   818  C CG  . LEU A 1 93  ? 7.975   4.296   0.507   1.00 19.26  ? 99  LEU B CG  1 
ATOM   819  C CD1 . LEU A 1 93  ? 6.548   4.618   0.916   1.00 20.08  ? 99  LEU B CD1 1 
ATOM   820  C CD2 . LEU A 1 93  ? 8.158   2.791   0.459   1.00 21.38  ? 99  LEU B CD2 1 
ATOM   821  N N   . SER A 1 94  ? 10.494  4.668   -3.649  1.00 17.74  ? 100 SER B N   1 
ATOM   822  C CA  . SER A 1 94  ? 10.756  5.152   -5.014  1.00 17.94  ? 100 SER B CA  1 
ATOM   823  C C   . SER A 1 94  ? 10.716  3.951   -5.947  1.00 15.77  ? 100 SER B C   1 
ATOM   824  O O   . SER A 1 94  ? 11.041  2.825   -5.537  1.00 15.51  ? 100 SER B O   1 
ATOM   825  C CB  . SER A 1 94  ? 12.109  5.848   -5.154  1.00 18.91  ? 100 SER B CB  1 
ATOM   826  O OG  . SER A 1 94  ? 13.159  4.928   -4.900  1.00 22.67  ? 100 SER B OG  1 
ATOM   827  N N   . PRO A 1 95  ? 10.458  4.165   -7.233  1.00 15.70  ? 101 PRO B N   1 
ATOM   828  C CA  . PRO A 1 95  ? 10.567  3.084   -8.208  1.00 16.27  ? 101 PRO B CA  1 
ATOM   829  C C   . PRO A 1 95  ? 11.992  2.509   -8.265  1.00 16.30  ? 101 PRO B C   1 
ATOM   830  O O   . PRO A 1 95  ? 12.129  1.269   -8.428  1.00 17.24  ? 101 PRO B O   1 
ATOM   831  C CB  . PRO A 1 95  ? 10.166  3.735   -9.532  1.00 17.11  ? 101 PRO B CB  1 
ATOM   832  C CG  . PRO A 1 95  ? 9.178   4.804   -9.081  1.00 17.03  ? 101 PRO B CG  1 
ATOM   833  C CD  . PRO A 1 95  ? 9.828   5.355   -7.829  1.00 16.94  ? 101 PRO B CD  1 
ATOM   834  N N   . GLU A 1 96  ? 13.008  3.348   -8.037  1.00 18.25  ? 102 GLU B N   1 
ATOM   835  C CA  . GLU A 1 96  ? 14.420  2.850   -8.067  1.00 22.01  ? 102 GLU B CA  1 
ATOM   836  C C   . GLU A 1 96  ? 14.601  1.794   -6.965  1.00 22.27  ? 102 GLU B C   1 
ATOM   837  O O   . GLU A 1 96  ? 15.406  0.851   -7.122  1.00 21.15  ? 102 GLU B O   1 
ATOM   838  C CB  . GLU A 1 96  ? 15.417  4.001   -7.905  1.00 27.23  ? 102 GLU B CB  1 
ATOM   839  C CG  . GLU A 1 96  ? 15.229  5.094   -8.931  1.00 36.94  ? 102 GLU B CG  1 
ATOM   840  C CD  . GLU A 1 96  ? 14.405  6.288   -8.461  1.00 44.77  ? 102 GLU B CD  1 
ATOM   841  O OE1 . GLU A 1 96  ? 13.130  6.273   -8.615  1.00 29.95  ? 102 GLU B OE1 1 
ATOM   842  O OE2 . GLU A 1 96  ? 15.050  7.254   -7.957  1.00 54.39  ? 102 GLU B OE2 1 
ATOM   843  N N   . ASN A 1 97  ? 13.917  1.941   -5.823  1.00 18.98  ? 103 ASN B N   1 
ATOM   844  C CA  . ASN A 1 97  ? 14.004  0.979   -4.707  1.00 17.33  ? 103 ASN B CA  1 
ATOM   845  C C   . ASN A 1 97  ? 12.923  -0.110  -4.804  1.00 16.94  ? 103 ASN B C   1 
ATOM   846  O O   . ASN A 1 97  ? 12.869  -0.957  -3.911  1.00 18.46  ? 103 ASN B O   1 
ATOM   847  C CB  . ASN A 1 97  ? 13.863  1.690   -3.347  1.00 19.05  ? 103 ASN B CB  1 
ATOM   848  C CG  . ASN A 1 97  ? 15.098  2.474   -2.972  1.00 22.79  ? 103 ASN B CG  1 
ATOM   849  O OD1 . ASN A 1 97  ? 16.198  2.223   -3.498  1.00 25.04  ? 103 ASN B OD1 1 
ATOM   850  N ND2 . ASN A 1 97  ? 14.950  3.445   -2.084  1.00 23.60  ? 103 ASN B ND2 1 
ATOM   851  N N   . GLY A 1 98  ? 12.115  -0.130  -5.870  1.00 14.64  ? 104 GLY B N   1 
ATOM   852  C CA  . GLY A 1 98  ? 11.155  -1.211  -6.107  1.00 14.50  ? 104 GLY B CA  1 
ATOM   853  C C   . GLY A 1 98  ? 9.761   -0.943  -5.535  1.00 14.48  ? 104 GLY B C   1 
ATOM   854  O O   . GLY A 1 98  ? 9.027   -1.888  -5.339  1.00 14.80  ? 104 GLY B O   1 
ATOM   855  N N   . PHE A 1 99  ? 9.357   0.331   -5.382  1.00 15.63  ? 105 PHE B N   1 
ATOM   856  C CA  . PHE A 1 99  ? 8.006   0.692   -4.862  1.00 14.80  ? 105 PHE B CA  1 
ATOM   857  C C   . PHE A 1 99  ? 7.265   1.630   -5.807  1.00 13.36  ? 105 PHE B C   1 
ATOM   858  O O   . PHE A 1 99  ? 7.915   2.581   -6.334  1.00 15.13  ? 105 PHE B O   1 
ATOM   859  C CB  . PHE A 1 99  ? 8.123   1.437   -3.534  1.00 14.75  ? 105 PHE B CB  1 
ATOM   860  C CG  . PHE A 1 99  ? 8.781   0.648   -2.430  1.00 14.22  ? 105 PHE B CG  1 
ATOM   861  C CD1 . PHE A 1 99  ? 10.157  0.716   -2.229  1.00 14.29  ? 105 PHE B CD1 1 
ATOM   862  C CD2 . PHE A 1 99  ? 8.013   -0.096  -1.550  1.00 13.64  ? 105 PHE B CD2 1 
ATOM   863  C CE1 . PHE A 1 99  ? 10.751  -0.016  -1.217  1.00 15.03  ? 105 PHE B CE1 1 
ATOM   864  C CE2 . PHE A 1 99  ? 8.611   -0.787  -0.506  1.00 15.22  ? 105 PHE B CE2 1 
ATOM   865  C CZ  . PHE A 1 99  ? 9.966   -0.705  -0.316  1.00 13.73  ? 105 PHE B CZ  1 
ATOM   866  N N   . TRP A 1 100 ? 5.974   1.360   -6.029  1.00 12.04  ? 106 TRP B N   1 
ATOM   867  C CA  . TRP A 1 100 ? 5.049   2.228   -6.795  1.00 12.43  ? 106 TRP B CA  1 
ATOM   868  C C   . TRP A 1 100 ? 3.885   2.571   -5.864  1.00 11.40  ? 106 TRP B C   1 
ATOM   869  O O   . TRP A 1 100 ? 2.979   1.736   -5.699  1.00 11.93  ? 106 TRP B O   1 
ATOM   870  C CB  . TRP A 1 100 ? 4.640   1.545   -8.106  1.00 12.58  ? 106 TRP B CB  1 
ATOM   871  C CG  . TRP A 1 100 ? 5.825   1.305   -9.007  1.00 12.45  ? 106 TRP B CG  1 
ATOM   872  C CD1 . TRP A 1 100 ? 6.322   2.113   -9.996  1.00 13.48  ? 106 TRP B CD1 1 
ATOM   873  C CD2 . TRP A 1 100 ? 6.714   0.168   -8.949  1.00 13.16  ? 106 TRP B CD2 1 
ATOM   874  N NE1 . TRP A 1 100 ? 7.470   1.561   -10.541 1.00 15.38  ? 106 TRP B NE1 1 
ATOM   875  C CE2 . TRP A 1 100 ? 7.720   0.388   -9.904  1.00 14.13  ? 106 TRP B CE2 1 
ATOM   876  C CE3 . TRP A 1 100 ? 6.747   -0.990  -8.175  1.00 14.19  ? 106 TRP B CE3 1 
ATOM   877  C CZ2 . TRP A 1 100 ? 8.760   -0.529  -10.095 1.00 15.74  ? 106 TRP B CZ2 1 
ATOM   878  C CZ3 . TRP A 1 100 ? 7.773   -1.889  -8.373  1.00 15.23  ? 106 TRP B CZ3 1 
ATOM   879  C CH2 . TRP A 1 100 ? 8.757   -1.649  -9.315  1.00 14.90  ? 106 TRP B CH2 1 
ATOM   880  N N   . THR A 1 101 ? 3.962   3.769   -5.240  1.00 12.78  ? 107 THR B N   1 
ATOM   881  C CA  . THR A 1 101 ? 3.115   4.097   -4.065  1.00 12.96  ? 107 THR B CA  1 
ATOM   882  C C   . THR A 1 101 ? 2.634   5.553   -4.146  1.00 12.99  ? 107 THR B C   1 
ATOM   883  O O   . THR A 1 101 ? 3.311   6.381   -4.787  1.00 13.24  ? 107 THR B O   1 
ATOM   884  C CB  . THR A 1 101 ? 3.858   3.879   -2.756  1.00 13.27  ? 107 THR B CB  1 
ATOM   885  O OG1 . THR A 1 101 ? 4.967   4.764   -2.681  1.00 14.23  ? 107 THR B OG1 1 
ATOM   886  C CG2 . THR A 1 101 ? 4.312   2.437   -2.631  1.00 13.34  ? 107 THR B CG2 1 
ATOM   887  N N   . ILE A 1 102 ? 1.541   5.796   -3.408  1.00 13.03  ? 108 ILE B N   1 
ATOM   888  C CA  . ILE A 1 102 ? 1.103   7.181   -3.047  1.00 12.49  ? 108 ILE B CA  1 
ATOM   889  C C   . ILE A 1 102 ? 0.993   7.218   -1.524  1.00 13.14  ? 108 ILE B C   1 
ATOM   890  O O   . ILE A 1 102 ? 0.915   6.129   -0.892  1.00 12.88  ? 108 ILE B O   1 
ATOM   891  C CB  . ILE A 1 102 ? -0.187  7.605   -3.775  1.00 13.83  ? 108 ILE B CB  1 
ATOM   892  C CG1 . ILE A 1 102 ? -1.423  6.857   -3.261  1.00 14.33  ? 108 ILE B CG1 1 
ATOM   893  C CG2 . ILE A 1 102 ? -0.026  7.503   -5.297  1.00 14.21  ? 108 ILE B CG2 1 
ATOM   894  C CD1 . ILE A 1 102 ? -2.750  7.413   -3.789  1.00 15.41  ? 108 ILE B CD1 1 
ATOM   895  N N   . TRP A 1 103 ? 0.898   8.418   -0.996  1.00 14.24  ? 109 TRP B N   1 
ATOM   896  C CA  . TRP A 1 103 ? 0.739   8.564   0.473   1.00 12.89  ? 109 TRP B CA  1 
ATOM   897  C C   . TRP A 1 103 ? 0.034   9.840   0.846   1.00 13.96  ? 109 TRP B C   1 
ATOM   898  O O   . TRP A 1 103 ? -0.057  10.796  0.046   1.00 14.29  ? 109 TRP B O   1 
ATOM   899  C CB  . TRP A 1 103 ? 2.050   8.461   1.181   1.00 16.02  ? 109 TRP B CB  1 
ATOM   900  C CG  . TRP A 1 103 ? 3.062   9.515   0.886   1.00 18.31  ? 109 TRP B CG  1 
ATOM   901  C CD1 . TRP A 1 103 ? 3.062   10.811  1.338   1.00 18.31  ? 109 TRP B CD1 1 
ATOM   902  C CD2 . TRP A 1 103 ? 4.301   9.308   0.207   1.00 20.66  ? 109 TRP B CD2 1 
ATOM   903  N NE1 . TRP A 1 103 ? 4.217   11.423  0.956   1.00 21.35  ? 109 TRP B NE1 1 
ATOM   904  C CE2 . TRP A 1 103 ? 5.011   10.513  0.308   1.00 20.08  ? 109 TRP B CE2 1 
ATOM   905  C CE3 . TRP A 1 103 ? 4.895   8.200   -0.418  1.00 18.90  ? 109 TRP B CE3 1 
ATOM   906  C CZ2 . TRP A 1 103 ? 6.260   10.666  -0.271  1.00 22.56  ? 109 TRP B CZ2 1 
ATOM   907  C CZ3 . TRP A 1 103 ? 6.146   8.350   -0.958  1.00 21.58  ? 109 TRP B CZ3 1 
ATOM   908  C CH2 . TRP A 1 103 ? 6.815   9.567   -0.880  1.00 20.70  ? 109 TRP B CH2 1 
ATOM   909  N N   . LEU A 1 104 ? -0.474  9.811   2.097   1.00 14.34  ? 110 LEU B N   1 
ATOM   910  C CA  . LEU A 1 104 ? -0.938  10.995  2.839   1.00 14.27  ? 110 LEU B CA  1 
ATOM   911  C C   . LEU A 1 104 ? 0.051   11.275  3.965   1.00 13.77  ? 110 LEU B C   1 
ATOM   912  O O   . LEU A 1 104 ? 0.398   10.374  4.702   1.00 14.99  ? 110 LEU B O   1 
ATOM   913  C CB  . LEU A 1 104 ? -2.338  10.740  3.389   1.00 15.23  ? 110 LEU B CB  1 
ATOM   914  C CG  . LEU A 1 104 ? -2.873  11.820  4.326   1.00 14.79  ? 110 LEU B CG  1 
ATOM   915  C CD1 . LEU A 1 104 ? -3.070  13.166  3.614   1.00 15.89  ? 110 LEU B CD1 1 
ATOM   916  C CD2 . LEU A 1 104 ? -4.132  11.340  5.006   1.00 16.98  ? 110 LEU B CD2 1 
ATOM   917  N N   . TRP A 1 105 ? 0.424   12.539  4.136   1.00 15.69  ? 111 TRP B N   1 
ATOM   918  C CA  . TRP A 1 105 ? 1.375   12.959  5.176   1.00 16.43  ? 111 TRP B CA  1 
ATOM   919  C C   . TRP A 1 105 ? 1.184   14.450  5.423   1.00 19.16  ? 111 TRP B C   1 
ATOM   920  O O   . TRP A 1 105 ? 1.287   15.199  4.444   1.00 18.00  ? 111 TRP B O   1 
ATOM   921  C CB  . TRP A 1 105 ? 2.791   12.705  4.675   1.00 20.64  ? 111 TRP B CB  1 
ATOM   922  C CG  . TRP A 1 105 ? 3.841   13.269  5.543   1.00 26.03  ? 111 TRP B CG  1 
ATOM   923  C CD1 . TRP A 1 105 ? 4.659   14.340  5.297   1.00 25.70  ? 111 TRP B CD1 1 
ATOM   924  C CD2 . TRP A 1 105 ? 4.161   12.772  6.833   1.00 26.00  ? 111 TRP B CD2 1 
ATOM   925  N NE1 . TRP A 1 105 ? 5.467   14.545  6.372   1.00 25.84  ? 111 TRP B NE1 1 
ATOM   926  C CE2 . TRP A 1 105 ? 5.190   13.597  7.321   1.00 24.69  ? 111 TRP B CE2 1 
ATOM   927  C CE3 . TRP A 1 105 ? 3.659   11.750  7.624   1.00 25.57  ? 111 TRP B CE3 1 
ATOM   928  C CZ2 . TRP A 1 105 ? 5.766   13.392  8.566   1.00 29.61  ? 111 TRP B CZ2 1 
ATOM   929  C CZ3 . TRP A 1 105 ? 4.227   11.547  8.854   1.00 30.76  ? 111 TRP B CZ3 1 
ATOM   930  C CH2 . TRP A 1 105 ? 5.239   12.379  9.330   1.00 30.44  ? 111 TRP B CH2 1 
ATOM   931  N N   . GLN A 1 106 ? 0.869   14.840  6.670   1.00 18.08  ? 112 GLN B N   1 
ATOM   932  C CA  . GLN A 1 106 ? 0.778   16.278  7.041   1.00 19.68  ? 112 GLN B CA  1 
ATOM   933  C C   . GLN A 1 106 ? -0.122  17.004  6.082   1.00 19.29  ? 112 GLN B C   1 
ATOM   934  O O   . GLN A 1 106 ? 0.251   18.141  5.589   1.00 21.63  ? 112 GLN B O   1 
ATOM   935  C CB  . GLN A 1 106 ? 2.192   16.858  7.107   1.00 22.19  ? 112 GLN B CB  1 
ATOM   936  C CG  . GLN A 1 106 ? 3.061   16.171  8.129   1.00 23.39  ? 112 GLN B CG  1 
ATOM   937  C CD  . GLN A 1 106 ? 4.245   16.971  8.600   1.00 28.15  ? 112 GLN B CD  1 
ATOM   938  O OE1 . GLN A 1 106 ? 4.846   16.653  9.642   1.00 30.02  ? 112 GLN B OE1 1 
ATOM   939  N NE2 . GLN A 1 106 ? 4.633   17.945  7.793   1.00 25.32  ? 112 GLN B NE2 1 
ATOM   940  N N   . ASP A 1 107 ? -1.290  16.459  5.847   1.00 19.18  ? 113 ASP B N   1 
ATOM   941  C CA  . ASP A 1 107 ? -2.374  17.137  5.136   1.00 22.61  ? 113 ASP B CA  1 
ATOM   942  C C   . ASP A 1 107 ? -2.079  17.319  3.639   1.00 23.79  ? 113 ASP B C   1 
ATOM   943  O O   . ASP A 1 107 ? -2.825  18.080  3.005   1.00 31.99  ? 113 ASP B O   1 
ATOM   944  C CB  . ASP A 1 107 ? -2.531  18.534  5.752   1.00 25.54  ? 113 ASP B CB  1 
ATOM   945  C CG  . ASP A 1 107 ? -3.938  19.037  5.675   1.00 33.02  ? 113 ASP B CG  1 
ATOM   946  O OD1 . ASP A 1 107 ? -4.852  18.197  5.530   1.00 36.98  ? 113 ASP B OD1 1 
ATOM   947  O OD2 . ASP A 1 107 ? -4.104  20.289  5.816   1.00 42.28  ? 113 ASP B OD2 1 
ATOM   948  N N   . SER A 1 108 ? -1.081  16.650  3.080   1.00 19.90  ? 114 SER B N   1 
ATOM   949  C CA  . SER A 1 108 ? -0.899  16.625  1.594   1.00 20.28  ? 114 SER B CA  1 
ATOM   950  C C   . SER A 1 108 ? -0.777  15.184  1.068   1.00 18.13  ? 114 SER B C   1 
ATOM   951  O O   . SER A 1 108 ? -0.227  14.288  1.762   1.00 17.68  ? 114 SER B O   1 
ATOM   952  C CB  . SER A 1 108 ? 0.223   17.495  1.145   1.00 27.33  ? 114 SER B CB  1 
ATOM   953  O OG  . SER A 1 108 ? 1.463   17.104  1.673   1.00 31.95  ? 114 SER B OG  1 
ATOM   954  N N   . TYR A 1 109 ? -1.262  14.988  -0.143  1.00 16.43  ? 115 TYR B N   1 
ATOM   955  C CA  . TYR A 1 109 ? -1.134  13.690  -0.870  1.00 14.58  ? 115 TYR B CA  1 
ATOM   956  C C   . TYR A 1 109 ? 0.013   13.810  -1.859  1.00 14.47  ? 115 TYR B C   1 
ATOM   957  O O   . TYR A 1 109 ? 0.118   14.831  -2.533  1.00 15.02  ? 115 TYR B O   1 
ATOM   958  C CB  . TYR A 1 109 ? -2.450  13.362  -1.552  1.00 14.91  ? 115 TYR B CB  1 
ATOM   959  C CG  . TYR A 1 109 ? -3.618  13.199  -0.597  1.00 16.15  ? 115 TYR B CG  1 
ATOM   960  C CD1 . TYR A 1 109 ? -4.483  14.245  -0.324  1.00 17.49  ? 115 TYR B CD1 1 
ATOM   961  C CD2 . TYR A 1 109 ? -3.944  11.955  -0.087  1.00 15.79  ? 115 TYR B CD2 1 
ATOM   962  C CE1 . TYR A 1 109 ? -5.573  14.082  0.516   1.00 19.41  ? 115 TYR B CE1 1 
ATOM   963  C CE2 . TYR A 1 109 ? -5.014  11.789  0.776   1.00 15.76  ? 115 TYR B CE2 1 
ATOM   964  C CZ  . TYR A 1 109 ? -5.855  12.849  1.052   1.00 17.99  ? 115 TYR B CZ  1 
ATOM   965  O OH  . TYR A 1 109 ? -6.907  12.725  1.925   1.00 18.56  ? 115 TYR B OH  1 
ATOM   966  N N   A GLU A 1 110 ? 0.863   12.779  -1.945  0.25 14.57  ? 116 GLU B N   1 
ATOM   967  N N   B GLU A 1 110 ? 0.893   12.797  -1.894  0.25 14.61  ? 116 GLU B N   1 
ATOM   968  C CA  A GLU A 1 110 ? 2.053   12.773  -2.842  0.25 15.36  ? 116 GLU B CA  1 
ATOM   969  C CA  B GLU A 1 110 ? 2.093   12.731  -2.778  0.25 15.36  ? 116 GLU B CA  1 
ATOM   970  C C   A GLU A 1 110 ? 2.290   11.382  -3.434  0.25 14.32  ? 116 GLU B C   1 
ATOM   971  C C   B GLU A 1 110 ? 2.142   11.370  -3.494  0.25 14.26  ? 116 GLU B C   1 
ATOM   972  O O   A GLU A 1 110 ? 2.082   10.384  -2.737  0.25 14.90  ? 116 GLU B O   1 
ATOM   973  O O   B GLU A 1 110 ? 1.583   10.376  -2.980  0.25 14.28  ? 116 GLU B O   1 
ATOM   974  C CB  A GLU A 1 110 ? 3.303   13.253  -2.113  0.25 17.01  ? 116 GLU B CB  1 
ATOM   975  C CB  B GLU A 1 110 ? 3.394   12.962  -2.004  0.25 17.17  ? 116 GLU B CB  1 
ATOM   976  C CG  A GLU A 1 110 ? 3.172   14.695  -1.642  0.25 18.72  ? 116 GLU B CG  1 
ATOM   977  C CG  B GLU A 1 110 ? 3.347   14.150  -1.044  0.25 19.97  ? 116 GLU B CG  1 
ATOM   978  C CD  A GLU A 1 110 ? 4.299   15.184  -0.754  0.25 21.87  ? 116 GLU B CD  1 
ATOM   979  C CD  B GLU A 1 110 ? 3.453   15.524  -1.677  0.25 22.94  ? 116 GLU B CD  1 
ATOM   980  O OE1 A GLU A 1 110 ? 4.761   14.392  0.083   0.25 24.01  ? 116 GLU B OE1 1 
ATOM   981  O OE1 B GLU A 1 110 ? 4.027   15.626  -2.769  0.25 24.74  ? 116 GLU B OE1 1 
ATOM   982  O OE2 A GLU A 1 110 ? 4.711   16.365  -0.894  0.25 23.89  ? 116 GLU B OE2 1 
ATOM   983  O OE2 B GLU A 1 110 ? 2.978   16.491  -1.043  0.25 27.63  ? 116 GLU B OE2 1 
ATOM   984  N N   . ALA A 1 111 ? 2.744   11.340  -4.689  1.00 14.51  ? 117 ALA B N   1 
ATOM   985  C CA  . ALA A 1 111 ? 3.185   10.091  -5.317  1.00 14.06  ? 117 ALA B CA  1 
ATOM   986  C C   . ALA A 1 111 ? 4.661   9.882   -4.968  1.00 15.66  ? 117 ALA B C   1 
ATOM   987  O O   . ALA A 1 111 ? 5.501   10.816  -4.987  1.00 15.06  ? 117 ALA B O   1 
ATOM   988  C CB  . ALA A 1 111 ? 2.991   10.115  -6.843  1.00 15.32  ? 117 ALA B CB  1 
ATOM   989  N N   . GLY A 1 112 ? 4.990   8.622   -4.691  1.00 14.55  ? 118 GLY B N   1 
ATOM   990  C CA  . GLY A 1 112 ? 6.337   8.162   -4.325  1.00 14.83  ? 118 GLY B CA  1 
ATOM   991  C C   . GLY A 1 112 ? 7.291   8.124   -5.501  1.00 16.62  ? 118 GLY B C   1 
ATOM   992  O O   . GLY A 1 112 ? 7.911   7.122   -5.741  1.00 18.67  ? 118 GLY B O   1 
ATOM   993  N N   . THR A 1 113 ? 7.436   9.192   -6.242  1.00 19.50  ? 119 THR B N   1 
ATOM   994  C CA  . THR A 1 113 ? 8.533   9.335   -7.221  1.00 19.02  ? 119 THR B CA  1 
ATOM   995  C C   . THR A 1 113 ? 9.779   9.861   -6.488  1.00 20.19  ? 119 THR B C   1 
ATOM   996  O O   . THR A 1 113 ? 9.670   10.255  -5.348  1.00 23.18  ? 119 THR B O   1 
ATOM   997  C CB  . THR A 1 113 ? 8.030   10.235  -8.338  1.00 17.22  ? 119 THR B CB  1 
ATOM   998  O OG1 . THR A 1 113 ? 7.553   11.460  -7.761  1.00 17.40  ? 119 THR B OG1 1 
ATOM   999  C CG2 . THR A 1 113 ? 6.945   9.659   -9.207  1.00 19.86  ? 119 THR B CG2 1 
ATOM   1000 N N   . SER A 1 114 ? 10.917  9.970   -7.170  1.00 22.81  ? 120 SER B N   1 
ATOM   1001 C CA  . SER A 1 114 ? 12.150  10.547  -6.593  1.00 28.14  ? 120 SER B CA  1 
ATOM   1002 C C   . SER A 1 114 ? 12.596  11.741  -7.438  1.00 27.97  ? 120 SER B C   1 
ATOM   1003 O O   . SER A 1 114 ? 13.052  11.549  -8.562  1.00 29.87  ? 120 SER B O   1 
ATOM   1004 C CB  . SER A 1 114 ? 13.246  9.500   -6.531  1.00 33.77  ? 120 SER B CB  1 
ATOM   1005 O OG  . SER A 1 114 ? 14.353  10.028  -5.817  1.00 35.84  ? 120 SER B OG  1 
ATOM   1006 N N   . PRO A 1 115 ? 12.404  13.000  -6.993  1.00 26.86  ? 121 PRO B N   1 
ATOM   1007 C CA  . PRO A 1 115 ? 11.728  13.336  -5.741  1.00 26.99  ? 121 PRO B CA  1 
ATOM   1008 C C   . PRO A 1 115 ? 10.201  13.212  -5.850  1.00 21.42  ? 121 PRO B C   1 
ATOM   1009 O O   . PRO A 1 115 ? 9.689   13.006  -6.950  1.00 20.97  ? 121 PRO B O   1 
ATOM   1010 C CB  . PRO A 1 115 ? 12.100  14.802  -5.536  1.00 30.32  ? 121 PRO B CB  1 
ATOM   1011 C CG  . PRO A 1 115 ? 12.180  15.336  -6.950  1.00 30.57  ? 121 PRO B CG  1 
ATOM   1012 C CD  . PRO A 1 115 ? 12.795  14.204  -7.758  1.00 29.97  ? 121 PRO B CD  1 
ATOM   1013 N N   . GLN A 1 116 ? 9.516   13.302  -4.719  1.00 21.49  ? 122 GLN B N   1 
ATOM   1014 C CA  . GLN A 1 116 ? 8.059   13.074  -4.650  1.00 19.64  ? 122 GLN B CA  1 
ATOM   1015 C C   . GLN A 1 116 ? 7.276   14.122  -5.468  1.00 17.70  ? 122 GLN B C   1 
ATOM   1016 O O   . GLN A 1 116 ? 7.774   15.227  -5.708  1.00 19.69  ? 122 GLN B O   1 
ATOM   1017 C CB  . GLN A 1 116 ? 7.568   13.010  -3.205  1.00 24.90  ? 122 GLN B CB  1 
ATOM   1018 C CG  . GLN A 1 116 ? 7.417   14.352  -2.533  1.00 30.39  ? 122 GLN B CG  1 
ATOM   1019 C CD  . GLN A 1 116 ? 7.826   14.282  -1.090  1.00 40.24  ? 122 GLN B CD  1 
ATOM   1020 O OE1 . GLN A 1 116 ? 8.720   13.521  -0.723  1.00 47.53  ? 122 GLN B OE1 1 
ATOM   1021 N NE2 . GLN A 1 116 ? 7.201   15.115  -0.280  1.00 49.32  ? 122 GLN B NE2 1 
ATOM   1022 N N   . THR A 1 117 ? 6.122   13.712  -5.956  1.00 15.83  ? 123 THR B N   1 
ATOM   1023 C CA  . THR A 1 117 ? 5.224   14.520  -6.801  1.00 15.60  ? 123 THR B CA  1 
ATOM   1024 C C   . THR A 1 117 ? 3.972   14.891  -6.010  1.00 16.01  ? 123 THR B C   1 
ATOM   1025 O O   . THR A 1 117 ? 3.241   14.012  -5.570  1.00 16.95  ? 123 THR B O   1 
ATOM   1026 C CB  . THR A 1 117 ? 4.880   13.741  -8.075  1.00 16.40  ? 123 THR B CB  1 
ATOM   1027 O OG1 . THR A 1 117 ? 6.114   13.435  -8.732  1.00 17.34  ? 123 THR B OG1 1 
ATOM   1028 C CG2 . THR A 1 117 ? 3.967   14.551  -8.962  1.00 17.59  ? 123 THR B CG2 1 
ATOM   1029 N N   . THR A 1 118 ? 3.622   16.184  -6.011  1.00 16.76  ? 124 THR B N   1 
ATOM   1030 C CA  . THR A 1 118 ? 2.355   16.689  -5.453  1.00 17.85  ? 124 THR B CA  1 
ATOM   1031 C C   . THR A 1 118 ? 1.139   16.162  -6.197  1.00 15.95  ? 124 THR B C   1 
ATOM   1032 O O   . THR A 1 118 ? 1.091   16.231  -7.476  1.00 19.80  ? 124 THR B O   1 
ATOM   1033 C CB  . THR A 1 118 ? 2.419   18.224  -5.572  1.00 21.49  ? 124 THR B CB  1 
ATOM   1034 O OG1 . THR A 1 118 ? 3.481   18.699  -4.755  1.00 23.65  ? 124 THR B OG1 1 
ATOM   1035 C CG2 . THR A 1 118 ? 1.101   18.867  -5.235  1.00 24.76  ? 124 THR B CG2 1 
ATOM   1036 N N   . LEU A 1 119 ? 0.137   15.648  -5.477  1.00 14.59  ? 125 LEU B N   1 
ATOM   1037 C CA  . LEU A 1 119 ? -1.143  15.177  -6.056  1.00 14.92  ? 125 LEU B CA  1 
ATOM   1038 C C   . LEU A 1 119 ? -2.161  16.301  -5.852  1.00 19.74  ? 125 LEU B C   1 
ATOM   1039 O O   . LEU A 1 119 ? -1.970  17.114  -4.907  1.00 23.34  ? 125 LEU B O   1 
ATOM   1040 C CB  . LEU A 1 119 ? -1.610  13.873  -5.396  1.00 15.17  ? 125 LEU B CB  1 
ATOM   1041 C CG  . LEU A 1 119 ? -0.599  12.738  -5.582  1.00 15.94  ? 125 LEU B CG  1 
ATOM   1042 C CD1 . LEU A 1 119 ? -1.032  11.522  -4.799  1.00 16.28  ? 125 LEU B CD1 1 
ATOM   1043 C CD2 . LEU A 1 119 ? -0.429  12.397  -7.050  1.00 18.67  ? 125 LEU B CD2 1 
ATOM   1044 N N   . HIS A 1 120 ? -3.156  16.347  -6.720  1.00 21.05  ? 126 HIS B N   1 
ATOM   1045 C CA  . HIS A 1 120 ? -4.216  17.377  -6.715  1.00 21.15  ? 126 HIS B CA  1 
ATOM   1046 C C   . HIS A 1 120 ? -5.517  16.633  -6.474  1.00 20.78  ? 126 HIS B C   1 
ATOM   1047 O O   . HIS A 1 120 ? -6.080  16.111  -7.445  1.00 27.85  ? 126 HIS B O   1 
ATOM   1048 C CB  . HIS A 1 120 ? -4.221  18.132  -8.043  1.00 24.21  ? 126 HIS B CB  1 
ATOM   1049 C CG  . HIS A 1 120 ? -2.928  18.823  -8.381  1.00 28.21  ? 126 HIS B CG  1 
ATOM   1050 N ND1 . HIS A 1 120 ? -2.010  18.304  -9.301  1.00 34.93  ? 126 HIS B ND1 1 
ATOM   1051 C CD2 . HIS A 1 120 ? -2.423  20.002  -7.959  1.00 31.76  ? 126 HIS B CD2 1 
ATOM   1052 C CE1 . HIS A 1 120 ? -0.969  19.123  -9.369  1.00 38.45  ? 126 HIS B CE1 1 
ATOM   1053 N NE2 . HIS A 1 120 ? -1.218  20.186  -8.592  1.00 30.66  ? 126 HIS B NE2 1 
ATOM   1054 N N   . ILE A 1 121 ? -5.983  16.540  -5.246  1.00 23.02  ? 127 ILE B N   1 
ATOM   1055 C CA  . ILE A 1 121 ? -7.237  15.791  -4.948  1.00 24.01  ? 127 ILE B CA  1 
ATOM   1056 C C   . ILE A 1 121 ? -8.265  16.798  -4.384  1.00 25.87  ? 127 ILE B C   1 
ATOM   1057 O O   . ILE A 1 121 ? -7.949  17.471  -3.419  1.00 31.32  ? 127 ILE B O   1 
ATOM   1058 C CB  . ILE A 1 121 ? -6.960  14.589  -4.019  1.00 27.42  ? 127 ILE B CB  1 
ATOM   1059 C CG1 . ILE A 1 121 ? -5.812  13.709  -4.547  1.00 24.85  ? 127 ILE B CG1 1 
ATOM   1060 C CG2 . ILE A 1 121 ? -8.240  13.781  -3.893  1.00 29.53  ? 127 ILE B CG2 1 
ATOM   1061 C CD1 . ILE A 1 121 ? -5.536  12.480  -3.718  1.00 23.93  ? 127 ILE B CD1 1 
ATOM   1062 N N   . GLN A 1 122 ? -9.417  16.940  -5.022  1.00 30.85  ? 128 GLN B N   1 
ATOM   1063 C CA  . GLN A 1 122 ? -10.441 17.938  -4.582  1.00 34.62  ? 128 GLN B CA  1 
ATOM   1064 C C   . GLN A 1 122 ? -11.272 17.347  -3.434  1.00 32.51  ? 128 GLN B C   1 
ATOM   1065 O O   . GLN A 1 122 ? -11.606 18.111  -2.499  1.00 30.63  ? 128 GLN B O   1 
ATOM   1066 C CB  . GLN A 1 122 ? -11.274 18.395  -5.784  1.00 37.89  ? 128 GLN B CB  1 
ATOM   1067 C CG  . GLN A 1 122 ? -12.472 19.287  -5.424  1.00 47.02  ? 128 GLN B CG  1 
ATOM   1068 C CD  . GLN A 1 122 ? -12.148 20.627  -4.782  1.00 51.06  ? 128 GLN B CD  1 
ATOM   1069 O OE1 . GLN A 1 122 ? -11.103 21.238  -5.012  1.00 49.89  ? 128 GLN B OE1 1 
ATOM   1070 N NE2 . GLN A 1 122 ? -13.073 21.124  -3.971  1.00 53.74  ? 128 GLN B NE2 1 
ATOM   1071 N N   . VAL A 1 123 ? -11.487 16.028  -3.436  1.00 26.45  ? 129 VAL B N   1 
ATOM   1072 C CA  . VAL A 1 123 ? -12.359 15.307  -2.457  1.00 23.79  ? 129 VAL B CA  1 
ATOM   1073 C C   . VAL A 1 123 ? -11.485 14.314  -1.693  1.00 25.10  ? 129 VAL B C   1 
ATOM   1074 O O   . VAL A 1 123 ? -11.054 13.324  -2.296  1.00 23.54  ? 129 VAL B O   1 
ATOM   1075 C CB  . VAL A 1 123 ? -13.504 14.589  -3.193  1.00 28.73  ? 129 VAL B CB  1 
ATOM   1076 C CG1 . VAL A 1 123 ? -14.378 13.742  -2.263  1.00 27.65  ? 129 VAL B CG1 1 
ATOM   1077 C CG2 . VAL A 1 123 ? -14.359 15.568  -3.984  1.00 29.01  ? 129 VAL B CG2 1 
ATOM   1078 N N   . PRO A 1 124 ? -11.098 14.597  -0.427  1.00 23.89  ? 130 PRO B N   1 
ATOM   1079 C CA  . PRO A 1 124 ? -10.229 13.697  0.335   1.00 23.65  ? 130 PRO B CA  1 
ATOM   1080 C C   . PRO A 1 124 ? -10.789 12.293  0.264   1.00 23.59  ? 130 PRO B C   1 
ATOM   1081 O O   . PRO A 1 124 ? -11.947 12.068  0.559   1.00 22.57  ? 130 PRO B O   1 
ATOM   1082 C CB  . PRO A 1 124 ? -10.293 14.282  1.762   1.00 27.28  ? 130 PRO B CB  1 
ATOM   1083 C CG  . PRO A 1 124 ? -10.480 15.773  1.502   1.00 26.07  ? 130 PRO B CG  1 
ATOM   1084 C CD  . PRO A 1 124 ? -11.420 15.830  0.336   1.00 26.71  ? 130 PRO B CD  1 
ATOM   1085 N N   . PRO A 1 125 ? -10.016 11.280  -0.168  1.00 19.48  ? 131 PRO B N   1 
ATOM   1086 C CA  . PRO A 1 125 ? -10.593 9.949   -0.327  1.00 19.34  ? 131 PRO B CA  1 
ATOM   1087 C C   . PRO A 1 125 ? -10.798 9.179   0.988   1.00 18.21  ? 131 PRO B C   1 
ATOM   1088 O O   . PRO A 1 125 ? -9.928  9.269   1.861   1.00 18.33  ? 131 PRO B O   1 
ATOM   1089 C CB  . PRO A 1 125 ? -9.581  9.229   -1.235  1.00 20.09  ? 131 PRO B CB  1 
ATOM   1090 C CG  . PRO A 1 125 ? -8.331  10.048  -1.197  1.00 21.25  ? 131 PRO B CG  1 
ATOM   1091 C CD  . PRO A 1 125 ? -8.670  11.440  -0.720  1.00 19.32  ? 131 PRO B CD  1 
ATOM   1092 N N   . CYS A 1 126 ? -11.901 8.439   1.077   1.00 19.53  ? 132 CYS B N   1 
ATOM   1093 C CA  . CYS A 1 126 ? -12.117 7.450   2.164   1.00 20.07  ? 132 CYS B CA  1 
ATOM   1094 C C   . CYS A 1 126 ? -11.766 6.046   1.663   1.00 17.82  ? 132 CYS B C   1 
ATOM   1095 O O   . CYS A 1 126 ? -11.504 5.166   2.492   1.00 17.49  ? 132 CYS B O   1 
ATOM   1096 C CB  . CYS A 1 126 ? -13.540 7.447   2.714   1.00 23.41  ? 132 CYS B CB  1 
ATOM   1097 S SG  . CYS A 1 126 ? -13.961 9.057   3.438   1.00 33.57  ? 132 CYS B SG  1 
ATOM   1098 N N   A GLN A 1 127 ? -11.779 5.809   0.344   0.25 18.74  ? 133 GLN B N   1 
ATOM   1099 N N   B GLN A 1 127 ? -11.745 5.858   0.342   0.25 18.89  ? 133 GLN B N   1 
ATOM   1100 C CA  A GLN A 1 127 ? -11.346 4.507   -0.248  0.25 18.81  ? 133 GLN B CA  1 
ATOM   1101 C CA  B GLN A 1 127 ? -11.371 4.569   -0.294  0.25 19.35  ? 133 GLN B CA  1 
ATOM   1102 C C   A GLN A 1 127 ? -10.593 4.758   -1.564  0.25 17.87  ? 133 GLN B C   1 
ATOM   1103 C C   B GLN A 1 127 ? -10.483 4.878   -1.506  0.25 18.12  ? 133 GLN B C   1 
ATOM   1104 O O   A GLN A 1 127 ? -11.072 5.564   -2.399  0.25 15.18  ? 133 GLN B O   1 
ATOM   1105 O O   B GLN A 1 127 ? -10.700 5.908   -2.176  0.25 15.64  ? 133 GLN B O   1 
ATOM   1106 C CB  A GLN A 1 127 ? -12.492 3.524   -0.527  0.25 21.30  ? 133 GLN B CB  1 
ATOM   1107 C CB  B GLN A 1 127 ? -12.600 3.745   -0.691  0.25 22.34  ? 133 GLN B CB  1 
ATOM   1108 C CG  A GLN A 1 127 ? -13.252 3.063   0.708   0.25 23.41  ? 133 GLN B CG  1 
ATOM   1109 C CG  B GLN A 1 127 ? -13.576 3.506   0.448   0.25 24.77  ? 133 GLN B CG  1 
ATOM   1110 C CD  A GLN A 1 127 ? -14.506 3.881   0.888   0.25 25.76  ? 133 GLN B CD  1 
ATOM   1111 C CD  B GLN A 1 127 ? -14.544 2.380   0.178   0.25 25.31  ? 133 GLN B CD  1 
ATOM   1112 O OE1 A GLN A 1 127 ? -15.091 4.359   -0.083  0.25 25.27  ? 133 GLN B OE1 1 
ATOM   1113 O OE1 B GLN A 1 127 ? -14.513 1.723   -0.863  0.25 30.19  ? 133 GLN B OE1 1 
ATOM   1114 N NE2 A GLN A 1 127 ? -14.915 4.060   2.137   0.25 25.08  ? 133 GLN B NE2 1 
ATOM   1115 N NE2 B GLN A 1 127 ? -15.414 2.136   1.135   0.25 28.06  ? 133 GLN B NE2 1 
ATOM   1116 N N   . ILE A 1 128 ? -9.497  4.011   -1.730  1.00 16.38  ? 134 ILE B N   1 
ATOM   1117 C CA  . ILE A 1 128 ? -8.529  4.111   -2.854  1.00 16.79  ? 134 ILE B CA  1 
ATOM   1118 C C   . ILE A 1 128 ? -8.654  2.810   -3.650  1.00 16.55  ? 134 ILE B C   1 
ATOM   1119 O O   . ILE A 1 128 ? -8.546  1.708   -3.063  1.00 15.66  ? 134 ILE B O   1 
ATOM   1120 C CB  . ILE A 1 128 ? -7.107  4.332   -2.320  1.00 18.15  ? 134 ILE B CB  1 
ATOM   1121 C CG1 . ILE A 1 128 ? -6.969  5.578   -1.424  1.00 21.93  ? 134 ILE B CG1 1 
ATOM   1122 C CG2 . ILE A 1 128 ? -6.119  4.329   -3.484  1.00 17.95  ? 134 ILE B CG2 1 
ATOM   1123 C CD1 . ILE A 1 128 ? -6.931  6.827   -2.139  1.00 21.28  ? 134 ILE B CD1 1 
ATOM   1124 N N   . GLY A 1 129 ? -8.711  2.919   -4.981  1.00 16.96  ? 135 GLY B N   1 
ATOM   1125 C CA  . GLY A 1 129 ? -8.598  1.769   -5.893  1.00 16.04  ? 135 GLY B CA  1 
ATOM   1126 C C   . GLY A 1 129 ? -7.208  1.747   -6.512  1.00 15.97  ? 135 GLY B C   1 
ATOM   1127 O O   . GLY A 1 129 ? -6.636  2.794   -6.817  1.00 16.28  ? 135 GLY B O   1 
ATOM   1128 N N   . ILE A 1 130 ? -6.587  0.567   -6.481  1.00 15.22  ? 136 ILE B N   1 
ATOM   1129 C CA  . ILE A 1 130 ? -5.232  0.346   -7.059  1.00 14.81  ? 136 ILE B CA  1 
ATOM   1130 C C   . ILE A 1 130 ? -5.359  -0.648  -8.208  1.00 15.69  ? 136 ILE B C   1 
ATOM   1131 O O   . ILE A 1 130 ? -5.893  -1.749  -8.024  1.00 15.48  ? 136 ILE B O   1 
ATOM   1132 C CB  . ILE A 1 130 ? -4.260  -0.159  -5.969  1.00 17.41  ? 136 ILE B CB  1 
ATOM   1133 C CG1 . ILE A 1 130 ? -4.188  0.855   -4.818  1.00 19.89  ? 136 ILE B CG1 1 
ATOM   1134 C CG2 . ILE A 1 130 ? -2.892  -0.495  -6.561  1.00 18.09  ? 136 ILE B CG2 1 
ATOM   1135 C CD1 . ILE A 1 130 ? -3.516  0.359   -3.602  1.00 25.39  ? 136 ILE B CD1 1 
ATOM   1136 N N   . PHE A 1 131 ? -4.878  -0.240  -9.368  1.00 15.05  ? 137 PHE B N   1 
ATOM   1137 C CA  . PHE A 1 131 ? -4.921  -1.026  -10.625 1.00 15.53  ? 137 PHE B CA  1 
ATOM   1138 C C   . PHE A 1 131 ? -3.494  -1.279  -11.096 1.00 14.96  ? 137 PHE B C   1 
ATOM   1139 O O   . PHE A 1 131 ? -2.696  -0.335  -11.147 1.00 16.09  ? 137 PHE B O   1 
ATOM   1140 C CB  . PHE A 1 131 ? -5.604  -0.231  -11.732 1.00 17.11  ? 137 PHE B CB  1 
ATOM   1141 C CG  . PHE A 1 131 ? -5.626  -0.931  -13.066 1.00 17.32  ? 137 PHE B CG  1 
ATOM   1142 C CD1 . PHE A 1 131 ? -6.328  -2.113  -13.203 1.00 20.39  ? 137 PHE B CD1 1 
ATOM   1143 C CD2 . PHE A 1 131 ? -4.939  -0.446  -14.162 1.00 19.50  ? 137 PHE B CD2 1 
ATOM   1144 C CE1 . PHE A 1 131 ? -6.381  -2.769  -14.428 1.00 22.42  ? 137 PHE B CE1 1 
ATOM   1145 C CE2 . PHE A 1 131 ? -4.985  -1.110  -15.385 1.00 21.17  ? 137 PHE B CE2 1 
ATOM   1146 C CZ  . PHE A 1 131 ? -5.703  -2.263  -15.514 1.00 20.02  ? 137 PHE B CZ  1 
ATOM   1147 N N   . VAL A 1 132 ? -3.140  -2.532  -11.378 1.00 15.58  ? 138 VAL B N   1 
ATOM   1148 C CA  . VAL A 1 132 ? -1.812  -2.902  -11.937 1.00 15.47  ? 138 VAL B CA  1 
ATOM   1149 C C   . VAL A 1 132 ? -2.061  -3.637  -13.260 1.00 14.54  ? 138 VAL B C   1 
ATOM   1150 O O   . VAL A 1 132 ? -2.804  -4.598  -13.290 1.00 17.54  ? 138 VAL B O   1 
ATOM   1151 C CB  . VAL A 1 132 ? -1.001  -3.790  -10.980 1.00 15.12  ? 138 VAL B CB  1 
ATOM   1152 C CG1 . VAL A 1 132 ? 0.358   -4.152  -11.582 1.00 17.23  ? 138 VAL B CG1 1 
ATOM   1153 C CG2 . VAL A 1 132 ? -0.841  -3.090  -9.629  1.00 17.30  ? 138 VAL B CG2 1 
ATOM   1154 N N   . ASP A 1 133 ? -1.421  -3.160  -14.308 1.00 15.73  ? 139 ASP B N   1 
ATOM   1155 C CA  . ASP A 1 133 ? -1.334  -3.889  -15.609 1.00 18.24  ? 139 ASP B CA  1 
ATOM   1156 C C   . ASP A 1 133 ? 0.139   -4.294  -15.771 1.00 16.08  ? 139 ASP B C   1 
ATOM   1157 O O   . ASP A 1 133 ? 0.996   -3.449  -16.080 1.00 16.17  ? 139 ASP B O   1 
ATOM   1158 C CB  . ASP A 1 133 ? -1.887  -3.064  -16.754 1.00 17.62  ? 139 ASP B CB  1 
ATOM   1159 C CG  . ASP A 1 133 ? -1.911  -3.807  -18.084 1.00 21.16  ? 139 ASP B CG  1 
ATOM   1160 O OD1 . ASP A 1 133 ? -1.128  -4.772  -18.257 1.00 21.56  ? 139 ASP B OD1 1 
ATOM   1161 O OD2 . ASP A 1 133 ? -2.694  -3.357  -18.936 1.00 24.84  ? 139 ASP B OD2 1 
ATOM   1162 N N   . TYR A 1 134 ? 0.440   -5.560  -15.502 1.00 18.20  ? 140 TYR B N   1 
ATOM   1163 C CA  . TYR A 1 134 ? 1.840   -6.026  -15.480 1.00 17.64  ? 140 TYR B CA  1 
ATOM   1164 C C   . TYR A 1 134 ? 2.498   -5.845  -16.872 1.00 19.14  ? 140 TYR B C   1 
ATOM   1165 O O   . TYR A 1 134 ? 3.583   -5.254  -17.014 1.00 20.28  ? 140 TYR B O   1 
ATOM   1166 C CB  . TYR A 1 134 ? 1.941   -7.480  -15.008 1.00 17.79  ? 140 TYR B CB  1 
ATOM   1167 C CG  . TYR A 1 134 ? 3.345   -7.757  -14.548 1.00 17.51  ? 140 TYR B CG  1 
ATOM   1168 C CD1 . TYR A 1 134 ? 4.359   -8.003  -15.462 1.00 18.56  ? 140 TYR B CD1 1 
ATOM   1169 C CD2 . TYR A 1 134 ? 3.684   -7.810  -13.208 1.00 17.77  ? 140 TYR B CD2 1 
ATOM   1170 C CE1 . TYR A 1 134 ? 5.661   -8.221  -15.081 1.00 17.85  ? 140 TYR B CE1 1 
ATOM   1171 C CE2 . TYR A 1 134 ? 5.004   -8.010  -12.795 1.00 16.22  ? 140 TYR B CE2 1 
ATOM   1172 C CZ  . TYR A 1 134 ? 5.997   -8.262  -13.739 1.00 17.02  ? 140 TYR B CZ  1 
ATOM   1173 O OH  . TYR A 1 134 ? 7.318   -8.446  -13.394 1.00 17.58  ? 140 TYR B OH  1 
ATOM   1174 N N   . GLU A 1 135 ? 1.811   -6.315  -17.911 1.00 20.63  ? 141 GLU B N   1 
ATOM   1175 C CA  . GLU A 1 135 ? 2.399   -6.297  -19.278 1.00 20.56  ? 141 GLU B CA  1 
ATOM   1176 C C   . GLU A 1 135 ? 2.567   -4.864  -19.758 1.00 20.08  ? 141 GLU B C   1 
ATOM   1177 O O   . GLU A 1 135 ? 3.565   -4.580  -20.418 1.00 25.90  ? 141 GLU B O   1 
ATOM   1178 C CB  . GLU A 1 135 ? 1.587   -7.170  -20.237 1.00 23.33  ? 141 GLU B CB  1 
ATOM   1179 C CG  . GLU A 1 135 ? 2.049   -8.638  -20.173 1.00 29.77  ? 141 GLU B CG  1 
ATOM   1180 C CD  . GLU A 1 135 ? 1.579   -9.271  -18.901 1.00 32.66  ? 141 GLU B CD  1 
ATOM   1181 O OE1 . GLU A 1 135 ? 2.238   -10.160 -18.410 1.00 33.68  ? 141 GLU B OE1 1 
ATOM   1182 O OE2 . GLU A 1 135 ? 0.534   -8.810  -18.387 1.00 41.37  ? 141 GLU B OE2 1 
ATOM   1183 N N   . ALA A 1 136 ? 1.642   -3.952  -19.485 1.00 18.51  ? 142 ALA B N   1 
ATOM   1184 C CA  . ALA A 1 136 ? 1.739   -2.546  -19.926 1.00 19.84  ? 142 ALA B CA  1 
ATOM   1185 C C   . ALA A 1 136 ? 2.726   -1.737  -19.083 1.00 19.40  ? 142 ALA B C   1 
ATOM   1186 O O   . ALA A 1 136 ? 3.147   -0.613  -19.535 1.00 22.24  ? 142 ALA B O   1 
ATOM   1187 C CB  . ALA A 1 136 ? 0.381   -1.920  -19.870 1.00 21.46  ? 142 ALA B CB  1 
ATOM   1188 N N   . GLY A 1 137 ? 3.122   -2.226  -17.909 1.00 17.35  ? 143 GLY B N   1 
ATOM   1189 C CA  . GLY A 1 137 ? 3.991   -1.473  -17.007 1.00 17.00  ? 143 GLY B CA  1 
ATOM   1190 C C   . GLY A 1 137 ? 3.275   -0.264  -16.383 1.00 16.74  ? 143 GLY B C   1 
ATOM   1191 O O   . GLY A 1 137 ? 3.866   0.835   -16.416 1.00 18.17  ? 143 GLY B O   1 
ATOM   1192 N N   . VAL A 1 138 ? 2.076   -0.473  -15.851 1.00 16.94  ? 144 VAL B N   1 
ATOM   1193 C CA  . VAL A 1 138 ? 1.219   0.633   -15.330 1.00 15.48  ? 144 VAL B CA  1 
ATOM   1194 C C   . VAL A 1 138 ? 0.775   0.293   -13.906 1.00 14.55  ? 144 VAL B C   1 
ATOM   1195 O O   . VAL A 1 138 ? 0.272   -0.842  -13.674 1.00 16.09  ? 144 VAL B O   1 
ATOM   1196 C CB  . VAL A 1 138 ? 0.010   0.840   -16.260 1.00 18.32  ? 144 VAL B CB  1 
ATOM   1197 C CG1 . VAL A 1 138 ? -1.081  1.709   -15.617 1.00 18.82  ? 144 VAL B CG1 1 
ATOM   1198 C CG2 . VAL A 1 138 ? 0.459   1.392   -17.611 1.00 18.90  ? 144 VAL B CG2 1 
ATOM   1199 N N   . VAL A 1 139 ? 0.842   1.301   -13.025 1.00 14.32  ? 145 VAL B N   1 
ATOM   1200 C CA  . VAL A 1 139 ? 0.177   1.274   -11.700 1.00 13.07  ? 145 VAL B CA  1 
ATOM   1201 C C   . VAL A 1 139 ? -0.654  2.559   -11.615 1.00 13.13  ? 145 VAL B C   1 
ATOM   1202 O O   . VAL A 1 139 ? -0.040  3.640   -11.658 1.00 14.63  ? 145 VAL B O   1 
ATOM   1203 C CB  . VAL A 1 139 ? 1.181   1.202   -10.539 1.00 13.79  ? 145 VAL B CB  1 
ATOM   1204 C CG1 . VAL A 1 139 ? 0.419   1.067   -9.238  1.00 12.96  ? 145 VAL B CG1 1 
ATOM   1205 C CG2 . VAL A 1 139 ? 2.180   0.075   -10.754 1.00 14.20  ? 145 VAL B CG2 1 
ATOM   1206 N N   . SER A 1 140 ? -1.951  2.433   -11.398 1.00 14.16  ? 146 SER B N   1 
ATOM   1207 C CA  . SER A 1 140 ? -2.837  3.616   -11.298 1.00 13.64  ? 146 SER B CA  1 
ATOM   1208 C C   . SER A 1 140 ? -3.631  3.585   -10.001 1.00 14.24  ? 146 SER B C   1 
ATOM   1209 O O   . SER A 1 140 ? -3.993  2.508   -9.508  1.00 15.83  ? 146 SER B O   1 
ATOM   1210 C CB  . SER A 1 140 ? -3.798  3.637   -12.474 1.00 15.13  ? 146 SER B CB  1 
ATOM   1211 O OG  . SER A 1 140 ? -3.126  3.872   -13.700 1.00 16.26  ? 146 SER B OG  1 
ATOM   1212 N N   . PHE A 1 141 ? -3.957  4.778   -9.512  1.00 13.26  ? 147 PHE B N   1 
ATOM   1213 C CA  . PHE A 1 141 ? -4.684  4.986   -8.242  1.00 12.68  ? 147 PHE B CA  1 
ATOM   1214 C C   . PHE A 1 141 ? -5.953  5.783   -8.542  1.00 14.08  ? 147 PHE B C   1 
ATOM   1215 O O   . PHE A 1 141 ? -5.835  6.830   -9.254  1.00 14.47  ? 147 PHE B O   1 
ATOM   1216 C CB  . PHE A 1 141 ? -3.771  5.719   -7.241  1.00 12.97  ? 147 PHE B CB  1 
ATOM   1217 C CG  . PHE A 1 141 ? -2.546  4.917   -6.868  1.00 13.46  ? 147 PHE B CG  1 
ATOM   1218 C CD1 . PHE A 1 141 ? -1.407  4.962   -7.664  1.00 12.36  ? 147 PHE B CD1 1 
ATOM   1219 C CD2 . PHE A 1 141 ? -2.498  4.206   -5.672  1.00 13.98  ? 147 PHE B CD2 1 
ATOM   1220 C CE1 . PHE A 1 141 ? -0.289  4.201   -7.363  1.00 13.83  ? 147 PHE B CE1 1 
ATOM   1221 C CE2 . PHE A 1 141 ? -1.362  3.450   -5.366  1.00 13.30  ? 147 PHE B CE2 1 
ATOM   1222 C CZ  . PHE A 1 141 ? -0.270  3.449   -6.211  1.00 13.09  ? 147 PHE B CZ  1 
ATOM   1223 N N   . TYR A 1 142 ? -7.055  5.344   -7.953  1.00 14.23  ? 148 TYR B N   1 
ATOM   1224 C CA  . TYR A 1 142 ? -8.397  5.939   -8.200  1.00 16.25  ? 148 TYR B CA  1 
ATOM   1225 C C   . TYR A 1 142 ? -9.079  6.344   -6.887  1.00 17.50  ? 148 TYR B C   1 
ATOM   1226 O O   . TYR A 1 142 ? -8.973  5.684   -5.841  1.00 17.83  ? 148 TYR B O   1 
ATOM   1227 C CB  . TYR A 1 142 ? -9.263  4.978   -9.003  1.00 16.34  ? 148 TYR B CB  1 
ATOM   1228 C CG  . TYR A 1 142 ? -8.705  4.683   -10.368 1.00 17.56  ? 148 TYR B CG  1 
ATOM   1229 C CD1 . TYR A 1 142 ? -8.913  5.561   -11.413 1.00 19.42  ? 148 TYR B CD1 1 
ATOM   1230 C CD2 . TYR A 1 142 ? -7.903  3.576   -10.593 1.00 17.53  ? 148 TYR B CD2 1 
ATOM   1231 C CE1 . TYR A 1 142 ? -8.356  5.325   -12.659 1.00 18.45  ? 148 TYR B CE1 1 
ATOM   1232 C CE2 . TYR A 1 142 ? -7.351  3.326   -11.842 1.00 18.68  ? 148 TYR B CE2 1 
ATOM   1233 C CZ  . TYR A 1 142 ? -7.610  4.181   -12.895 1.00 19.23  ? 148 TYR B CZ  1 
ATOM   1234 O OH  . TYR A 1 142 ? -7.008  3.985   -14.128 1.00 20.51  ? 148 TYR B OH  1 
ATOM   1235 N N   . ASN A 1 143 ? -9.835  7.455   -6.920  1.00 16.90  ? 149 ASN B N   1 
ATOM   1236 C CA  . ASN A 1 143 ? -10.513 8.044   -5.732  1.00 17.59  ? 149 ASN B CA  1 
ATOM   1237 C C   . ASN A 1 143 ? -11.941 7.494   -5.719  1.00 18.27  ? 149 ASN B C   1 
ATOM   1238 O O   . ASN A 1 143 ? -12.788 8.021   -6.479  1.00 19.42  ? 149 ASN B O   1 
ATOM   1239 C CB  . ASN A 1 143 ? -10.478 9.577   -5.811  1.00 18.45  ? 149 ASN B CB  1 
ATOM   1240 C CG  . ASN A 1 143 ? -11.110 10.225  -4.584  1.00 17.85  ? 149 ASN B CG  1 
ATOM   1241 O OD1 . ASN A 1 143 ? -11.850 9.574   -3.843  1.00 19.95  ? 149 ASN B OD1 1 
ATOM   1242 N ND2 . ASN A 1 143 ? -10.829 11.490  -4.375  1.00 19.55  ? 149 ASN B ND2 1 
ATOM   1243 N N   . ILE A 1 144 ? -12.247 6.474   -4.924  1.00 17.92  ? 150 ILE B N   1 
ATOM   1244 C CA  . ILE A 1 144 ? -13.545 5.751   -5.031  1.00 20.28  ? 150 ILE B CA  1 
ATOM   1245 C C   . ILE A 1 144 ? -14.620 6.714   -4.497  1.00 22.33  ? 150 ILE B C   1 
ATOM   1246 O O   . ILE A 1 144 ? -15.751 6.651   -4.962  1.00 24.46  ? 150 ILE B O   1 
ATOM   1247 C CB  . ILE A 1 144 ? -13.502 4.425   -4.250  1.00 21.49  ? 150 ILE B CB  1 
ATOM   1248 C CG1 . ILE A 1 144 ? -12.378 3.502   -4.735  1.00 22.55  ? 150 ILE B CG1 1 
ATOM   1249 C CG2 . ILE A 1 144 ? -14.857 3.714   -4.267  1.00 23.51  ? 150 ILE B CG2 1 
ATOM   1250 C CD1 . ILE A 1 144 ? -12.314 3.382   -6.243  1.00 25.04  ? 150 ILE B CD1 1 
ATOM   1251 N N   . THR A 1 145 ? -14.270 7.532   -3.517  1.00 21.89  ? 151 THR B N   1 
ATOM   1252 C CA  . THR A 1 145 ? -15.196 8.525   -2.875  1.00 22.82  ? 151 THR B CA  1 
ATOM   1253 C C   . THR A 1 145 ? -15.644 9.532   -3.933  1.00 25.09  ? 151 THR B C   1 
ATOM   1254 O O   . THR A 1 145 ? -16.798 10.002  -3.829  1.00 28.34  ? 151 THR B O   1 
ATOM   1255 C CB  . THR A 1 145 ? -14.499 9.240   -1.711  1.00 22.28  ? 151 THR B CB  1 
ATOM   1256 O OG1 . THR A 1 145 ? -13.930 8.251   -0.861  1.00 21.28  ? 151 THR B OG1 1 
ATOM   1257 C CG2 . THR A 1 145 ? -15.427 10.144  -0.924  1.00 25.34  ? 151 THR B CG2 1 
ATOM   1258 N N   . ASP A 1 146 ? -14.816 9.821   -4.932  1.00 25.38  ? 152 ASP B N   1 
ATOM   1259 C CA  . ASP A 1 146 ? -15.129 10.820  -5.991  1.00 25.47  ? 152 ASP B CA  1 
ATOM   1260 C C   . ASP A 1 146 ? -15.386 10.117  -7.318  1.00 27.36  ? 152 ASP B C   1 
ATOM   1261 O O   . ASP A 1 146 ? -14.739 10.484  -8.299  1.00 26.65  ? 152 ASP B O   1 
ATOM   1262 C CB  . ASP A 1 146 ? -14.069 11.888  -5.999  1.00 23.73  ? 152 ASP B CB  1 
ATOM   1263 C CG  . ASP A 1 146 ? -14.319 12.959  -7.028  1.00 31.59  ? 152 ASP B CG  1 
ATOM   1264 O OD1 . ASP A 1 146 ? -15.468 13.453  -7.071  1.00 28.67  ? 152 ASP B OD1 1 
ATOM   1265 O OD2 . ASP A 1 146 ? -13.364 13.300  -7.742  1.00 30.81  ? 152 ASP B OD2 1 
ATOM   1266 N N   . HIS A 1 147 ? -16.301 9.149   -7.338  1.00 27.69  ? 153 HIS B N   1 
ATOM   1267 C CA  . HIS A 1 147 ? -16.797 8.507   -8.581  1.00 32.23  ? 153 HIS B CA  1 
ATOM   1268 C C   . HIS A 1 147 ? -15.626 7.860   -9.324  1.00 31.10  ? 153 HIS B C   1 
ATOM   1269 O O   . HIS A 1 147 ? -15.707 7.720   -10.519 1.00 30.41  ? 153 HIS B O   1 
ATOM   1270 C CB  . HIS A 1 147 ? -17.449 9.523   -9.539  1.00 38.91  ? 153 HIS B CB  1 
ATOM   1271 C CG  . HIS A 1 147 ? -18.553 10.361  -8.979  1.00 46.34  ? 153 HIS B CG  1 
ATOM   1272 N ND1 . HIS A 1 147 ? -19.784 9.832   -8.627  1.00 53.42  ? 153 HIS B ND1 1 
ATOM   1273 C CD2 . HIS A 1 147 ? -18.632 11.693  -8.767  1.00 52.20  ? 153 HIS B CD2 1 
ATOM   1274 C CE1 . HIS A 1 147 ? -20.563 10.800  -8.181  1.00 56.24  ? 153 HIS B CE1 1 
ATOM   1275 N NE2 . HIS A 1 147 ? -19.880 11.956  -8.262  1.00 55.60  ? 153 HIS B NE2 1 
ATOM   1276 N N   . GLY A 1 148 ? -14.554 7.469   -8.635  1.00 25.70  ? 154 GLY B N   1 
ATOM   1277 C CA  . GLY A 1 148 ? -13.496 6.696   -9.317  1.00 22.75  ? 154 GLY B CA  1 
ATOM   1278 C C   . GLY A 1 148 ? -12.517 7.584   -10.047 1.00 21.35  ? 154 GLY B C   1 
ATOM   1279 O O   . GLY A 1 148 ? -11.872 7.082   -10.996 1.00 20.01  ? 154 GLY B O   1 
ATOM   1280 N N   . SER A 1 149 ? -12.442 8.875   -9.730  1.00 20.30  ? 155 SER B N   1 
ATOM   1281 C CA  . SER A 1 149 ? -11.590 9.827   -10.489 1.00 18.51  ? 155 SER B CA  1 
ATOM   1282 C C   . SER A 1 149 ? -10.102 9.442   -10.385 1.00 18.27  ? 155 SER B C   1 
ATOM   1283 O O   . SER A 1 149 ? -9.676  8.957   -9.322  1.00 19.22  ? 155 SER B O   1 
ATOM   1284 C CB  . SER A 1 149 ? -11.780 11.256  -10.054 1.00 19.17  ? 155 SER B CB  1 
ATOM   1285 O OG  . SER A 1 149 ? -11.563 11.472  -8.673  1.00 20.98  ? 155 SER B OG  1 
ATOM   1286 N N   . LEU A 1 150 ? -9.325  9.681   -11.421 1.00 17.63  ? 156 LEU B N   1 
ATOM   1287 C CA  . LEU A 1 150 ? -7.883  9.321   -11.385 1.00 15.90  ? 156 LEU B CA  1 
ATOM   1288 C C   . LEU A 1 150 ? -7.125  10.193  -10.410 1.00 16.34  ? 156 LEU B C   1 
ATOM   1289 O O   . LEU A 1 150 ? -7.251  11.457  -10.416 1.00 16.23  ? 156 LEU B O   1 
ATOM   1290 C CB  . LEU A 1 150 ? -7.289  9.476   -12.787 1.00 17.04  ? 156 LEU B CB  1 
ATOM   1291 C CG  . LEU A 1 150 ? -5.820  9.111   -12.937 1.00 16.73  ? 156 LEU B CG  1 
ATOM   1292 C CD1 . LEU A 1 150 ? -5.563  7.624   -12.716 1.00 16.64  ? 156 LEU B CD1 1 
ATOM   1293 C CD2 . LEU A 1 150 ? -5.307  9.550   -14.339 1.00 17.57  ? 156 LEU B CD2 1 
ATOM   1294 N N   . ILE A 1 151 ? -6.294  9.550   -9.595  1.00 14.05  ? 157 ILE B N   1 
ATOM   1295 C CA  . ILE A 1 151 ? -5.354  10.231  -8.691  1.00 14.69  ? 157 ILE B CA  1 
ATOM   1296 C C   . ILE A 1 151 ? -3.972  10.313  -9.330  1.00 14.46  ? 157 ILE B C   1 
ATOM   1297 O O   . ILE A 1 151 ? -3.358  11.377  -9.324  1.00 15.30  ? 157 ILE B O   1 
ATOM   1298 C CB  . ILE A 1 151 ? -5.325  9.539   -7.298  1.00 15.57  ? 157 ILE B CB  1 
ATOM   1299 C CG1 . ILE A 1 151 ? -6.647  9.630   -6.568  1.00 16.28  ? 157 ILE B CG1 1 
ATOM   1300 C CG2 . ILE A 1 151 ? -4.187  10.123  -6.443  1.00 15.52  ? 157 ILE B CG2 1 
ATOM   1301 C CD1 . ILE A 1 151 ? -6.721  8.778   -5.324  1.00 18.42  ? 157 ILE B CD1 1 
ATOM   1302 N N   . TYR A 1 152 ? -3.438  9.186   -9.805  1.00 13.55  ? 158 TYR B N   1 
ATOM   1303 C CA  . TYR A 1 152 ? -2.045  9.159   -10.305 1.00 12.48  ? 158 TYR B CA  1 
ATOM   1304 C C   . TYR A 1 152 ? -1.830  7.880   -11.115 1.00 13.68  ? 158 TYR B C   1 
ATOM   1305 O O   . TYR A 1 152 ? -2.359  6.827   -10.743 1.00 13.88  ? 158 TYR B O   1 
ATOM   1306 C CB  . TYR A 1 152 ? -1.002  9.144   -9.162  1.00 13.93  ? 158 TYR B CB  1 
ATOM   1307 C CG  . TYR A 1 152 ? 0.397   9.378   -9.636  1.00 14.27  ? 158 TYR B CG  1 
ATOM   1308 C CD1 . TYR A 1 152 ? 0.863   10.665  -9.856  1.00 15.18  ? 158 TYR B CD1 1 
ATOM   1309 C CD2 . TYR A 1 152 ? 1.300   8.333   -9.829  1.00 13.77  ? 158 TYR B CD2 1 
ATOM   1310 C CE1 . TYR A 1 152 ? 2.133   10.904  -10.354 1.00 15.48  ? 158 TYR B CE1 1 
ATOM   1311 C CE2 . TYR A 1 152 ? 2.597   8.576   -10.280 1.00 13.55  ? 158 TYR B CE2 1 
ATOM   1312 C CZ  . TYR A 1 152 ? 2.996   9.849   -10.591 1.00 15.25  ? 158 TYR B CZ  1 
ATOM   1313 O OH  . TYR A 1 152 ? 4.226   10.126  -11.093 1.00 18.41  ? 158 TYR B OH  1 
ATOM   1314 N N   . THR A 1 153 ? -1.019  7.988   -12.167 1.00 13.54  ? 159 THR B N   1 
ATOM   1315 C CA  . THR A 1 153 ? -0.582  6.838   -13.011 1.00 15.11  ? 159 THR B CA  1 
ATOM   1316 C C   . THR A 1 153 ? 0.939   6.865   -13.054 1.00 14.83  ? 159 THR B C   1 
ATOM   1317 O O   . THR A 1 153 ? 1.532   7.799   -13.574 1.00 14.89  ? 159 THR B O   1 
ATOM   1318 C CB  . THR A 1 153 ? -1.198  6.894   -14.418 1.00 15.04  ? 159 THR B CB  1 
ATOM   1319 O OG1 . THR A 1 153 ? -2.577  6.593   -14.314 1.00 15.51  ? 159 THR B OG1 1 
ATOM   1320 C CG2 . THR A 1 153 ? -0.587  5.876   -15.360 1.00 16.94  ? 159 THR B CG2 1 
ATOM   1321 N N   . PHE A 1 154 ? 1.576   5.788   -12.567 1.00 15.10  ? 160 PHE B N   1 
ATOM   1322 C CA  . PHE A 1 154 ? 2.967   5.448   -12.941 1.00 14.99  ? 160 PHE B CA  1 
ATOM   1323 C C   . PHE A 1 154 ? 2.952   4.625   -14.238 1.00 16.09  ? 160 PHE B C   1 
ATOM   1324 O O   . PHE A 1 154 ? 2.258   3.610   -14.328 1.00 14.53  ? 160 PHE B O   1 
ATOM   1325 C CB  . PHE A 1 154 ? 3.615   4.552   -11.893 1.00 15.87  ? 160 PHE B CB  1 
ATOM   1326 C CG  . PHE A 1 154 ? 3.861   5.133   -10.526 1.00 12.96  ? 160 PHE B CG  1 
ATOM   1327 C CD1 . PHE A 1 154 ? 2.877   5.074   -9.539  1.00 12.81  ? 160 PHE B CD1 1 
ATOM   1328 C CD2 . PHE A 1 154 ? 5.106   5.650   -10.191 1.00 13.73  ? 160 PHE B CD2 1 
ATOM   1329 C CE1 . PHE A 1 154 ? 3.134   5.588   -8.276  1.00 12.76  ? 160 PHE B CE1 1 
ATOM   1330 C CE2 . PHE A 1 154 ? 5.346   6.172   -8.914  1.00 13.57  ? 160 PHE B CE2 1 
ATOM   1331 C CZ  . PHE A 1 154 ? 4.346   6.108   -7.964  1.00 12.54  ? 160 PHE B CZ  1 
ATOM   1332 N N   . SER A 1 155 ? 3.661   5.123   -15.249 1.00 17.07  ? 161 SER B N   1 
ATOM   1333 C CA  . SER A 1 155 ? 3.791   4.368   -16.503 1.00 19.02  ? 161 SER B CA  1 
ATOM   1334 C C   . SER A 1 155 ? 5.268   4.096   -16.812 1.00 19.78  ? 161 SER B C   1 
ATOM   1335 O O   . SER A 1 155 ? 6.182   4.628   -16.137 1.00 20.12  ? 161 SER B O   1 
ATOM   1336 C CB  . SER A 1 155 ? 3.088   5.111   -17.597 1.00 22.36  ? 161 SER B CB  1 
ATOM   1337 O OG  . SER A 1 155 ? 3.812   6.260   -17.953 1.00 24.71  ? 161 SER B OG  1 
ATOM   1338 N N   . GLU A 1 156 ? 5.513   3.242   -17.800 1.00 21.25  ? 162 GLU B N   1 
ATOM   1339 C CA  . GLU A 1 156 ? 6.889   2.756   -18.112 1.00 23.52  ? 162 GLU B CA  1 
ATOM   1340 C C   . GLU A 1 156 ? 7.552   2.157   -16.866 1.00 22.48  ? 162 GLU B C   1 
ATOM   1341 O O   . GLU A 1 156 ? 8.779   2.354   -16.669 1.00 22.76  ? 162 GLU B O   1 
ATOM   1342 C CB  . GLU A 1 156 ? 7.733   3.902   -18.678 1.00 30.01  ? 162 GLU B CB  1 
ATOM   1343 C CG  . GLU A 1 156 ? 7.037   4.620   -19.816 1.00 35.24  ? 162 GLU B CG  1 
ATOM   1344 C CD  . GLU A 1 156 ? 7.757   5.795   -20.461 1.00 45.69  ? 162 GLU B CD  1 
ATOM   1345 O OE1 . GLU A 1 156 ? 8.996   5.888   -20.307 1.00 46.52  ? 162 GLU B OE1 1 
ATOM   1346 O OE2 . GLU A 1 156 ? 7.061   6.625   -21.131 1.00 48.25  ? 162 GLU B OE2 1 
ATOM   1347 N N   . CYS A 1 157 ? 6.782   1.414   -16.057 1.00 19.10  ? 163 CYS B N   1 
ATOM   1348 C CA  . CYS A 1 157 ? 7.276   0.830   -14.798 1.00 18.30  ? 163 CYS B CA  1 
ATOM   1349 C C   . CYS A 1 157 ? 8.210   -0.331  -15.157 1.00 20.35  ? 163 CYS B C   1 
ATOM   1350 O O   . CYS A 1 157 ? 7.802   -1.199  -15.989 1.00 22.10  ? 163 CYS B O   1 
ATOM   1351 C CB  . CYS A 1 157 ? 6.201   0.300   -13.857 1.00 18.65  ? 163 CYS B CB  1 
ATOM   1352 S SG  . CYS A 1 157 ? 5.053   1.595   -13.311 1.00 17.85  ? 163 CYS B SG  1 
ATOM   1353 N N   . VAL A 1 158 ? 9.347   -0.375  -14.480 1.00 19.92  ? 164 VAL B N   1 
ATOM   1354 C CA  . VAL A 1 158 ? 10.289  -1.517  -14.632 1.00 22.51  ? 164 VAL B CA  1 
ATOM   1355 C C   . VAL A 1 158 ? 10.149  -2.393  -13.378 1.00 19.17  ? 164 VAL B C   1 
ATOM   1356 O O   . VAL A 1 158 ? 10.890  -2.270  -12.389 1.00 22.19  ? 164 VAL B O   1 
ATOM   1357 C CB  . VAL A 1 158 ? 11.710  -1.012  -14.975 1.00 25.80  ? 164 VAL B CB  1 
ATOM   1358 C CG1 . VAL A 1 158 ? 12.688  -2.201  -15.042 1.00 25.98  ? 164 VAL B CG1 1 
ATOM   1359 C CG2 . VAL A 1 158 ? 11.715  -0.227  -16.280 1.00 27.61  ? 164 VAL B CG2 1 
ATOM   1360 N N   . PHE A 1 159 ? 9.170   -3.305  -13.375 1.00 17.34  ? 165 PHE B N   1 
ATOM   1361 C CA  . PHE A 1 159 ? 8.808   -4.093  -12.184 1.00 16.92  ? 165 PHE B CA  1 
ATOM   1362 C C   . PHE A 1 159 ? 10.002  -4.962  -11.800 1.00 22.18  ? 165 PHE B C   1 
ATOM   1363 O O   . PHE A 1 159 ? 10.384  -4.991  -10.642 1.00 19.69  ? 165 PHE B O   1 
ATOM   1364 C CB  . PHE A 1 159 ? 7.515   -4.848  -12.404 1.00 18.19  ? 165 PHE B CB  1 
ATOM   1365 C CG  . PHE A 1 159 ? 6.299   -3.970  -12.610 1.00 17.04  ? 165 PHE B CG  1 
ATOM   1366 C CD1 . PHE A 1 159 ? 6.027   -2.903  -11.749 1.00 18.24  ? 165 PHE B CD1 1 
ATOM   1367 C CD2 . PHE A 1 159 ? 5.396   -4.248  -13.620 1.00 18.02  ? 165 PHE B CD2 1 
ATOM   1368 C CE1 . PHE A 1 159 ? 4.892   -2.115  -11.932 1.00 17.45  ? 165 PHE B CE1 1 
ATOM   1369 C CE2 . PHE A 1 159 ? 4.273   -3.446  -13.819 1.00 18.56  ? 165 PHE B CE2 1 
ATOM   1370 C CZ  . PHE A 1 159 ? 4.012   -2.409  -12.955 1.00 17.28  ? 165 PHE B CZ  1 
ATOM   1371 N N   . ALA A 1 160 ? 10.620  -5.601  -12.786 1.00 18.99  ? 166 ALA B N   1 
ATOM   1372 C CA  . ALA A 1 160 ? 11.863  -6.382  -12.588 1.00 19.98  ? 166 ALA B CA  1 
ATOM   1373 C C   . ALA A 1 160 ? 11.657  -7.556  -11.633 1.00 19.26  ? 166 ALA B C   1 
ATOM   1374 O O   . ALA A 1 160 ? 12.671  -7.996  -10.991 1.00 21.74  ? 166 ALA B O   1 
ATOM   1375 C CB  . ALA A 1 160 ? 12.999  -5.486  -12.175 1.00 20.16  ? 166 ALA B CB  1 
ATOM   1376 N N   . GLY A 1 161 ? 10.456  -8.113  -11.526 1.00 20.90  ? 167 GLY B N   1 
ATOM   1377 C CA  . GLY A 1 161 ? 10.142  -9.258  -10.660 1.00 21.63  ? 167 GLY B CA  1 
ATOM   1378 C C   . GLY A 1 161 ? 8.690   -9.339  -10.245 1.00 20.21  ? 167 GLY B C   1 
ATOM   1379 O O   . GLY A 1 161 ? 7.890   -8.512  -10.706 1.00 19.20  ? 167 GLY B O   1 
ATOM   1380 N N   . PRO A 1 162 ? 8.340   -10.332 -9.414  1.00 18.21  ? 168 PRO B N   1 
ATOM   1381 C CA  . PRO A 1 162 ? 6.990   -10.495 -8.904  1.00 17.78  ? 168 PRO B CA  1 
ATOM   1382 C C   . PRO A 1 162 ? 6.639   -9.288  -8.020  1.00 16.49  ? 168 PRO B C   1 
ATOM   1383 O O   . PRO A 1 162 ? 7.536   -8.708  -7.408  1.00 16.18  ? 168 PRO B O   1 
ATOM   1384 C CB  . PRO A 1 162 ? 6.964   -11.781 -8.089  1.00 18.05  ? 168 PRO B CB  1 
ATOM   1385 C CG  . PRO A 1 162 ? 8.282   -12.464 -8.445  1.00 18.15  ? 168 PRO B CG  1 
ATOM   1386 C CD  . PRO A 1 162 ? 9.224   -11.394 -8.903  1.00 18.12  ? 168 PRO B CD  1 
ATOM   1387 N N   . LEU A 1 163 ? 5.387   -8.870  -8.117  1.00 17.10  ? 169 LEU B N   1 
ATOM   1388 C CA  . LEU A 1 163 ? 4.856   -7.711  -7.324  1.00 15.56  ? 169 LEU B CA  1 
ATOM   1389 C C   . LEU A 1 163 ? 4.002   -8.215  -6.181  1.00 16.80  ? 169 LEU B C   1 
ATOM   1390 O O   . LEU A 1 163 ? 3.289   -9.240  -6.319  1.00 16.49  ? 169 LEU B O   1 
ATOM   1391 C CB  . LEU A 1 163 ? 4.021   -6.812  -8.234  1.00 15.41  ? 169 LEU B CB  1 
ATOM   1392 C CG  . LEU A 1 163 ? 4.761   -6.047  -9.335  1.00 15.37  ? 169 LEU B CG  1 
ATOM   1393 C CD1 . LEU A 1 163 ? 3.782   -5.284  -10.197 1.00 16.61  ? 169 LEU B CD1 1 
ATOM   1394 C CD2 . LEU A 1 163 ? 5.810   -5.128  -8.701  1.00 16.43  ? 169 LEU B CD2 1 
ATOM   1395 N N   . ARG A 1 164 ? 4.039   -7.468  -5.075  1.00 15.26  ? 170 ARG B N   1 
ATOM   1396 C CA  . ARG A 1 164 ? 3.190   -7.718  -3.896  1.00 14.77  ? 170 ARG B CA  1 
ATOM   1397 C C   . ARG A 1 164 ? 2.430   -6.443  -3.535  1.00 13.44  ? 170 ARG B C   1 
ATOM   1398 O O   . ARG A 1 164 ? 3.017   -5.359  -3.603  1.00 14.48  ? 170 ARG B O   1 
ATOM   1399 C CB  . ARG A 1 164 ? 4.039   -8.218  -2.734  1.00 17.26  ? 170 ARG B CB  1 
ATOM   1400 C CG  . ARG A 1 164 ? 4.626   -9.580  -3.134  1.00 20.53  ? 170 ARG B CG  1 
ATOM   1401 C CD  . ARG A 1 164 ? 5.349   -10.318 -2.079  1.00 24.74  ? 170 ARG B CD  1 
ATOM   1402 N NE  . ARG A 1 164 ? 4.427   -10.716 -1.047  1.00 22.03  ? 170 ARG B NE  1 
ATOM   1403 C CZ  . ARG A 1 164 ? 4.816   -11.360 0.038   1.00 23.17  ? 170 ARG B CZ  1 
ATOM   1404 N NH1 . ARG A 1 164 ? 6.102   -11.650 0.169   1.00 22.81  ? 170 ARG B NH1 1 
ATOM   1405 N NH2 . ARG A 1 164 ? 3.936   -11.643 0.999   1.00 20.72  ? 170 ARG B NH2 1 
ATOM   1406 N N   . PRO A 1 165 ? 1.145   -6.566  -3.138  1.00 13.64  ? 171 PRO B N   1 
ATOM   1407 C CA  . PRO A 1 165 ? 0.411   -5.405  -2.581  1.00 13.44  ? 171 PRO B CA  1 
ATOM   1408 C C   . PRO A 1 165 ? 1.212   -4.896  -1.375  1.00 13.73  ? 171 PRO B C   1 
ATOM   1409 O O   . PRO A 1 165 ? 1.762   -5.716  -0.591  1.00 13.00  ? 171 PRO B O   1 
ATOM   1410 C CB  . PRO A 1 165 ? -0.974  -5.933  -2.203  1.00 13.76  ? 171 PRO B CB  1 
ATOM   1411 C CG  . PRO A 1 165 ? -1.133  -7.175  -3.069  1.00 16.00  ? 171 PRO B CG  1 
ATOM   1412 C CD  . PRO A 1 165 ? 0.261   -7.747  -3.188  1.00 15.80  ? 171 PRO B CD  1 
ATOM   1413 N N   . PHE A 1 166 ? 1.270   -3.574  -1.191  1.00 12.79  ? 172 PHE B N   1 
ATOM   1414 C CA  . PHE A 1 166 ? 2.118   -2.887  -0.184  1.00 13.70  ? 172 PHE B CA  1 
ATOM   1415 C C   . PHE A 1 166 ? 1.256   -1.928  0.638   1.00 12.52  ? 172 PHE B C   1 
ATOM   1416 O O   . PHE A 1 166 ? 0.424   -1.184  0.060   1.00 12.19  ? 172 PHE B O   1 
ATOM   1417 C CB  . PHE A 1 166 ? 3.238   -2.120  -0.869  1.00 13.95  ? 172 PHE B CB  1 
ATOM   1418 C CG  . PHE A 1 166 ? 4.042   -1.295  0.101   1.00 13.91  ? 172 PHE B CG  1 
ATOM   1419 C CD1 . PHE A 1 166 ? 5.017   -1.877  0.882   1.00 14.49  ? 172 PHE B CD1 1 
ATOM   1420 C CD2 . PHE A 1 166 ? 3.769   0.055   0.265   1.00 13.51  ? 172 PHE B CD2 1 
ATOM   1421 C CE1 . PHE A 1 166 ? 5.762   -1.100  1.763   1.00 14.64  ? 172 PHE B CE1 1 
ATOM   1422 C CE2 . PHE A 1 166 ? 4.508   0.825   1.160   1.00 14.20  ? 172 PHE B CE2 1 
ATOM   1423 C CZ  . PHE A 1 166 ? 5.488   0.238   1.899   1.00 15.02  ? 172 PHE B CZ  1 
ATOM   1424 N N   . PHE A 1 167 ? 1.467   -1.924  1.968   1.00 12.24  ? 173 PHE B N   1 
ATOM   1425 C CA  . PHE A 1 167 ? 0.647   -1.152  2.929   1.00 12.40  ? 173 PHE B CA  1 
ATOM   1426 C C   . PHE A 1 167 ? 1.575   -0.563  3.991   1.00 13.81  ? 173 PHE B C   1 
ATOM   1427 O O   . PHE A 1 167 ? 2.463   -1.263  4.504   1.00 13.34  ? 173 PHE B O   1 
ATOM   1428 C CB  . PHE A 1 167 ? -0.411  -2.017  3.619   1.00 12.57  ? 173 PHE B CB  1 
ATOM   1429 C CG  . PHE A 1 167 ? -1.290  -2.781  2.665   1.00 12.69  ? 173 PHE B CG  1 
ATOM   1430 C CD1 . PHE A 1 167 ? -0.853  -4.019  2.222   1.00 13.42  ? 173 PHE B CD1 1 
ATOM   1431 C CD2 . PHE A 1 167 ? -2.504  -2.296  2.220   1.00 14.53  ? 173 PHE B CD2 1 
ATOM   1432 C CE1 . PHE A 1 167 ? -1.598  -4.766  1.328   1.00 13.89  ? 173 PHE B CE1 1 
ATOM   1433 C CE2 . PHE A 1 167 ? -3.272  -3.074  1.363   1.00 14.18  ? 173 PHE B CE2 1 
ATOM   1434 C CZ  . PHE A 1 167 ? -2.799  -4.292  0.895   1.00 14.10  ? 173 PHE B CZ  1 
ATOM   1435 N N   . ASN A 1 168 ? 1.323   0.688   4.366   1.00 13.65  ? 174 ASN B N   1 
ATOM   1436 C CA  . ASN A 1 168 ? 1.931   1.306   5.560   1.00 12.93  ? 174 ASN B CA  1 
ATOM   1437 C C   . ASN A 1 168 ? 0.803   2.002   6.312   1.00 13.01  ? 174 ASN B C   1 
ATOM   1438 O O   . ASN A 1 168 ? 0.207   2.939   5.766   1.00 13.54  ? 174 ASN B O   1 
ATOM   1439 C CB  . ASN A 1 168 ? 3.032   2.308   5.196   1.00 13.79  ? 174 ASN B CB  1 
ATOM   1440 C CG  . ASN A 1 168 ? 3.775   2.869   6.382   1.00 16.05  ? 174 ASN B CG  1 
ATOM   1441 O OD1 . ASN A 1 168 ? 3.462   2.613   7.533   1.00 16.47  ? 174 ASN B OD1 1 
ATOM   1442 N ND2 . ASN A 1 168 ? 4.842   3.591   6.096   1.00 17.17  ? 174 ASN B ND2 1 
ATOM   1443 N N   . VAL A 1 169 ? 0.539   1.584   7.561   1.00 12.77  ? 175 VAL B N   1 
ATOM   1444 C CA  . VAL A 1 169 ? -0.562  2.165   8.395   1.00 13.31  ? 175 VAL B CA  1 
ATOM   1445 C C   . VAL A 1 169 ? -0.081  3.509   8.978   1.00 15.81  ? 175 VAL B C   1 
ATOM   1446 O O   . VAL A 1 169 ? -0.942  4.221   9.581   1.00 14.99  ? 175 VAL B O   1 
ATOM   1447 C CB  . VAL A 1 169 ? -1.078  1.225   9.509   1.00 16.18  ? 175 VAL B CB  1 
ATOM   1448 C CG1 . VAL A 1 169 ? -1.678  -0.033  8.932   1.00 15.89  ? 175 VAL B CG1 1 
ATOM   1449 C CG2 . VAL A 1 169 ? 0.014   0.916   10.548  1.00 15.38  ? 175 VAL B CG2 1 
ATOM   1450 N N   . GLY A 1 170 ? 1.220   3.803   8.930   1.00 14.85  ? 176 GLY B N   1 
ATOM   1451 C CA  . GLY A 1 170 ? 1.758   5.037   9.537   1.00 16.15  ? 176 GLY B CA  1 
ATOM   1452 C C   . GLY A 1 170 ? 1.887   4.991   11.053  1.00 16.62  ? 176 GLY B C   1 
ATOM   1453 O O   . GLY A 1 170 ? 1.341   4.091   11.704  1.00 14.38  ? 176 GLY B O   1 
ATOM   1454 N N   . PHE A 1 171 ? 2.723   5.886   11.581  1.00 15.74  ? 177 PHE B N   1 
ATOM   1455 C CA  . PHE A 1 171 ? 2.908   6.067   13.038  1.00 17.61  ? 177 PHE B CA  1 
ATOM   1456 C C   . PHE A 1 171 ? 1.681   6.724   13.628  1.00 15.22  ? 177 PHE B C   1 
ATOM   1457 O O   . PHE A 1 171 ? 0.809   7.241   12.926  1.00 15.35  ? 177 PHE B O   1 
ATOM   1458 C CB  . PHE A 1 171 ? 4.220   6.792   13.377  1.00 17.53  ? 177 PHE B CB  1 
ATOM   1459 C CG  . PHE A 1 171 ? 5.455   6.001   13.006  1.00 17.55  ? 177 PHE B CG  1 
ATOM   1460 C CD1 . PHE A 1 171 ? 5.873   4.946   13.793  1.00 19.28  ? 177 PHE B CD1 1 
ATOM   1461 C CD2 . PHE A 1 171 ? 6.217   6.336   11.890  1.00 19.40  ? 177 PHE B CD2 1 
ATOM   1462 C CE1 . PHE A 1 171 ? 7.014   4.207   13.459  1.00 20.07  ? 177 PHE B CE1 1 
ATOM   1463 C CE2 . PHE A 1 171 ? 7.361   5.612   11.581  1.00 19.45  ? 177 PHE B CE2 1 
ATOM   1464 C CZ  . PHE A 1 171 ? 7.758   4.570   12.363  1.00 18.38  ? 177 PHE B CZ  1 
ATOM   1465 N N   . ASN A 1 172 ? 1.609   6.677   14.951  1.00 15.81  ? 178 ASN B N   1 
ATOM   1466 C CA  . ASN A 1 172 ? 0.478   7.335   15.645  1.00 14.63  ? 178 ASN B CA  1 
ATOM   1467 C C   . ASN A 1 172 ? 1.056   8.175   16.804  1.00 15.40  ? 178 ASN B C   1 
ATOM   1468 O O   . ASN A 1 172 ? 0.578   8.033   17.967  1.00 17.14  ? 178 ASN B O   1 
ATOM   1469 C CB  . ASN A 1 172 ? -0.539  6.320   16.171  1.00 15.51  ? 178 ASN B CB  1 
ATOM   1470 C CG  . ASN A 1 172 ? -1.783  6.935   16.752  1.00 15.07  ? 178 ASN B CG  1 
ATOM   1471 O OD1 . ASN A 1 172 ? -2.174  8.032   16.365  1.00 14.82  ? 178 ASN B OD1 1 
ATOM   1472 N ND2 . ASN A 1 172 ? -2.412  6.225   17.700  1.00 16.36  ? 178 ASN B ND2 1 
ATOM   1473 N N   . TYR A 1 173 ? 1.981   9.053   16.522  1.00 17.24  ? 179 TYR B N   1 
ATOM   1474 C CA  . TYR A 1 173 ? 2.509   10.007  17.534  1.00 16.69  ? 179 TYR B CA  1 
ATOM   1475 C C   . TYR A 1 173 ? 1.415   10.992  17.968  1.00 17.52  ? 179 TYR B C   1 
ATOM   1476 O O   . TYR A 1 173 ? 1.453   11.486  19.135  1.00 17.14  ? 179 TYR B O   1 
ATOM   1477 C CB  . TYR A 1 173 ? 3.702   10.788  16.980  1.00 17.92  ? 179 TYR B CB  1 
ATOM   1478 C CG  . TYR A 1 173 ? 4.923   9.984   16.632  1.00 21.27  ? 179 TYR B CG  1 
ATOM   1479 C CD1 . TYR A 1 173 ? 5.777   9.474   17.598  1.00 27.28  ? 179 TYR B CD1 1 
ATOM   1480 C CD2 . TYR A 1 173 ? 5.237   9.795   15.306  1.00 24.09  ? 179 TYR B CD2 1 
ATOM   1481 C CE1 . TYR A 1 173 ? 6.891   8.714   17.236  1.00 28.94  ? 179 TYR B CE1 1 
ATOM   1482 C CE2 . TYR A 1 173 ? 6.322   9.019   14.931  1.00 27.26  ? 179 TYR B CE2 1 
ATOM   1483 C CZ  . TYR A 1 173 ? 7.142   8.478   15.889  1.00 27.70  ? 179 TYR B CZ  1 
ATOM   1484 O OH  . TYR A 1 173 ? 8.245   7.796   15.438  1.00 35.55  ? 179 TYR B OH  1 
ATOM   1485 N N   . SER A 1 174 ? 0.484   11.317  17.080  1.00 16.30  ? 180 SER B N   1 
ATOM   1486 C CA  . SER A 1 174 ? -0.517  12.400  17.281  1.00 16.81  ? 180 SER B CA  1 
ATOM   1487 C C   . SER A 1 174 ? -1.711  11.891  18.083  1.00 17.18  ? 180 SER B C   1 
ATOM   1488 O O   . SER A 1 174 ? -2.569  12.763  18.466  1.00 18.37  ? 180 SER B O   1 
ATOM   1489 C CB  . SER A 1 174 ? -1.034  12.932  15.977  1.00 18.16  ? 180 SER B CB  1 
ATOM   1490 O OG  . SER A 1 174 ? -1.768  11.914  15.269  1.00 18.08  ? 180 SER B OG  1 
ATOM   1491 N N   . GLY A 1 175 ? -1.903  10.573  18.182  1.00 15.60  ? 181 GLY B N   1 
ATOM   1492 C CA  . GLY A 1 175 ? -3.147  10.007  18.711  1.00 14.67  ? 181 GLY B CA  1 
ATOM   1493 C C   . GLY A 1 175 ? -4.305  10.103  17.763  1.00 16.41  ? 181 GLY B C   1 
ATOM   1494 O O   . GLY A 1 175 ? -5.420  9.733   18.166  1.00 20.00  ? 181 GLY B O   1 
ATOM   1495 N N   . GLY A 1 176 ? -4.115  10.598  16.538  1.00 15.99  ? 182 GLY B N   1 
ATOM   1496 C CA  . GLY A 1 176 ? -5.221  10.693  15.579  1.00 17.56  ? 182 GLY B CA  1 
ATOM   1497 C C   . GLY A 1 176 ? -5.035  9.749   14.393  1.00 17.43  ? 182 GLY B C   1 
ATOM   1498 O O   . GLY A 1 176 ? -5.868  9.837   13.455  1.00 19.61  ? 182 GLY B O   1 
ATOM   1499 N N   . ASN A 1 177 ? -4.101  8.798   14.458  1.00 14.79  ? 183 ASN B N   1 
ATOM   1500 C CA  . ASN A 1 177 ? -3.894  7.873   13.318  1.00 15.12  ? 183 ASN B CA  1 
ATOM   1501 C C   . ASN A 1 177 ? -3.985  6.387   13.698  1.00 15.51  ? 183 ASN B C   1 
ATOM   1502 O O   . ASN A 1 177 ? -3.391  5.543   12.998  1.00 16.87  ? 183 ASN B O   1 
ATOM   1503 C CB  . ASN A 1 177 ? -2.546  8.132   12.652  1.00 14.66  ? 183 ASN B CB  1 
ATOM   1504 C CG  . ASN A 1 177 ? -2.458  7.559   11.251  1.00 13.56  ? 183 ASN B CG  1 
ATOM   1505 O OD1 . ASN A 1 177 ? -3.440  7.614   10.505  1.00 15.17  ? 183 ASN B OD1 1 
ATOM   1506 N ND2 . ASN A 1 177 ? -1.277  7.070   10.923  1.00 14.24  ? 183 ASN B ND2 1 
ATOM   1507 N N   . ALA A 1 178 ? -4.789  6.042   14.694  1.00 16.24  ? 184 ALA B N   1 
ATOM   1508 C CA  . ALA A 1 178 ? -4.864  4.620   15.126  1.00 16.81  ? 184 ALA B CA  1 
ATOM   1509 C C   . ALA A 1 178 ? -5.740  3.770   14.191  1.00 17.06  ? 184 ALA B C   1 
ATOM   1510 O O   . ALA A 1 178 ? -5.614  2.516   14.267  1.00 18.40  ? 184 ALA B O   1 
ATOM   1511 C CB  . ALA A 1 178 ? -5.423  4.593   16.540  1.00 18.89  ? 184 ALA B CB  1 
ATOM   1512 N N   . ALA A 1 179 ? -6.571  4.403   13.368  1.00 16.51  ? 185 ALA B N   1 
ATOM   1513 C CA  . ALA A 1 179 ? -7.572  3.653   12.576  1.00 16.12  ? 185 ALA B CA  1 
ATOM   1514 C C   . ALA A 1 179 ? -6.863  2.668   11.635  1.00 16.45  ? 185 ALA B C   1 
ATOM   1515 O O   . ALA A 1 179 ? -5.750  2.918   11.149  1.00 15.23  ? 185 ALA B O   1 
ATOM   1516 C CB  . ALA A 1 179 ? -8.467  4.583   11.835  1.00 16.29  ? 185 ALA B CB  1 
ATOM   1517 N N   . PRO A 1 180 ? -7.505  1.514   11.333  1.00 16.46  ? 186 PRO B N   1 
ATOM   1518 C CA  . PRO A 1 180 ? -6.906  0.520   10.444  1.00 15.22  ? 186 PRO B CA  1 
ATOM   1519 C C   . PRO A 1 180 ? -6.934  0.891   8.943   1.00 15.24  ? 186 PRO B C   1 
ATOM   1520 O O   . PRO A 1 180 ? -7.708  1.769   8.533   1.00 15.66  ? 186 PRO B O   1 
ATOM   1521 C CB  . PRO A 1 180 ? -7.806  -0.702  10.638  1.00 16.05  ? 186 PRO B CB  1 
ATOM   1522 C CG  . PRO A 1 180 ? -9.157  -0.138  11.012  1.00 18.57  ? 186 PRO B CG  1 
ATOM   1523 C CD  . PRO A 1 180 ? -8.795  1.060   11.883  1.00 17.80  ? 186 PRO B CD  1 
ATOM   1524 N N   . LEU A 1 181 ? -6.067  0.253   8.145   1.00 14.92  ? 187 LEU B N   1 
ATOM   1525 C CA  . LEU A 1 181 ? -6.289  0.071   6.698   1.00 14.55  ? 187 LEU B CA  1 
ATOM   1526 C C   . LEU A 1 181 ? -7.197  -1.149  6.555   1.00 14.78  ? 187 LEU B C   1 
ATOM   1527 O O   . LEU A 1 181 ? -6.880  -2.187  7.220   1.00 16.22  ? 187 LEU B O   1 
ATOM   1528 C CB  . LEU A 1 181 ? -4.945  -0.087  5.986   1.00 15.25  ? 187 LEU B CB  1 
ATOM   1529 C CG  . LEU A 1 181 ? -4.018  1.132   5.992   1.00 15.61  ? 187 LEU B CG  1 
ATOM   1530 C CD1 . LEU A 1 181 ? -2.661  0.850   5.336   1.00 16.82  ? 187 LEU B CD1 1 
ATOM   1531 C CD2 . LEU A 1 181 ? -4.707  2.279   5.271   1.00 16.94  ? 187 LEU B CD2 1 
ATOM   1532 N N   . LYS A 1 182 ? -8.208  -1.095  5.696   1.00 15.42  ? 188 LYS B N   1 
ATOM   1533 C CA  . LYS A 1 182 ? -9.102  -2.270  5.487   1.00 15.81  ? 188 LYS B CA  1 
ATOM   1534 C C   . LYS A 1 182 ? -9.192  -2.596  4.008   1.00 15.83  ? 188 LYS B C   1 
ATOM   1535 O O   . LYS A 1 182 ? -9.534  -1.693  3.253   1.00 16.82  ? 188 LYS B O   1 
ATOM   1536 C CB  . LYS A 1 182 ? -10.508 -2.016  6.033   1.00 18.50  ? 188 LYS B CB  1 
ATOM   1537 C CG  . LYS A 1 182 ? -10.598 -1.498  7.445   1.00 21.84  ? 188 LYS B CG  1 
ATOM   1538 C CD  . LYS A 1 182 ? -12.029 -1.479  7.931   1.00 27.64  ? 188 LYS B CD  1 
ATOM   1539 C CE  . LYS A 1 182 ? -12.213 -0.859  9.292   1.00 32.39  ? 188 LYS B CE  1 
ATOM   1540 N NZ  . LYS A 1 182 ? -13.649 -0.546  9.504   1.00 36.76  ? 188 LYS B NZ  1 
ATOM   1541 N N   . LEU A 1 183 ? -9.018  -3.842  3.641   1.00 16.48  ? 189 LEU B N   1 
ATOM   1542 C CA  . LEU A 1 183 ? -9.333  -4.308  2.259   1.00 17.08  ? 189 LEU B CA  1 
ATOM   1543 C C   . LEU A 1 183 ? -10.853 -4.385  2.088   1.00 19.32  ? 189 LEU B C   1 
ATOM   1544 O O   . LEU A 1 183 ? -11.517 -5.078  2.863   1.00 22.97  ? 189 LEU B O   1 
ATOM   1545 C CB  . LEU A 1 183 ? -8.594  -5.618  2.002   1.00 18.13  ? 189 LEU B CB  1 
ATOM   1546 C CG  . LEU A 1 183 ? -7.111  -5.391  1.700   1.00 18.68  ? 189 LEU B CG  1 
ATOM   1547 C CD1 . LEU A 1 183 ? -6.271  -6.593  2.018   1.00 24.51  ? 189 LEU B CD1 1 
ATOM   1548 C CD2 . LEU A 1 183 ? -6.859  -4.889  0.267   1.00 17.65  ? 189 LEU B CD2 1 
ATOM   1549 N N   . CYS A 1 184 ? -11.383 -3.628  1.135   1.00 19.58  ? 190 CYS B N   1 
ATOM   1550 C CA  . CYS A 1 184 ? -12.857 -3.511  0.891   1.00 22.09  ? 190 CYS B CA  1 
ATOM   1551 C C   . CYS A 1 184 ? -13.376 -4.698  0.116   1.00 24.15  ? 190 CYS B C   1 
ATOM   1552 O O   . CYS A 1 184 ? -12.732 -5.225  -0.785  1.00 23.74  ? 190 CYS B O   1 
ATOM   1553 C CB  . CYS A 1 184 ? -13.188 -2.340  -0.004  1.00 23.51  ? 190 CYS B CB  1 
ATOM   1554 S SG  . CYS A 1 184 ? -12.502 -0.799  0.595   1.00 26.91  ? 190 CYS B SG  1 
ATOM   1555 N N   . PRO A 1 185 ? -14.609 -5.142  0.408   1.00 29.48  ? 191 PRO B N   1 
ATOM   1556 C CA  . PRO A 1 185 ? -15.185 -6.228  -0.364  1.00 31.92  ? 191 PRO B CA  1 
ATOM   1557 C C   . PRO A 1 185 ? -15.420 -5.817  -1.825  1.00 33.04  ? 191 PRO B C   1 
ATOM   1558 O O   . PRO A 1 185 ? -15.646 -4.634  -2.112  1.00 32.51  ? 191 PRO B O   1 
ATOM   1559 C CB  . PRO A 1 185 ? -16.466 -6.564  0.432   1.00 32.28  ? 191 PRO B CB  1 
ATOM   1560 C CG  . PRO A 1 185 ? -16.809 -5.300  1.172   1.00 32.94  ? 191 PRO B CG  1 
ATOM   1561 C CD  . PRO A 1 185 ? -15.480 -4.646  1.489   1.00 31.46  ? 191 PRO B CD  1 
ATOM   1562 N N   . LEU A 1 186 ? -15.209 -6.803  -2.697  1.00 38.11  ? 192 LEU B N   1 
ATOM   1563 C CA  . LEU A 1 186 ? -15.641 -6.897  -4.113  1.00 42.98  ? 192 LEU B CA  1 
ATOM   1564 C C   . LEU A 1 186 ? -17.139 -6.613  -4.230  1.00 47.79  ? 192 LEU B C   1 
ATOM   1565 O O   . LEU A 1 186 ? -17.489 -6.289  -5.367  1.00 50.59  ? 192 LEU B O   1 
ATOM   1566 C CB  . LEU A 1 186 ? -15.343 -8.315  -4.615  1.00 45.23  ? 192 LEU B CB  1 
HETATM 1567 C C4  . UXG B 2 .   ? 1.424   -0.612  26.745  0.67 30.91  ? 201 UXG B C4  1 
HETATM 1568 C C5  . UXG B 2 .   ? 2.103   -1.820  26.774  0.67 32.36  ? 201 UXG B C5  1 
HETATM 1569 C C6  . UXG B 2 .   ? 1.443   -2.996  26.453  0.67 32.05  ? 201 UXG B C6  1 
HETATM 1570 C C7  . UXG B 2 .   ? 0.107   -2.975  26.120  0.67 31.85  ? 201 UXG B C7  1 
HETATM 1571 C C8  . UXG B 2 .   ? -0.574  -1.783  26.095  0.67 33.30  ? 201 UXG B C8  1 
HETATM 1572 C C10 . UXG B 2 .   ? 2.292   0.909   28.599  0.67 26.42  ? 201 UXG B C10 1 
HETATM 1573 C C13 . UXG B 2 .   ? 2.572   1.313   31.332  0.67 24.00  ? 201 UXG B C13 1 
HETATM 1574 C C15 . UXG B 2 .   ? 1.266   0.564   29.469  0.67 26.82  ? 201 UXG B C15 1 
HETATM 1575 N N   . UXG B 2 .   ? 1.479   1.831   26.463  0.67 32.74  ? 201 UXG B N   1 
HETATM 1576 C C   . UXG B 2 .   ? 1.871   3.583   25.338  0.67 34.00  ? 201 UXG B C   1 
HETATM 1577 O O   . UXG B 2 .   ? 0.834   4.378   24.812  0.67 36.18  ? 201 UXG B O   1 
HETATM 1578 C C1  . UXG B 2 .   ? 1.742   2.086   25.022  0.67 34.00  ? 201 UXG B C1  1 
HETATM 1579 C C11 . UXG B 2 .   ? 3.467   1.441   29.113  0.67 24.72  ? 201 UXG B C11 1 
HETATM 1580 C C12 . UXG B 2 .   ? 3.593   1.664   30.477  0.67 25.35  ? 201 UXG B C12 1 
HETATM 1581 C C14 . UXG B 2 .   ? 1.414   0.757   30.833  0.67 25.89  ? 201 UXG B C14 1 
HETATM 1582 C C2  . UXG B 2 .   ? 1.751   3.246   26.833  0.67 34.81  ? 201 UXG B C2  1 
HETATM 1583 C C3  . UXG B 2 .   ? 2.146   0.681   27.100  0.67 29.88  ? 201 UXG B C3  1 
HETATM 1584 C C9  . UXG B 2 .   ? 0.079   -0.602  26.401  0.67 30.99  ? 201 UXG B C9  1 
HETATM 1585 C C1  . EDO C 3 .   ? 20.732  2.644   13.318  1.00 51.41  ? 202 EDO B C1  1 
HETATM 1586 O O1  . EDO C 3 .   ? 19.599  1.817   13.121  1.00 44.33  ? 202 EDO B O1  1 
HETATM 1587 C C2  . EDO C 3 .   ? 20.386  4.067   13.499  1.00 49.32  ? 202 EDO B C2  1 
HETATM 1588 O O2  . EDO C 3 .   ? 19.793  4.269   14.747  1.00 53.18  ? 202 EDO B O2  1 
HETATM 1589 S S   . SO4 D 4 .   ? 17.362  5.718   -0.145  1.00 45.89  ? 203 SO4 B S   1 
HETATM 1590 O O1  . SO4 D 4 .   ? 16.727  4.462   0.149   1.00 29.24  ? 203 SO4 B O1  1 
HETATM 1591 O O2  . SO4 D 4 .   ? 18.771  5.579   0.040   1.00 47.75  ? 203 SO4 B O2  1 
HETATM 1592 O O3  . SO4 D 4 .   ? 17.086  6.063   -1.527  1.00 51.10  ? 203 SO4 B O3  1 
HETATM 1593 O O4  . SO4 D 4 .   ? 16.868  6.784   0.702   1.00 49.81  ? 203 SO4 B O4  1 
HETATM 1594 O O   . HOH E 5 .   ? -8.153  -9.849  -15.193 1.00 45.12  ? 301 HOH B O   1 
HETATM 1595 O O   . HOH E 5 .   ? -15.915 6.643   -0.035  1.00 30.37  ? 302 HOH B O   1 
HETATM 1596 O O   . HOH E 5 .   ? 3.153   15.460  2.357   1.00 34.02  ? 303 HOH B O   1 
HETATM 1597 O O   . HOH E 5 .   ? 8.393   -11.924 2.435   1.00 30.73  ? 304 HOH B O   1 
HETATM 1598 O O   . HOH E 5 .   ? 13.398  -0.658  -12.250 1.00 30.28  ? 305 HOH B O   1 
HETATM 1599 O O   . HOH E 5 .   ? 4.389   -11.123 -17.633 1.00 19.46  ? 306 HOH B O   1 
HETATM 1600 O O   . HOH E 5 .   ? 18.240  1.870   11.040  1.00 24.61  ? 307 HOH B O   1 
HETATM 1601 O O   . HOH E 5 .   ? 8.154   -12.812 -12.123 1.00 21.40  ? 308 HOH B O   1 
HETATM 1602 O O   . HOH E 5 .   ? -5.655  -14.944 10.724  1.00 40.31  ? 309 HOH B O   1 
HETATM 1603 O O   . HOH E 5 .   ? -15.625 0.572   -6.772  1.00 39.90  ? 310 HOH B O   1 
HETATM 1604 O O   . HOH E 5 .   ? 11.498  4.660   11.603  1.00 30.23  ? 311 HOH B O   1 
HETATM 1605 O O   . HOH E 5 .   ? 10.892  3.824   -16.449 1.00 39.24  ? 312 HOH B O   1 
HETATM 1606 O O   . HOH E 5 .   ? 14.847  -5.243  -5.857  1.00 30.50  ? 313 HOH B O   1 
HETATM 1607 O O   . HOH E 5 .   ? 10.229  9.081   -3.085  1.00 28.83  ? 314 HOH B O   1 
HETATM 1608 O O   . HOH E 5 .   ? 4.389   -14.889 -15.042 1.00 35.23  ? 315 HOH B O   1 
HETATM 1609 O O   . HOH E 5 .   ? -1.090  -9.960  13.500  1.00 23.36  ? 316 HOH B O   1 
HETATM 1610 O O   . HOH E 5 .   ? 3.653   1.962   -19.637 1.00 23.98  ? 317 HOH B O   1 
HETATM 1611 O O   . HOH E 5 .   ? 15.843  -9.267  5.306   1.00 31.75  ? 318 HOH B O   1 
HETATM 1612 O O   . HOH E 5 .   ? -4.617  2.801   -15.592 1.00 30.57  ? 319 HOH B O   1 
HETATM 1613 O O   . HOH E 5 .   ? -4.069  6.768   -16.484 1.00 21.54  ? 320 HOH B O   1 
HETATM 1614 O O   . HOH E 5 .   ? 4.776   -5.110  25.467  1.00 28.85  ? 321 HOH B O   1 
HETATM 1615 O O   . HOH E 5 .   ? 3.069   10.513  20.992  1.00 29.14  ? 322 HOH B O   1 
HETATM 1616 O O   . HOH E 5 .   ? -4.658  1.036   16.253  1.00 23.17  ? 323 HOH B O   1 
HETATM 1617 O O   . HOH E 5 .   ? 16.599  -6.695  -1.103  1.00 50.95  ? 324 HOH B O   1 
HETATM 1618 O O   . HOH E 5 .   ? 9.163   17.481  -5.464  1.00 43.36  ? 325 HOH B O   1 
HETATM 1619 O O   . HOH E 5 .   ? 12.941  -1.280  0.870   1.00 39.12  ? 326 HOH B O   1 
HETATM 1620 O O   . HOH E 5 .   ? 4.080   -15.550 20.843  1.00 36.19  ? 327 HOH B O   1 
HETATM 1621 O O   . HOH E 5 .   ? -15.784 6.396   5.393   1.00 40.67  ? 328 HOH B O   1 
HETATM 1622 O O   . HOH E 5 .   ? -1.877  -7.237  -18.969 1.00 42.96  ? 329 HOH B O   1 
HETATM 1623 O O   . HOH E 5 .   ? -3.762  -0.909  -18.818 1.00 34.99  ? 330 HOH B O   1 
HETATM 1624 O O   . HOH E 5 .   ? 13.922  -8.674  0.566   1.00 36.23  ? 331 HOH B O   1 
HETATM 1625 O O   . HOH E 5 .   ? 10.423  -9.602  17.671  1.00 28.55  ? 332 HOH B O   1 
HETATM 1626 O O   . HOH E 5 .   ? 16.381  -0.247  -1.044  1.00 37.56  ? 333 HOH B O   1 
HETATM 1627 O O   . HOH E 5 .   ? 15.143  6.630   -4.255  1.00 41.12  ? 334 HOH B O   1 
HETATM 1628 O O   . HOH E 5 .   ? -7.412  10.180  2.647   1.00 17.78  ? 335 HOH B O   1 
HETATM 1629 O O   . HOH E 5 .   ? -4.499  22.032  7.832   1.00 43.87  ? 336 HOH B O   1 
HETATM 1630 O O   . HOH E 5 .   ? 12.119  1.049   -11.114 1.00 29.85  ? 337 HOH B O   1 
HETATM 1631 O O   . HOH E 5 .   ? -1.143  4.047   12.975  1.00 18.43  ? 338 HOH B O   1 
HETATM 1632 O O   . HOH E 5 .   ? -2.049  -3.164  21.143  1.00 35.48  ? 339 HOH B O   1 
HETATM 1633 O O   . HOH E 5 .   ? -16.871 5.698   3.035   1.00 39.99  ? 340 HOH B O   1 
HETATM 1634 O O   . HOH E 5 .   ? -10.244 -13.416 4.222   1.00 38.26  ? 341 HOH B O   1 
HETATM 1635 O O   . HOH E 5 .   ? -2.610  14.359  7.390   1.00 19.04  ? 342 HOH B O   1 
HETATM 1636 O O   . HOH E 5 .   ? -2.084  -4.175  -21.457 1.00 36.19  ? 343 HOH B O   1 
HETATM 1637 O O   . HOH E 5 .   ? 2.112   18.962  3.782   1.00 33.78  ? 344 HOH B O   1 
HETATM 1638 O O   . HOH E 5 .   ? 4.374   6.517   -20.603 1.00 33.54  ? 345 HOH B O   1 
HETATM 1639 O O   . HOH E 5 .   ? 3.288   5.328   16.619  0.67 25.62  ? 346 HOH B O   1 
HETATM 1640 O O   . HOH E 5 .   ? 5.875   8.415   -12.441 1.00 20.50  ? 347 HOH B O   1 
HETATM 1641 O O   . HOH E 5 .   ? -7.193  12.727  8.000   1.00 46.46  ? 348 HOH B O   1 
HETATM 1642 O O   . HOH E 5 .   ? 12.209  -6.651  12.501  1.00 35.32  ? 349 HOH B O   1 
HETATM 1643 O O   . HOH E 5 .   ? 12.370  -9.257  -7.616  1.00 30.85  ? 350 HOH B O   1 
HETATM 1644 O O   . HOH E 5 .   ? 6.774   4.751   -4.966  1.00 15.06  ? 351 HOH B O   1 
HETATM 1645 O O   . HOH E 5 .   ? 4.913   18.638  5.155   1.00 27.32  ? 352 HOH B O   1 
HETATM 1646 O O   . HOH E 5 .   ? -10.949 5.430   15.815  1.00 37.10  ? 353 HOH B O   1 
HETATM 1647 O O   . HOH E 5 .   ? -10.071 3.201   8.778   1.00 32.00  ? 354 HOH B O   1 
HETATM 1648 O O   . HOH E 5 .   ? 6.062   -15.545 16.666  1.00 43.89  ? 355 HOH B O   1 
HETATM 1649 O O   . HOH E 5 .   ? -12.283 -5.508  5.479   1.00 33.75  ? 356 HOH B O   1 
HETATM 1650 O O   . HOH E 5 .   ? -18.715 8.683   -6.073  1.00 48.26  ? 357 HOH B O   1 
HETATM 1651 O O   . HOH E 5 .   ? 14.434  -2.009  -1.885  1.00 22.61  ? 358 HOH B O   1 
HETATM 1652 O O   . HOH E 5 .   ? 5.354   -16.476 -12.864 1.00 32.11  ? 359 HOH B O   1 
HETATM 1653 O O   . HOH E 5 .   ? -10.232 -4.810  -1.929  1.00 20.45  ? 360 HOH B O   1 
HETATM 1654 O O   . HOH E 5 .   ? -9.295  -7.427  -2.311  1.00 23.06  ? 361 HOH B O   1 
HETATM 1655 O O   . HOH E 5 .   ? -0.967  14.325  11.872  1.00 27.54  ? 362 HOH B O   1 
HETATM 1656 O O   . HOH E 5 .   ? -12.796 -7.267  7.230   1.00 30.08  ? 363 HOH B O   1 
HETATM 1657 O O   . HOH E 5 .   ? -3.863  13.938  -8.310  1.00 21.03  ? 364 HOH B O   1 
HETATM 1658 O O   . HOH E 5 .   ? 7.072   -15.150 -10.813 1.00 36.87  ? 365 HOH B O   1 
HETATM 1659 O O   . HOH E 5 .   ? -8.995  13.002  -12.000 1.00 21.66  ? 366 HOH B O   1 
HETATM 1660 O O   . HOH E 5 .   ? -9.506  12.437  -6.992  1.00 25.24  ? 367 HOH B O   1 
HETATM 1661 O O   . HOH E 5 .   ? 12.659  -1.206  7.597   1.00 17.03  ? 368 HOH B O   1 
HETATM 1662 O O   . HOH E 5 .   ? 9.431   -7.982  -15.216 1.00 24.63  ? 369 HOH B O   1 
HETATM 1663 O O   . HOH E 5 .   ? 2.979   -8.059  13.785  1.00 25.61  ? 370 HOH B O   1 
HETATM 1664 O O   . HOH E 5 .   ? -3.074  1.991   12.534  1.00 17.56  ? 371 HOH B O   1 
HETATM 1665 O O   . HOH E 5 .   ? -5.550  -10.356 -16.004 1.00 35.37  ? 372 HOH B O   1 
HETATM 1666 O O   . HOH E 5 .   ? 10.467  -8.447  15.196  1.00 32.90  ? 373 HOH B O   1 
HETATM 1667 O O   . HOH E 5 .   ? 19.340  2.292   8.063   1.00 31.67  ? 374 HOH B O   1 
HETATM 1668 O O   . HOH E 5 .   ? 10.047  -3.115  19.032  1.00 25.56  ? 375 HOH B O   1 
HETATM 1669 O O   . HOH E 5 .   ? 6.794   6.523   4.097   1.00 36.94  ? 376 HOH B O   1 
HETATM 1670 O O   . HOH E 5 .   ? -7.271  7.377   13.060  1.00 21.33  ? 377 HOH B O   1 
HETATM 1671 O O   . HOH E 5 .   ? -8.851  15.769  -8.094  1.00 34.91  ? 378 HOH B O   1 
HETATM 1672 O O   . HOH E 5 .   ? 0.939   -13.773 -11.775 1.00 32.16  ? 379 HOH B O   1 
HETATM 1673 O O   . HOH E 5 .   ? -6.957  9.074   5.126   1.00 16.04  ? 380 HOH B O   1 
HETATM 1674 O O   . HOH E 5 .   ? 8.401   -14.838 12.847  1.00 27.32  ? 381 HOH B O   1 
HETATM 1675 O O   . HOH E 5 .   ? 14.089  4.643   10.522  1.00 36.90  ? 382 HOH B O   1 
HETATM 1676 O O   . HOH E 5 .   ? 10.158  -5.431  -15.626 1.00 21.94  ? 383 HOH B O   1 
HETATM 1677 O O   . HOH E 5 .   ? 7.260   -2.194  23.114  0.50 24.46  ? 384 HOH B O   1 
HETATM 1678 O O   . HOH E 5 .   ? 9.799   1.826   -12.660 1.00 21.65  ? 385 HOH B O   1 
HETATM 1679 O O   . HOH E 5 .   ? -2.012  -1.970  -1.659  1.00 16.33  ? 386 HOH B O   1 
HETATM 1680 O O   . HOH E 5 .   ? 0.781   13.490  9.247   1.00 25.66  ? 387 HOH B O   1 
HETATM 1681 O O   . HOH E 5 .   ? 3.506   -13.096 12.737  1.00 30.90  ? 388 HOH B O   1 
HETATM 1682 O O   . HOH E 5 .   ? -16.850 5.190   -7.233  1.00 44.38  ? 389 HOH B O   1 
HETATM 1683 O O   . HOH E 5 .   ? 16.099  -12.241 14.253  1.00 32.50  ? 390 HOH B O   1 
HETATM 1684 O O   . HOH E 5 .   ? -6.553  -5.368  12.828  1.00 24.83  ? 391 HOH B O   1 
HETATM 1685 O O   . HOH E 5 .   ? 4.937   7.746   -14.992 1.00 27.19  ? 392 HOH B O   1 
HETATM 1686 O O   . HOH E 5 .   ? -9.392  -10.372 14.601  1.00 37.96  ? 393 HOH B O   1 
HETATM 1687 O O   . HOH E 5 .   ? -1.361  3.581   18.405  1.00 31.95  ? 394 HOH B O   1 
HETATM 1688 O O   . HOH E 5 .   ? -2.344  17.102  -1.862  1.00 26.79  ? 395 HOH B O   1 
HETATM 1689 O O   . HOH E 5 .   ? -4.346  6.812   19.825  1.00 27.10  ? 396 HOH B O   1 
HETATM 1690 O O   . HOH E 5 .   ? -0.488  -7.441  22.404  1.00 29.84  ? 397 HOH B O   1 
HETATM 1691 O O   . HOH E 5 .   ? -11.239 14.500  -6.070  1.00 28.64  ? 398 HOH B O   1 
HETATM 1692 O O   . HOH E 5 .   ? -11.320 7.483   -13.875 1.00 47.62  ? 399 HOH B O   1 
HETATM 1693 O O   . HOH E 5 .   ? -10.416 11.001  -13.834 1.00 29.93  ? 400 HOH B O   1 
HETATM 1694 O O   . HOH E 5 .   ? 6.416   5.435   7.832   1.00 32.13  ? 401 HOH B O   1 
HETATM 1695 O O   . HOH E 5 .   ? -7.088  13.378  -8.133  1.00 20.74  ? 402 HOH B O   1 
HETATM 1696 O O   . HOH E 5 .   ? -6.675  7.757   16.301  1.00 22.17  ? 403 HOH B O   1 
HETATM 1697 O O   . HOH E 5 .   ? -11.430 -10.736 11.115  1.00 31.94  ? 404 HOH B O   1 
HETATM 1698 O O   . HOH E 5 .   ? -8.782  -13.275 -6.421  1.00 39.81  ? 405 HOH B O   1 
HETATM 1699 O O   . HOH E 5 .   ? -8.486  -3.650  12.482  1.00 27.22  ? 406 HOH B O   1 
HETATM 1700 O O   . HOH E 5 .   ? 1.946   -15.547 -14.118 1.00 41.22  ? 407 HOH B O   1 
HETATM 1701 O O   . HOH E 5 .   ? -0.549  -15.345 4.231   1.00 40.83  ? 408 HOH B O   1 
HETATM 1702 O O   . HOH E 5 .   ? -0.113  -15.516 -5.200  1.00 30.92  ? 409 HOH B O   1 
HETATM 1703 O O   . HOH E 5 .   ? 4.844   -14.571 -9.025  1.00 30.64  ? 410 HOH B O   1 
HETATM 1704 O O   . HOH E 5 .   ? 13.193  -12.864 17.847  1.00 28.87  ? 411 HOH B O   1 
HETATM 1705 O O   . HOH E 5 .   ? 9.541   -5.638  12.998  1.00 20.00  ? 412 HOH B O   1 
HETATM 1706 O O   . HOH E 5 .   ? -13.470 -7.816  3.397   1.00 46.10  ? 413 HOH B O   1 
HETATM 1707 O O   . HOH E 5 .   ? 3.529   8.320   9.868   1.00 18.75  ? 414 HOH B O   1 
HETATM 1708 O O   . HOH E 5 .   ? -6.730  14.877  4.156   1.00 38.26  ? 415 HOH B O   1 
HETATM 1709 O O   . HOH E 5 .   ? 1.859   3.211   18.427  1.00 36.91  ? 416 HOH B O   1 
HETATM 1710 O O   . HOH E 5 .   ? -6.015  17.148  2.748   1.00 53.20  ? 417 HOH B O   1 
HETATM 1711 O O   . HOH E 5 .   ? 7.260   -0.357  -19.114 1.00 45.20  ? 418 HOH B O   1 
HETATM 1712 O O   . HOH E 5 .   ? 3.342   3.462   22.230  1.00 41.50  ? 419 HOH B O   1 
HETATM 1713 O O   . HOH E 5 .   ? -15.241 3.720   -8.426  1.00 48.05  ? 420 HOH B O   1 
HETATM 1714 O O   . HOH E 5 .   ? -5.179  14.832  6.439   1.00 39.33  ? 421 HOH B O   1 
HETATM 1715 O O   . HOH E 5 .   ? 15.550  -3.879  -3.835  1.00 46.36  ? 422 HOH B O   1 
HETATM 1716 O O   . HOH E 5 .   ? 9.779   4.256   -13.604 1.00 44.60  ? 423 HOH B O   1 
HETATM 1717 O O   . HOH E 5 .   ? 14.887  -14.314 0.812   1.00 46.78  ? 424 HOH B O   1 
HETATM 1718 O O   . HOH E 5 .   ? -11.992 -15.084 9.270   1.00 35.28  ? 425 HOH B O   1 
HETATM 1719 O O   . HOH E 5 .   ? -9.612  8.874   16.011  1.00 42.47  ? 426 HOH B O   1 
HETATM 1720 O O   . HOH E 5 .   ? 4.381   -16.455 18.480  1.00 45.07  ? 427 HOH B O   1 
HETATM 1721 O O   . HOH E 5 .   ? 0.580   -12.489 -21.116 1.00 37.89  ? 428 HOH B O   1 
HETATM 1722 O O   . HOH E 5 .   ? -14.190 -3.646  5.559   1.00 43.49  ? 429 HOH B O   1 
HETATM 1723 O O   . HOH E 5 .   ? -5.308  2.212   19.350  1.00 34.84  ? 430 HOH B O   1 
HETATM 1724 O O   . HOH E 5 .   ? 17.728  -9.761  6.828   1.00 40.01  ? 431 HOH B O   1 
HETATM 1725 O O   . HOH E 5 .   ? -3.270  4.363   -18.034 1.00 34.87  ? 432 HOH B O   1 
HETATM 1726 O O   . HOH E 5 .   ? 1.409   3.318   -20.823 1.00 45.96  ? 433 HOH B O   1 
HETATM 1727 O O   . HOH E 5 .   ? 8.487   9.380   -12.570 1.00 29.50  ? 434 HOH B O   1 
HETATM 1728 O O   . HOH E 5 .   ? 13.119  3.067   -15.087 1.00 35.26  ? 435 HOH B O   1 
HETATM 1729 O O   . HOH E 5 .   ? 8.391   7.167   8.347   1.00 30.73  ? 436 HOH B O   1 
# 
